data_3E7J
#
_entry.id   3E7J
#
_cell.length_a   51.951
_cell.length_b   162.210
_cell.length_c   93.838
_cell.angle_alpha   90.00
_cell.angle_beta   105.97
_cell.angle_gamma   90.00
#
_symmetry.space_group_name_H-M   'P 1 21 1'
#
loop_
_entity.id
_entity.type
_entity.pdbx_description
1 polymer 'Heparinase II protein'
2 branched '4-deoxy-alpha-L-threo-hex-4-enopyranuronic acid-(1-4)-2-acetamido-2-deoxy-beta-D-glucopyranose-(1-4)-alpha-D-glucopyranuronic acid-(1-4)-2-acetamido-2-deoxy-beta-D-glucopyranose'
3 non-polymer 'ZINC ION'
4 non-polymer 'ACETATE ION'
5 water water
#
_entity_poly.entity_id   1
_entity_poly.type   'polypeptide(L)'
_entity_poly.pdbx_seq_one_letter_code
;YSQTKADVVWKDVDGVSMPIPPKTHPRLYLREQQVPDLKNRMNDPKLKKVWADMIKMQEDWKPADIPEVKDFRFYFNQKG
LTVRVELMALNYLMTKDPKVGREAITSIIDTLETATFKPAGDISRGIGLFMVTGAIVYDWCYDQLKPEEKTRFVKAFVRL
AKMLECGYPPVKDKSIVGAASEWMIMRDLLSVGIAIYDEFPEMYNLAAGRFFKEHLVARNWFYPSHNYHQGMSALNVRFT
NDLFALWILDRMGAGNVFNPGQQFILYDAIYKRRPDGQILAGGDVDYSRKKPKYYTMPALLAGSYYKDEYLNYEFLKDPN
VEPHCKLFEFLWRDTQLGSRKPDDLPLSRYSGSPFGWMIARTGWGPESVIAEMKVNEYSFLNHQHQDAGAFQIYYKGPLA
IDAGSYTGSSGGYNSPHNKNFFKRTIAHNSLLIYDPKETFSSSGYGGSDHTDFAANDGGQRLPGKGWIAPRDLKEMLAGD
FRTGKILAQGFGPDNQTPDYTYLKGDITAAYSAKVKEVKRSFLFLNLKDAKVPAAMIVFDKVVASNPDFKKFWLLHSIEQ
PEIKGNQITIKRTKNGDSGMLVNTALLPDAANSNITSIGGKGKDFWVFGTNYTNDPKPGTDEALERGEWRVEITPKKAAA
EDYYLNVIQIADNTQQKLHEVKRIDGDKVVGVQLADRIVTFSKTSETVDRPFGFSVVGKGTFKFVMTDLLPGTWQVLKDG
KILYPALSAKGDDGALYFEGTEGTYRFLR
;
_entity_poly.pdbx_strand_id   A,B
#
loop_
_chem_comp.id
_chem_comp.type
_chem_comp.name
_chem_comp.formula
ACT non-polymer 'ACETATE ION' 'C2 H3 O2 -1'
GCD L-saccharide, alpha linking '4-deoxy-alpha-L-threo-hex-4-enopyranuronic acid' 'C6 H8 O6'
GCU D-saccharide, alpha linking 'alpha-D-glucopyranuronic acid' 'C6 H10 O7'
NAG D-saccharide, beta linking 2-acetamido-2-deoxy-beta-D-glucopyranose 'C8 H15 N O6'
ZN non-polymer 'ZINC ION' 'Zn 2'
#
# COMPACT_ATOMS: atom_id res chain seq x y z
N ASP A 7 -36.79 -15.34 3.67
CA ASP A 7 -36.46 -14.82 2.32
C ASP A 7 -36.77 -15.83 1.22
N VAL A 8 -36.44 -15.45 -0.02
CA VAL A 8 -36.75 -16.27 -1.19
C VAL A 8 -35.68 -17.34 -1.45
N VAL A 9 -35.98 -18.26 -2.38
CA VAL A 9 -35.02 -19.26 -2.79
C VAL A 9 -34.18 -18.75 -3.96
N TRP A 10 -32.88 -18.99 -3.90
CA TRP A 10 -31.98 -18.59 -4.96
C TRP A 10 -31.63 -19.79 -5.82
N LYS A 11 -31.79 -19.62 -7.13
CA LYS A 11 -31.61 -20.72 -8.04
C LYS A 11 -30.91 -20.27 -9.30
N ASP A 12 -30.21 -21.19 -9.93
CA ASP A 12 -29.29 -20.80 -10.97
C ASP A 12 -29.91 -20.94 -12.36
N VAL A 13 -30.23 -19.79 -12.94
CA VAL A 13 -31.00 -19.72 -14.19
C VAL A 13 -30.18 -19.16 -15.35
N ASP A 14 -29.94 -20.01 -16.34
CA ASP A 14 -29.13 -19.62 -17.49
C ASP A 14 -27.69 -19.31 -17.08
N GLY A 15 -27.20 -20.02 -16.06
CA GLY A 15 -25.81 -19.92 -15.64
C GLY A 15 -25.53 -18.80 -14.64
N VAL A 16 -26.56 -18.32 -13.96
CA VAL A 16 -26.35 -17.33 -12.90
C VAL A 16 -27.23 -17.58 -11.67
N SER A 17 -26.68 -17.25 -10.51
CA SER A 17 -27.44 -17.37 -9.27
C SER A 17 -28.38 -16.20 -9.14
N MET A 18 -29.65 -16.49 -8.93
CA MET A 18 -30.64 -15.41 -8.93
C MET A 18 -31.86 -15.79 -8.12
N PRO A 19 -32.45 -14.81 -7.44
CA PRO A 19 -33.54 -15.10 -6.53
C PRO A 19 -34.83 -15.38 -7.30
N ILE A 20 -35.64 -16.31 -6.80
CA ILE A 20 -36.91 -16.65 -7.41
C ILE A 20 -38.03 -15.94 -6.68
N PRO A 21 -38.93 -15.27 -7.42
CA PRO A 21 -40.07 -14.63 -6.79
C PRO A 21 -40.88 -15.64 -5.98
N PRO A 22 -41.25 -15.27 -4.75
CA PRO A 22 -41.98 -16.16 -3.84
C PRO A 22 -43.40 -16.42 -4.34
N LYS A 23 -43.92 -17.61 -4.06
CA LYS A 23 -45.28 -17.97 -4.43
C LYS A 23 -46.28 -17.31 -3.51
N THR A 24 -46.38 -15.98 -3.61
CA THR A 24 -47.24 -15.19 -2.75
C THR A 24 -47.46 -13.82 -3.37
N HIS A 25 -48.62 -13.25 -3.10
CA HIS A 25 -48.95 -11.90 -3.54
C HIS A 25 -49.51 -11.16 -2.36
N PRO A 26 -49.18 -9.86 -2.23
CA PRO A 26 -48.32 -9.11 -3.13
C PRO A 26 -46.86 -9.42 -2.91
N ARG A 27 -46.05 -9.17 -3.94
CA ARG A 27 -44.61 -9.31 -3.83
C ARG A 27 -43.93 -8.17 -4.57
N LEU A 28 -44.75 -7.26 -5.10
CA LEU A 28 -44.24 -6.11 -5.82
C LEU A 28 -44.25 -4.87 -4.93
N TYR A 29 -43.05 -4.41 -4.55
CA TYR A 29 -42.86 -3.21 -3.74
C TYR A 29 -43.17 -3.45 -2.25
N LEU A 30 -43.75 -4.60 -1.95
CA LEU A 30 -44.00 -4.97 -0.57
C LEU A 30 -44.60 -6.38 -0.47
N ARG A 31 -44.56 -6.95 0.73
CA ARG A 31 -45.14 -8.26 0.99
C ARG A 31 -46.27 -8.13 2.00
N GLU A 32 -46.99 -9.21 2.22
CA GLU A 32 -48.06 -9.23 3.21
C GLU A 32 -47.75 -8.45 4.49
N GLN A 33 -46.58 -8.70 5.06
CA GLN A 33 -46.25 -8.16 6.38
C GLN A 33 -46.24 -6.62 6.47
N GLN A 34 -45.94 -5.95 5.36
CA GLN A 34 -45.95 -4.49 5.37
C GLN A 34 -47.32 -3.89 5.10
N VAL A 35 -48.26 -4.73 4.66
CA VAL A 35 -49.60 -4.26 4.32
C VAL A 35 -50.32 -3.60 5.50
N PRO A 36 -50.25 -4.20 6.69
CA PRO A 36 -50.96 -3.57 7.82
C PRO A 36 -50.38 -2.20 8.18
N ASP A 37 -49.14 -1.93 7.76
CA ASP A 37 -48.49 -0.67 8.09
C ASP A 37 -48.99 0.48 7.22
N LEU A 38 -49.58 0.15 6.08
CA LEU A 38 -50.09 1.17 5.16
C LEU A 38 -51.10 2.10 5.83
N LYS A 39 -51.89 1.55 6.74
CA LYS A 39 -52.85 2.35 7.51
C LYS A 39 -52.13 3.41 8.33
N ASN A 40 -51.00 3.03 8.91
CA ASN A 40 -50.20 3.94 9.73
C ASN A 40 -49.51 4.99 8.88
N ARG A 41 -48.97 4.56 7.74
CA ARG A 41 -48.32 5.48 6.82
C ARG A 41 -49.33 6.50 6.29
N MET A 42 -50.57 6.05 6.11
CA MET A 42 -51.65 6.92 5.69
C MET A 42 -51.91 8.01 6.73
N ASN A 43 -51.83 7.64 8.01
CA ASN A 43 -52.05 8.59 9.11
C ASN A 43 -50.80 9.36 9.52
N ASP A 44 -49.69 9.09 8.86
CA ASP A 44 -48.43 9.78 9.14
C ASP A 44 -48.49 11.20 8.59
N PRO A 45 -48.38 12.21 9.47
CA PRO A 45 -48.38 13.60 9.03
C PRO A 45 -47.47 13.81 7.82
N LYS A 46 -46.20 13.48 7.99
CA LYS A 46 -45.22 13.64 6.91
C LYS A 46 -45.68 13.02 5.59
N LEU A 47 -46.51 11.98 5.65
CA LEU A 47 -46.87 11.24 4.44
C LEU A 47 -48.30 11.53 3.98
N LYS A 48 -48.87 12.61 4.50
CA LYS A 48 -50.25 12.98 4.16
C LYS A 48 -50.27 13.90 2.96
N LYS A 49 -49.31 14.81 2.91
CA LYS A 49 -49.18 15.74 1.80
C LYS A 49 -48.95 14.90 0.54
N VAL A 50 -48.05 13.93 0.63
CA VAL A 50 -47.77 13.05 -0.49
C VAL A 50 -49.01 12.24 -0.92
N TRP A 51 -49.87 11.90 0.04
CA TRP A 51 -51.10 11.17 -0.33
C TRP A 51 -52.12 12.12 -0.95
N ALA A 52 -52.18 13.33 -0.44
CA ALA A 52 -53.05 14.36 -0.99
C ALA A 52 -52.61 14.69 -2.41
N ASP A 53 -51.30 14.79 -2.62
CA ASP A 53 -50.74 14.99 -3.94
C ASP A 53 -51.27 13.93 -4.90
N MET A 54 -51.23 12.68 -4.47
CA MET A 54 -51.66 11.57 -5.31
C MET A 54 -53.15 11.63 -5.63
N ILE A 55 -53.94 12.15 -4.68
CA ILE A 55 -55.38 12.34 -4.90
C ILE A 55 -55.60 13.37 -6.02
N LYS A 56 -54.74 14.38 -6.03
CA LYS A 56 -54.85 15.46 -7.01
C LYS A 56 -54.39 15.01 -8.40
N MET A 57 -53.41 14.11 -8.44
CA MET A 57 -52.91 13.56 -9.69
C MET A 57 -53.99 12.76 -10.42
N GLN A 58 -55.00 12.32 -9.67
CA GLN A 58 -56.11 11.56 -10.25
C GLN A 58 -56.83 12.36 -11.33
N GLU A 59 -56.75 13.68 -11.25
CA GLU A 59 -57.36 14.55 -12.24
C GLU A 59 -56.64 14.45 -13.58
N ASP A 60 -57.42 14.36 -14.66
CA ASP A 60 -56.86 14.28 -15.99
C ASP A 60 -56.21 15.58 -16.41
N TRP A 61 -55.32 15.51 -17.39
CA TRP A 61 -54.76 16.70 -18.03
C TRP A 61 -55.87 17.60 -18.54
N LYS A 62 -55.60 18.90 -18.59
CA LYS A 62 -56.51 19.85 -19.21
C LYS A 62 -56.04 20.08 -20.64
N PRO A 63 -56.93 19.85 -21.61
CA PRO A 63 -56.60 19.94 -23.04
C PRO A 63 -55.71 21.14 -23.35
N ALA A 64 -55.93 22.25 -22.64
CA ALA A 64 -55.17 23.47 -22.86
C ALA A 64 -53.73 23.36 -22.36
N ASP A 65 -53.39 22.20 -21.80
CA ASP A 65 -52.06 22.01 -21.22
C ASP A 65 -51.36 20.79 -21.81
N ILE A 66 -52.11 19.97 -22.54
CA ILE A 66 -51.55 18.78 -23.15
C ILE A 66 -50.72 19.14 -24.36
N PRO A 67 -49.39 18.88 -24.29
CA PRO A 67 -48.45 19.19 -25.36
C PRO A 67 -48.75 18.34 -26.59
N GLU A 68 -48.32 18.78 -27.77
CA GLU A 68 -48.55 17.96 -28.97
C GLU A 68 -47.53 16.87 -29.11
N VAL A 69 -46.38 17.09 -28.50
CA VAL A 69 -45.39 16.04 -28.42
C VAL A 69 -45.39 15.60 -26.97
N LYS A 70 -45.95 14.42 -26.72
CA LYS A 70 -45.94 13.87 -25.40
C LYS A 70 -44.70 13.01 -25.23
N ASP A 71 -43.64 13.63 -24.71
CA ASP A 71 -42.39 12.95 -24.43
C ASP A 71 -42.43 12.41 -23.01
N PHE A 72 -41.28 11.99 -22.49
CA PHE A 72 -41.24 11.38 -21.16
C PHE A 72 -41.76 12.32 -20.06
N ARG A 73 -41.52 13.61 -20.20
CA ARG A 73 -42.01 14.59 -19.24
C ARG A 73 -43.53 14.58 -19.09
N PHE A 74 -44.24 14.26 -20.17
CA PHE A 74 -45.70 14.19 -20.14
C PHE A 74 -46.19 13.03 -19.30
N TYR A 75 -45.44 11.94 -19.31
CA TYR A 75 -45.84 10.74 -18.57
C TYR A 75 -45.33 10.76 -17.14
N PHE A 76 -44.10 11.22 -16.96
CA PHE A 76 -43.50 11.32 -15.64
C PHE A 76 -44.27 12.29 -14.75
N ASN A 77 -44.89 13.29 -15.38
CA ASN A 77 -45.85 14.15 -14.71
C ASN A 77 -47.21 13.45 -14.74
N GLN A 78 -47.25 12.28 -14.12
CA GLN A 78 -48.36 11.34 -14.25
C GLN A 78 -49.70 11.88 -13.73
N LYS A 79 -50.72 11.80 -14.58
CA LYS A 79 -52.06 12.26 -14.24
C LYS A 79 -53.15 11.33 -14.79
N GLY A 80 -54.32 11.37 -14.18
CA GLY A 80 -55.49 10.70 -14.73
C GLY A 80 -55.66 9.23 -14.42
N LEU A 81 -56.13 8.48 -15.42
CA LEU A 81 -56.52 7.08 -15.26
C LEU A 81 -55.50 6.20 -14.53
N THR A 82 -54.24 6.24 -14.97
CA THR A 82 -53.23 5.36 -14.39
C THR A 82 -53.03 5.61 -12.91
N VAL A 83 -53.09 6.87 -12.49
CA VAL A 83 -53.02 7.20 -11.08
C VAL A 83 -54.24 6.65 -10.34
N ARG A 84 -55.41 6.80 -10.94
CA ARG A 84 -56.64 6.32 -10.32
C ARG A 84 -56.61 4.81 -10.05
N VAL A 85 -56.19 4.02 -11.04
CA VAL A 85 -56.15 2.57 -10.87
C VAL A 85 -55.09 2.15 -9.85
N GLU A 86 -54.00 2.91 -9.77
CA GLU A 86 -52.96 2.61 -8.79
C GLU A 86 -53.50 2.80 -7.38
N LEU A 87 -54.32 3.81 -7.19
CA LEU A 87 -54.89 4.10 -5.87
C LEU A 87 -56.02 3.13 -5.52
N MET A 88 -56.64 2.57 -6.54
CA MET A 88 -57.67 1.55 -6.36
C MET A 88 -57.01 0.23 -5.92
N ALA A 89 -55.87 -0.10 -6.53
CA ALA A 89 -55.06 -1.24 -6.14
C ALA A 89 -54.56 -1.07 -4.70
N LEU A 90 -54.04 0.11 -4.39
CA LEU A 90 -53.62 0.44 -3.04
C LEU A 90 -54.75 0.30 -2.03
N ASN A 91 -55.94 0.79 -2.39
CA ASN A 91 -57.10 0.67 -1.51
C ASN A 91 -57.49 -0.78 -1.30
N TYR A 92 -57.42 -1.58 -2.36
CA TYR A 92 -57.71 -3.01 -2.25
C TYR A 92 -56.73 -3.69 -1.31
N LEU A 93 -55.45 -3.31 -1.39
CA LEU A 93 -54.45 -3.81 -0.46
C LEU A 93 -54.89 -3.57 0.98
N MET A 94 -55.48 -2.40 1.22
CA MET A 94 -55.75 -1.94 2.57
C MET A 94 -57.13 -2.34 3.11
N THR A 95 -58.00 -2.79 2.22
CA THR A 95 -59.36 -3.13 2.65
C THR A 95 -59.78 -4.52 2.17
N LYS A 96 -59.13 -4.99 1.10
CA LYS A 96 -59.48 -6.27 0.48
C LYS A 96 -60.96 -6.38 0.12
N ASP A 97 -61.59 -5.25 -0.19
CA ASP A 97 -62.95 -5.25 -0.71
C ASP A 97 -62.91 -5.76 -2.15
N PRO A 98 -63.46 -6.97 -2.37
CA PRO A 98 -63.39 -7.61 -3.68
C PRO A 98 -63.67 -6.68 -4.86
N LYS A 99 -64.72 -5.86 -4.77
CA LYS A 99 -65.11 -5.02 -5.91
C LYS A 99 -64.14 -3.89 -6.22
N VAL A 100 -63.34 -3.48 -5.23
CA VAL A 100 -62.29 -2.50 -5.48
C VAL A 100 -61.21 -3.10 -6.36
N GLY A 101 -60.84 -4.34 -6.06
CA GLY A 101 -59.86 -5.06 -6.87
C GLY A 101 -60.40 -5.25 -8.28
N ARG A 102 -61.70 -5.46 -8.39
CA ARG A 102 -62.33 -5.61 -9.69
C ARG A 102 -62.30 -4.30 -10.47
N GLU A 103 -62.62 -3.19 -9.82
CA GLU A 103 -62.58 -1.89 -10.48
C GLU A 103 -61.18 -1.62 -11.04
N ALA A 104 -60.17 -1.88 -10.22
CA ALA A 104 -58.79 -1.67 -10.65
C ALA A 104 -58.48 -2.47 -11.91
N ILE A 105 -58.78 -3.75 -11.88
CA ILE A 105 -58.48 -4.63 -13.00
C ILE A 105 -59.23 -4.23 -14.27
N THR A 106 -60.54 -4.02 -14.15
CA THR A 106 -61.38 -3.74 -15.31
C THR A 106 -61.13 -2.35 -15.90
N SER A 107 -60.64 -1.44 -15.06
CA SER A 107 -60.36 -0.07 -15.50
C SER A 107 -59.09 0.03 -16.33
N ILE A 108 -58.18 -0.92 -16.16
CA ILE A 108 -56.86 -0.82 -16.78
C ILE A 108 -56.65 -1.82 -17.92
N ILE A 109 -57.40 -2.92 -17.89
CA ILE A 109 -57.14 -4.04 -18.80
C ILE A 109 -57.23 -3.63 -20.28
N ASP A 110 -58.27 -2.88 -20.62
CA ASP A 110 -58.53 -2.48 -22.03
C ASP A 110 -57.37 -1.60 -22.51
N THR A 111 -57.11 -0.53 -21.75
CA THR A 111 -56.17 0.47 -22.16
C THR A 111 -54.81 -0.19 -22.30
N LEU A 112 -54.52 -1.11 -21.38
CA LEU A 112 -53.23 -1.78 -21.38
C LEU A 112 -53.04 -2.56 -22.68
N GLU A 113 -54.12 -3.16 -23.18
CA GLU A 113 -54.07 -3.96 -24.39
C GLU A 113 -53.89 -3.16 -25.66
N THR A 114 -54.37 -1.91 -25.66
CA THR A 114 -54.50 -1.15 -26.89
C THR A 114 -53.67 0.13 -26.92
N ALA A 115 -53.09 0.51 -25.79
CA ALA A 115 -52.30 1.73 -25.72
C ALA A 115 -51.26 1.82 -26.84
N THR A 116 -51.19 2.98 -27.49
CA THR A 116 -50.18 3.23 -28.51
C THR A 116 -49.37 4.46 -28.12
N PHE A 117 -48.11 4.51 -28.58
CA PHE A 117 -47.20 5.60 -28.19
C PHE A 117 -46.45 6.19 -29.39
N LYS A 118 -46.83 7.38 -29.80
CA LYS A 118 -46.13 8.09 -30.87
C LYS A 118 -44.67 8.32 -30.50
N PRO A 119 -43.76 8.12 -31.47
CA PRO A 119 -42.34 8.35 -31.27
C PRO A 119 -42.06 9.74 -30.70
N ALA A 120 -41.21 9.81 -29.68
CA ALA A 120 -40.85 11.08 -29.06
C ALA A 120 -39.70 10.87 -28.08
N GLY A 121 -39.18 11.97 -27.56
CA GLY A 121 -38.03 11.93 -26.65
C GLY A 121 -38.19 10.96 -25.50
N ASP A 122 -37.40 9.89 -25.53
CA ASP A 122 -37.37 8.88 -24.46
C ASP A 122 -38.74 8.25 -24.17
N ILE A 123 -39.53 8.07 -25.21
CA ILE A 123 -40.87 7.49 -25.07
C ILE A 123 -40.90 6.19 -24.27
N SER A 124 -39.81 5.43 -24.30
CA SER A 124 -39.72 4.18 -23.53
C SER A 124 -40.00 4.42 -22.06
N ARG A 125 -39.79 5.65 -21.61
CA ARG A 125 -40.04 6.02 -20.22
C ARG A 125 -41.53 6.09 -19.92
N GLY A 126 -42.29 6.59 -20.89
CA GLY A 126 -43.74 6.64 -20.77
C GLY A 126 -44.33 5.26 -20.88
N ILE A 127 -43.83 4.50 -21.85
CA ILE A 127 -44.27 3.12 -22.05
C ILE A 127 -44.04 2.30 -20.79
N GLY A 128 -42.81 2.35 -20.27
CA GLY A 128 -42.45 1.60 -19.06
C GLY A 128 -43.29 1.93 -17.85
N LEU A 129 -43.61 3.21 -17.69
CA LEU A 129 -44.46 3.67 -16.59
C LEU A 129 -45.87 3.08 -16.72
N PHE A 130 -46.33 2.93 -17.95
CA PHE A 130 -47.64 2.36 -18.22
C PHE A 130 -47.66 0.87 -17.83
N MET A 131 -46.52 0.21 -18.05
CA MET A 131 -46.36 -1.18 -17.67
C MET A 131 -46.34 -1.35 -16.15
N VAL A 132 -45.74 -0.39 -15.46
CA VAL A 132 -45.69 -0.42 -14.00
C VAL A 132 -47.10 -0.36 -13.40
N THR A 133 -47.94 0.51 -13.96
CA THR A 133 -49.32 0.59 -13.49
C THR A 133 -50.02 -0.75 -13.61
N GLY A 134 -49.82 -1.42 -14.75
CA GLY A 134 -50.36 -2.75 -14.98
C GLY A 134 -49.81 -3.76 -13.99
N ALA A 135 -48.51 -3.67 -13.71
CA ALA A 135 -47.86 -4.57 -12.76
C ALA A 135 -48.44 -4.43 -11.36
N ILE A 136 -48.63 -3.19 -10.94
CA ILE A 136 -49.19 -2.89 -9.62
C ILE A 136 -50.57 -3.54 -9.43
N VAL A 137 -51.43 -3.40 -10.43
CA VAL A 137 -52.76 -3.99 -10.38
C VAL A 137 -52.69 -5.51 -10.35
N TYR A 138 -51.94 -6.06 -11.30
CA TYR A 138 -51.79 -7.51 -11.43
C TYR A 138 -51.37 -8.15 -10.11
N ASP A 139 -50.33 -7.61 -9.50
CA ASP A 139 -49.81 -8.18 -8.26
C ASP A 139 -50.70 -7.90 -7.05
N TRP A 140 -51.05 -6.63 -6.86
CA TRP A 140 -51.82 -6.21 -5.69
C TRP A 140 -53.25 -6.72 -5.67
N CYS A 141 -53.81 -6.97 -6.86
CA CYS A 141 -55.18 -7.43 -6.98
C CYS A 141 -55.21 -8.84 -7.59
N TYR A 142 -54.13 -9.58 -7.38
CA TYR A 142 -53.95 -10.89 -8.02
C TYR A 142 -55.11 -11.88 -7.77
N ASP A 143 -55.56 -11.98 -6.52
CA ASP A 143 -56.60 -12.94 -6.19
C ASP A 143 -57.98 -12.55 -6.73
N GLN A 144 -58.05 -11.39 -7.37
CA GLN A 144 -59.27 -10.95 -8.02
C GLN A 144 -59.21 -11.20 -9.54
N LEU A 145 -58.04 -11.56 -10.04
CA LEU A 145 -57.86 -11.81 -11.47
C LEU A 145 -58.58 -13.07 -11.94
N LYS A 146 -59.35 -12.94 -13.01
CA LYS A 146 -59.93 -14.11 -13.68
C LYS A 146 -58.87 -14.78 -14.54
N PRO A 147 -59.00 -16.10 -14.75
CA PRO A 147 -58.00 -16.82 -15.54
C PRO A 147 -57.79 -16.20 -16.92
N GLU A 148 -58.87 -15.84 -17.62
CA GLU A 148 -58.68 -15.24 -18.93
C GLU A 148 -58.09 -13.82 -18.89
N GLU A 149 -58.34 -13.11 -17.80
CA GLU A 149 -57.75 -11.80 -17.61
C GLU A 149 -56.24 -11.92 -17.41
N LYS A 150 -55.82 -13.00 -16.77
CA LYS A 150 -54.39 -13.23 -16.57
C LYS A 150 -53.66 -13.35 -17.91
N THR A 151 -54.23 -14.14 -18.81
CA THR A 151 -53.65 -14.31 -20.14
C THR A 151 -53.62 -12.99 -20.91
N ARG A 152 -54.70 -12.23 -20.80
CA ARG A 152 -54.78 -10.93 -21.48
C ARG A 152 -53.70 -9.96 -20.99
N PHE A 153 -53.53 -9.89 -19.67
CA PHE A 153 -52.47 -9.06 -19.10
C PHE A 153 -51.12 -9.46 -19.66
N VAL A 154 -50.78 -10.74 -19.53
CA VAL A 154 -49.50 -11.25 -20.01
C VAL A 154 -49.23 -10.80 -21.45
N LYS A 155 -50.19 -11.05 -22.33
CA LYS A 155 -50.03 -10.66 -23.73
C LYS A 155 -49.78 -9.17 -23.88
N ALA A 156 -50.55 -8.37 -23.15
CA ALA A 156 -50.41 -6.91 -23.19
C ALA A 156 -49.02 -6.48 -22.70
N PHE A 157 -48.54 -7.12 -21.64
CA PHE A 157 -47.24 -6.80 -21.07
C PHE A 157 -46.11 -7.08 -22.06
N VAL A 158 -46.24 -8.18 -22.81
CA VAL A 158 -45.27 -8.53 -23.84
C VAL A 158 -45.30 -7.51 -24.99
N ARG A 159 -46.51 -7.16 -25.43
CA ARG A 159 -46.68 -6.18 -26.49
C ARG A 159 -45.97 -4.87 -26.14
N LEU A 160 -46.17 -4.40 -24.91
CA LEU A 160 -45.57 -3.16 -24.46
C LEU A 160 -44.05 -3.27 -24.33
N ALA A 161 -43.57 -4.40 -23.81
CA ALA A 161 -42.14 -4.60 -23.59
C ALA A 161 -41.36 -4.59 -24.90
N LYS A 162 -41.99 -5.06 -25.96
CA LYS A 162 -41.37 -5.07 -27.29
C LYS A 162 -41.12 -3.66 -27.81
N MET A 163 -41.78 -2.68 -27.22
CA MET A 163 -41.65 -1.29 -27.64
C MET A 163 -40.42 -0.60 -27.05
N LEU A 164 -39.90 -1.14 -25.95
CA LEU A 164 -38.79 -0.53 -25.24
C LEU A 164 -37.47 -0.54 -26.04
N GLU A 165 -36.61 0.44 -25.77
CA GLU A 165 -35.32 0.56 -26.45
C GLU A 165 -34.45 -0.68 -26.30
N CYS A 166 -34.53 -1.30 -25.12
CA CYS A 166 -33.78 -2.52 -24.84
C CYS A 166 -34.38 -3.71 -25.58
N GLY A 167 -35.59 -3.53 -26.07
CA GLY A 167 -36.28 -4.58 -26.83
C GLY A 167 -36.87 -5.64 -25.93
N TYR A 168 -37.45 -6.66 -26.54
CA TYR A 168 -37.87 -7.83 -25.77
C TYR A 168 -37.79 -9.08 -26.65
N PRO A 169 -36.84 -9.97 -26.33
CA PRO A 169 -35.99 -9.92 -25.13
C PRO A 169 -35.12 -8.68 -25.00
N PRO A 170 -34.79 -8.34 -23.76
CA PRO A 170 -34.02 -7.15 -23.44
C PRO A 170 -32.56 -7.32 -23.84
N VAL A 171 -32.31 -7.48 -25.15
CA VAL A 171 -30.97 -7.75 -25.65
C VAL A 171 -30.27 -6.55 -26.28
N LYS A 172 -30.84 -5.36 -26.12
CA LYS A 172 -30.30 -4.17 -26.79
C LYS A 172 -29.74 -3.14 -25.82
N ASP A 173 -28.92 -2.24 -26.36
CA ASP A 173 -28.31 -1.16 -25.59
C ASP A 173 -27.24 -1.66 -24.63
N LYS A 174 -26.96 -0.89 -23.58
CA LYS A 174 -25.83 -1.16 -22.69
C LYS A 174 -26.27 -1.39 -21.25
N SER A 175 -25.39 -2.03 -20.47
CA SER A 175 -25.75 -2.43 -19.11
C SER A 175 -25.03 -1.64 -18.01
N ILE A 176 -24.04 -0.85 -18.38
CA ILE A 176 -23.39 0.02 -17.39
C ILE A 176 -23.83 1.48 -17.58
N VAL A 177 -24.10 1.84 -18.83
CA VAL A 177 -24.59 3.18 -19.15
C VAL A 177 -25.75 3.09 -20.15
N GLY A 178 -26.14 4.22 -20.73
CA GLY A 178 -27.17 4.23 -21.75
C GLY A 178 -28.58 4.08 -21.22
N ALA A 179 -29.55 4.04 -22.14
CA ALA A 179 -30.96 3.98 -21.81
C ALA A 179 -31.34 2.73 -21.00
N ALA A 180 -30.62 1.63 -21.22
CA ALA A 180 -30.92 0.37 -20.53
C ALA A 180 -30.38 0.35 -19.11
N SER A 181 -29.64 1.39 -18.73
CA SER A 181 -29.20 1.57 -17.36
C SER A 181 -30.10 2.59 -16.67
N GLU A 182 -31.30 2.77 -17.21
CA GLU A 182 -32.27 3.68 -16.63
C GLU A 182 -33.51 2.95 -16.11
N TRP A 183 -34.70 3.40 -16.49
CA TRP A 183 -35.95 2.87 -15.93
C TRP A 183 -36.37 1.52 -16.50
N MET A 184 -36.02 1.26 -17.77
CA MET A 184 -36.65 0.18 -18.53
C MET A 184 -36.44 -1.25 -18.00
N ILE A 185 -35.24 -1.56 -17.55
CA ILE A 185 -34.97 -2.88 -17.01
C ILE A 185 -35.05 -2.87 -15.48
N MET A 186 -34.31 -1.96 -14.86
CA MET A 186 -34.15 -1.99 -13.41
C MET A 186 -35.41 -1.63 -12.64
N ARG A 187 -36.34 -0.91 -13.29
CA ARG A 187 -37.64 -0.67 -12.67
C ARG A 187 -38.78 -1.37 -13.42
N ASP A 188 -38.93 -1.06 -14.70
CA ASP A 188 -40.13 -1.41 -15.45
C ASP A 188 -40.27 -2.90 -15.79
N LEU A 189 -39.33 -3.43 -16.56
CA LEU A 189 -39.36 -4.85 -16.91
C LEU A 189 -39.29 -5.73 -15.67
N LEU A 190 -38.42 -5.35 -14.74
CA LEU A 190 -38.27 -6.08 -13.49
C LEU A 190 -39.59 -6.15 -12.74
N SER A 191 -40.26 -5.01 -12.60
CA SER A 191 -41.54 -4.92 -11.91
C SER A 191 -42.59 -5.85 -12.52
N VAL A 192 -42.71 -5.81 -13.84
CA VAL A 192 -43.69 -6.65 -14.52
C VAL A 192 -43.33 -8.12 -14.40
N GLY A 193 -42.05 -8.43 -14.59
CA GLY A 193 -41.56 -9.80 -14.46
C GLY A 193 -41.99 -10.42 -13.15
N ILE A 194 -41.70 -9.74 -12.04
CA ILE A 194 -42.09 -10.19 -10.71
C ILE A 194 -43.59 -10.44 -10.60
N ALA A 195 -44.38 -9.48 -11.10
CA ALA A 195 -45.83 -9.55 -10.99
C ALA A 195 -46.42 -10.79 -11.68
N ILE A 196 -45.93 -11.09 -12.89
CA ILE A 196 -46.54 -12.12 -13.70
C ILE A 196 -45.74 -13.43 -13.72
N TYR A 197 -44.81 -13.56 -12.78
CA TYR A 197 -43.89 -14.69 -12.75
C TYR A 197 -44.58 -16.06 -12.77
N ASP A 198 -45.65 -16.21 -12.01
CA ASP A 198 -46.33 -17.50 -11.88
C ASP A 198 -47.00 -17.95 -13.17
N GLU A 199 -47.42 -16.99 -14.00
CA GLU A 199 -48.08 -17.32 -15.25
C GLU A 199 -47.12 -17.25 -16.44
N PHE A 200 -46.13 -16.37 -16.36
CA PHE A 200 -45.20 -16.14 -17.45
C PHE A 200 -43.83 -15.76 -16.93
N PRO A 201 -43.07 -16.75 -16.45
CA PRO A 201 -41.78 -16.53 -15.80
C PRO A 201 -40.69 -16.03 -16.75
N GLU A 202 -40.91 -16.16 -18.05
CA GLU A 202 -39.90 -15.76 -19.04
C GLU A 202 -39.44 -14.32 -18.86
N MET A 203 -40.38 -13.40 -18.67
CA MET A 203 -40.05 -11.98 -18.57
C MET A 203 -39.11 -11.70 -17.40
N TYR A 204 -39.40 -12.25 -16.23
CA TYR A 204 -38.51 -12.09 -15.09
C TYR A 204 -37.17 -12.77 -15.38
N ASN A 205 -37.23 -14.03 -15.80
CA ASN A 205 -36.03 -14.78 -16.14
C ASN A 205 -35.10 -14.02 -17.07
N LEU A 206 -35.69 -13.28 -18.01
CA LEU A 206 -34.91 -12.53 -19.00
C LEU A 206 -34.41 -11.20 -18.47
N ALA A 207 -35.31 -10.44 -17.83
CA ALA A 207 -34.98 -9.11 -17.34
C ALA A 207 -34.05 -9.16 -16.13
N ALA A 208 -34.43 -9.93 -15.11
CA ALA A 208 -33.57 -10.12 -13.95
C ALA A 208 -32.29 -10.85 -14.35
N GLY A 209 -32.41 -11.72 -15.35
CA GLY A 209 -31.28 -12.40 -15.94
C GLY A 209 -30.19 -11.45 -16.34
N ARG A 210 -30.57 -10.44 -17.10
CA ARG A 210 -29.59 -9.48 -17.58
C ARG A 210 -29.09 -8.60 -16.45
N PHE A 211 -29.99 -8.21 -15.54
CA PHE A 211 -29.59 -7.41 -14.40
C PHE A 211 -28.51 -8.12 -13.59
N PHE A 212 -28.78 -9.36 -13.22
CA PHE A 212 -27.86 -10.11 -12.37
C PHE A 212 -26.57 -10.49 -13.09
N LYS A 213 -26.68 -10.82 -14.37
CA LYS A 213 -25.52 -11.21 -15.16
C LYS A 213 -24.63 -10.02 -15.53
N GLU A 214 -25.24 -8.87 -15.78
CA GLU A 214 -24.51 -7.72 -16.31
C GLU A 214 -24.56 -6.50 -15.40
N HIS A 215 -25.75 -5.90 -15.27
CA HIS A 215 -25.92 -4.68 -14.48
C HIS A 215 -25.30 -4.76 -13.08
N LEU A 216 -25.71 -5.76 -12.32
CA LEU A 216 -25.26 -5.94 -10.94
C LEU A 216 -23.74 -6.13 -10.86
N VAL A 217 -23.22 -6.98 -11.75
CA VAL A 217 -21.79 -7.26 -11.76
C VAL A 217 -20.96 -6.00 -11.96
N ALA A 218 -21.35 -5.19 -12.94
CA ALA A 218 -20.63 -3.95 -13.24
C ALA A 218 -20.72 -2.92 -12.11
N ARG A 219 -21.89 -2.81 -11.50
CA ARG A 219 -22.07 -1.85 -10.42
C ARG A 219 -21.35 -2.26 -9.14
N ASN A 220 -21.40 -3.56 -8.82
CA ASN A 220 -20.71 -4.06 -7.64
C ASN A 220 -19.20 -3.95 -7.79
N TRP A 221 -18.76 -3.80 -9.04
CA TRP A 221 -17.34 -3.68 -9.35
C TRP A 221 -16.76 -2.32 -8.94
N PHE A 222 -17.53 -1.25 -9.14
CA PHE A 222 -17.04 0.10 -8.83
C PHE A 222 -17.65 0.73 -7.58
N TYR A 223 -18.69 0.09 -7.04
CA TYR A 223 -19.38 0.58 -5.85
C TYR A 223 -18.44 0.82 -4.66
N PRO A 224 -17.51 -0.11 -4.40
CA PRO A 224 -16.59 -0.02 -3.27
C PRO A 224 -15.86 1.32 -3.17
N SER A 225 -15.74 2.04 -4.28
CA SER A 225 -15.05 3.34 -4.27
C SER A 225 -16.01 4.52 -4.18
N HIS A 226 -17.27 4.21 -3.88
CA HIS A 226 -18.29 5.20 -3.51
C HIS A 226 -18.39 6.37 -4.47
N ASN A 227 -18.53 6.09 -5.75
CA ASN A 227 -18.73 7.16 -6.73
C ASN A 227 -19.43 6.65 -7.97
N TYR A 228 -19.77 7.57 -8.87
CA TYR A 228 -20.41 7.21 -10.13
C TYR A 228 -19.71 7.93 -11.28
N HIS A 229 -19.96 7.47 -12.50
CA HIS A 229 -19.10 7.79 -13.63
C HIS A 229 -19.77 8.60 -14.75
N GLN A 230 -21.01 9.02 -14.56
CA GLN A 230 -21.77 9.65 -15.64
C GLN A 230 -21.93 11.16 -15.49
N GLY A 231 -21.23 11.77 -14.55
CA GLY A 231 -21.29 13.21 -14.37
C GLY A 231 -22.32 13.61 -13.32
N MET A 232 -22.38 14.90 -13.01
CA MET A 232 -23.15 15.35 -11.85
C MET A 232 -24.65 15.51 -12.10
N SER A 233 -25.10 15.29 -13.34
CA SER A 233 -26.52 15.32 -13.65
C SER A 233 -27.10 13.92 -13.86
N ALA A 234 -26.47 13.16 -14.75
CA ALA A 234 -26.95 11.82 -15.05
C ALA A 234 -26.95 10.95 -13.80
N LEU A 235 -26.23 11.41 -12.78
CA LEU A 235 -26.24 10.77 -11.46
C LEU A 235 -27.68 10.54 -10.98
N ASN A 236 -28.53 11.55 -11.16
CA ASN A 236 -29.94 11.43 -10.77
C ASN A 236 -30.63 10.22 -11.38
N VAL A 237 -30.86 10.25 -12.68
CA VAL A 237 -31.61 9.18 -13.34
C VAL A 237 -30.90 7.84 -13.22
N ARG A 238 -29.60 7.82 -13.48
CA ARG A 238 -28.85 6.58 -13.50
C ARG A 238 -28.82 5.92 -12.12
N PHE A 239 -28.42 6.68 -11.11
CA PHE A 239 -28.32 6.11 -9.78
C PHE A 239 -29.70 5.82 -9.18
N THR A 240 -30.67 6.68 -9.46
CA THR A 240 -32.04 6.45 -8.99
C THR A 240 -32.49 5.05 -9.35
N ASN A 241 -32.17 4.62 -10.57
CA ASN A 241 -32.59 3.32 -11.04
C ASN A 241 -31.87 2.13 -10.41
N ASP A 242 -30.57 2.28 -10.15
CA ASP A 242 -29.86 1.31 -9.33
C ASP A 242 -30.64 1.12 -8.03
N LEU A 243 -31.11 2.23 -7.47
CA LEU A 243 -31.80 2.22 -6.18
C LEU A 243 -33.21 1.63 -6.27
N PHE A 244 -33.83 1.72 -7.45
CA PHE A 244 -35.10 1.05 -7.67
C PHE A 244 -34.94 -0.47 -7.63
N ALA A 245 -33.95 -0.99 -8.36
CA ALA A 245 -33.68 -2.43 -8.32
C ALA A 245 -33.40 -2.89 -6.89
N LEU A 246 -32.64 -2.06 -6.18
CA LEU A 246 -32.37 -2.25 -4.77
C LEU A 246 -33.65 -2.48 -4.00
N TRP A 247 -34.55 -1.51 -4.08
CA TRP A 247 -35.81 -1.57 -3.33
C TRP A 247 -36.75 -2.69 -3.77
N ILE A 248 -36.85 -2.88 -5.09
CA ILE A 248 -37.76 -3.87 -5.66
C ILE A 248 -37.40 -5.30 -5.26
N LEU A 249 -36.14 -5.65 -5.41
CA LEU A 249 -35.69 -7.00 -5.07
C LEU A 249 -35.67 -7.23 -3.56
N ASP A 250 -35.31 -6.19 -2.80
CA ASP A 250 -35.37 -6.28 -1.35
C ASP A 250 -36.78 -6.55 -0.87
N ARG A 251 -37.71 -5.71 -1.32
CA ARG A 251 -39.12 -5.86 -0.96
C ARG A 251 -39.72 -7.16 -1.48
N MET A 252 -39.16 -7.70 -2.56
CA MET A 252 -39.59 -9.00 -3.06
C MET A 252 -39.23 -10.09 -2.06
N GLY A 253 -38.13 -9.89 -1.35
CA GLY A 253 -37.69 -10.85 -0.33
C GLY A 253 -36.28 -11.38 -0.55
N ALA A 254 -35.51 -10.70 -1.39
CA ALA A 254 -34.17 -11.17 -1.75
C ALA A 254 -33.07 -10.44 -1.01
N GLY A 255 -33.45 -9.60 -0.05
CA GLY A 255 -32.48 -8.81 0.71
C GLY A 255 -31.81 -7.79 -0.17
N ASN A 256 -30.60 -7.38 0.22
CA ASN A 256 -29.81 -6.42 -0.55
C ASN A 256 -28.89 -7.15 -1.52
N VAL A 257 -29.08 -6.91 -2.82
CA VAL A 257 -28.29 -7.59 -3.84
C VAL A 257 -27.06 -6.80 -4.24
N PHE A 258 -27.02 -5.52 -3.88
CA PHE A 258 -25.89 -4.66 -4.22
C PHE A 258 -24.80 -4.70 -3.16
N ASN A 259 -23.58 -4.39 -3.59
CA ASN A 259 -22.52 -4.10 -2.64
C ASN A 259 -22.99 -2.95 -1.76
N PRO A 260 -22.96 -3.15 -0.43
CA PRO A 260 -23.42 -2.16 0.55
C PRO A 260 -22.72 -0.82 0.40
N GLY A 261 -21.56 -0.81 -0.25
CA GLY A 261 -20.85 0.42 -0.54
C GLY A 261 -21.75 1.40 -1.26
N GLN A 262 -22.85 0.88 -1.80
CA GLN A 262 -23.84 1.69 -2.51
C GLN A 262 -24.30 2.89 -1.68
N GLN A 263 -24.29 2.74 -0.36
CA GLN A 263 -24.77 3.77 0.55
C GLN A 263 -24.02 5.10 0.42
N PHE A 264 -22.74 5.04 0.08
CA PHE A 264 -21.88 6.21 0.19
C PHE A 264 -21.60 6.90 -1.13
N ILE A 265 -22.19 6.38 -2.20
CA ILE A 265 -22.01 6.96 -3.52
C ILE A 265 -22.46 8.42 -3.57
N LEU A 266 -23.61 8.70 -2.98
CA LEU A 266 -24.19 10.03 -3.03
C LEU A 266 -23.42 11.04 -2.16
N TYR A 267 -22.57 10.55 -1.28
CA TYR A 267 -21.71 11.42 -0.49
C TYR A 267 -20.91 12.35 -1.41
N ASP A 268 -20.60 11.84 -2.60
CA ASP A 268 -19.85 12.61 -3.59
C ASP A 268 -20.58 13.89 -3.95
N ALA A 269 -21.88 13.78 -4.19
CA ALA A 269 -22.70 14.94 -4.52
C ALA A 269 -22.67 15.94 -3.37
N ILE A 270 -22.70 15.43 -2.14
CA ILE A 270 -22.60 16.28 -0.96
C ILE A 270 -21.28 17.04 -0.91
N TYR A 271 -20.17 16.37 -1.23
CA TYR A 271 -18.87 17.02 -1.23
C TYR A 271 -18.74 18.08 -2.32
N LYS A 272 -19.51 17.91 -3.40
CA LYS A 272 -19.43 18.81 -4.54
C LYS A 272 -20.42 19.98 -4.51
N ARG A 273 -21.24 20.06 -3.47
CA ARG A 273 -22.22 21.15 -3.35
C ARG A 273 -21.54 22.48 -3.07
N ARG A 274 -21.85 23.49 -3.88
CA ARG A 274 -21.31 24.84 -3.69
C ARG A 274 -22.21 25.61 -2.73
N PRO A 275 -21.74 26.78 -2.28
CA PRO A 275 -22.51 27.63 -1.37
C PRO A 275 -23.62 28.39 -2.10
N ASP A 276 -23.67 28.25 -3.42
CA ASP A 276 -24.66 28.96 -4.22
C ASP A 276 -25.80 28.04 -4.67
N GLY A 277 -25.84 26.83 -4.13
CA GLY A 277 -26.91 25.88 -4.41
C GLY A 277 -26.63 24.95 -5.58
N GLN A 278 -25.58 25.24 -6.33
CA GLN A 278 -25.22 24.41 -7.48
C GLN A 278 -24.19 23.35 -7.13
N ILE A 279 -23.89 22.46 -8.08
CA ILE A 279 -22.92 21.39 -7.87
C ILE A 279 -21.70 21.61 -8.75
N LEU A 280 -20.54 21.14 -8.29
CA LEU A 280 -19.33 21.20 -9.08
C LEU A 280 -19.58 20.44 -10.38
N ALA A 281 -18.98 20.92 -11.48
CA ALA A 281 -19.21 20.30 -12.79
C ALA A 281 -18.54 18.93 -12.90
N GLY A 282 -18.86 18.21 -13.97
CA GLY A 282 -18.28 16.89 -14.19
C GLY A 282 -19.17 16.09 -15.13
N GLY A 283 -18.62 15.71 -16.28
CA GLY A 283 -19.40 14.99 -17.29
C GLY A 283 -20.44 15.88 -17.93
N ASP A 284 -21.43 15.28 -18.58
CA ASP A 284 -22.47 16.05 -19.25
C ASP A 284 -23.30 16.84 -18.25
N VAL A 285 -23.15 18.16 -18.27
CA VAL A 285 -23.90 19.03 -17.38
C VAL A 285 -24.21 20.38 -18.03
N ASP A 286 -25.31 20.98 -17.60
CA ASP A 286 -25.65 22.35 -17.96
C ASP A 286 -25.59 23.20 -16.70
N TYR A 287 -25.81 24.50 -16.84
CA TYR A 287 -25.66 25.41 -15.72
C TYR A 287 -26.85 26.35 -15.53
N SER A 288 -27.12 26.68 -14.28
CA SER A 288 -28.18 27.62 -13.93
C SER A 288 -27.82 28.30 -12.62
N ARG A 289 -28.40 29.46 -12.38
CA ARG A 289 -28.21 30.15 -11.11
C ARG A 289 -29.56 30.54 -10.53
N LYS A 290 -30.63 29.96 -11.08
CA LYS A 290 -31.99 30.32 -10.69
C LYS A 290 -32.55 29.45 -9.56
N LYS A 291 -32.24 28.17 -9.56
CA LYS A 291 -32.73 27.26 -8.53
C LYS A 291 -31.64 26.27 -8.14
N PRO A 292 -31.53 25.99 -6.84
CA PRO A 292 -30.56 25.01 -6.36
C PRO A 292 -30.71 23.67 -7.07
N LYS A 293 -29.64 22.88 -7.10
CA LYS A 293 -29.65 21.56 -7.70
C LYS A 293 -29.92 20.51 -6.62
N TYR A 294 -30.79 19.55 -6.93
CA TYR A 294 -31.17 18.54 -5.95
C TYR A 294 -31.05 17.10 -6.46
N TYR A 295 -30.75 16.19 -5.55
CA TYR A 295 -30.73 14.77 -5.84
C TYR A 295 -31.79 14.09 -4.98
N THR A 296 -33.01 14.56 -5.16
CA THR A 296 -34.13 14.20 -4.30
C THR A 296 -34.41 12.70 -4.23
N MET A 297 -34.62 12.08 -5.39
CA MET A 297 -35.00 10.66 -5.42
C MET A 297 -33.89 9.74 -4.94
N PRO A 298 -32.65 9.94 -5.45
CA PRO A 298 -31.58 9.10 -4.92
C PRO A 298 -31.41 9.28 -3.42
N ALA A 299 -31.61 10.50 -2.93
CA ALA A 299 -31.46 10.78 -1.50
C ALA A 299 -32.57 10.08 -0.73
N LEU A 300 -33.77 10.08 -1.30
CA LEU A 300 -34.90 9.40 -0.69
C LEU A 300 -34.64 7.91 -0.56
N LEU A 301 -34.38 7.26 -1.69
CA LEU A 301 -34.24 5.79 -1.71
C LEU A 301 -33.01 5.30 -0.95
N ALA A 302 -31.86 5.93 -1.19
CA ALA A 302 -30.63 5.53 -0.52
C ALA A 302 -30.67 5.86 0.97
N GLY A 303 -31.13 7.06 1.30
CA GLY A 303 -31.21 7.49 2.69
C GLY A 303 -32.17 6.64 3.51
N SER A 304 -33.34 6.36 2.96
CA SER A 304 -34.36 5.60 3.66
C SER A 304 -34.06 4.10 3.74
N TYR A 305 -33.35 3.57 2.75
CA TYR A 305 -32.98 2.17 2.81
C TYR A 305 -31.83 1.93 3.76
N TYR A 306 -30.77 2.72 3.62
CA TYR A 306 -29.56 2.54 4.43
C TYR A 306 -29.62 3.29 5.76
N LYS A 307 -30.73 3.97 6.00
CA LYS A 307 -30.90 4.75 7.22
C LYS A 307 -29.76 5.74 7.42
N ASP A 308 -29.46 6.48 6.35
CA ASP A 308 -28.37 7.45 6.39
C ASP A 308 -28.88 8.88 6.58
N GLU A 309 -28.49 9.50 7.68
CA GLU A 309 -28.97 10.85 8.02
C GLU A 309 -28.41 11.94 7.11
N TYR A 310 -27.19 11.74 6.61
CA TYR A 310 -26.59 12.68 5.69
C TYR A 310 -27.37 12.75 4.38
N LEU A 311 -27.78 11.59 3.89
CA LEU A 311 -28.53 11.53 2.63
C LEU A 311 -29.97 11.98 2.84
N ASN A 312 -30.54 11.67 3.99
CA ASN A 312 -31.89 12.13 4.29
C ASN A 312 -31.92 13.66 4.37
N TYR A 313 -30.86 14.25 4.91
CA TYR A 313 -30.73 15.70 4.94
C TYR A 313 -30.79 16.24 3.52
N GLU A 314 -30.08 15.56 2.63
CA GLU A 314 -30.07 15.93 1.22
C GLU A 314 -31.50 15.91 0.65
N PHE A 315 -32.25 14.84 0.93
CA PHE A 315 -33.62 14.73 0.45
C PHE A 315 -34.49 15.85 1.01
N LEU A 316 -34.34 16.13 2.30
CA LEU A 316 -35.23 17.08 2.96
C LEU A 316 -35.07 18.52 2.49
N LYS A 317 -33.98 18.82 1.78
CA LYS A 317 -33.78 20.16 1.23
C LYS A 317 -34.91 20.50 0.26
N ASP A 318 -35.37 19.49 -0.46
CA ASP A 318 -36.50 19.64 -1.38
C ASP A 318 -37.22 18.30 -1.49
N PRO A 319 -38.07 18.00 -0.50
CA PRO A 319 -38.77 16.73 -0.40
C PRO A 319 -39.94 16.66 -1.37
N ASN A 320 -39.66 16.87 -2.65
CA ASN A 320 -40.70 16.96 -3.67
C ASN A 320 -40.38 16.08 -4.85
N VAL A 321 -40.99 14.92 -4.86
CA VAL A 321 -40.67 13.88 -5.80
C VAL A 321 -41.49 14.08 -7.08
N GLU A 322 -40.93 13.69 -8.22
CA GLU A 322 -41.67 13.72 -9.47
C GLU A 322 -42.97 12.94 -9.26
N PRO A 323 -44.07 13.40 -9.89
CA PRO A 323 -45.38 12.79 -9.69
C PRO A 323 -45.36 11.26 -9.78
N HIS A 324 -44.71 10.72 -10.81
CA HIS A 324 -44.70 9.27 -11.04
C HIS A 324 -43.94 8.50 -9.95
N CYS A 325 -43.23 9.22 -9.09
CA CYS A 325 -42.51 8.57 -8.00
C CYS A 325 -43.14 8.81 -6.62
N LYS A 326 -44.24 9.54 -6.59
CA LYS A 326 -44.96 9.83 -5.35
C LYS A 326 -45.37 8.55 -4.61
N LEU A 327 -45.82 7.55 -5.36
CA LEU A 327 -46.28 6.31 -4.76
C LEU A 327 -45.16 5.60 -4.01
N PHE A 328 -43.96 5.62 -4.60
CA PHE A 328 -42.79 4.99 -3.99
C PHE A 328 -42.30 5.72 -2.74
N GLU A 329 -42.44 7.04 -2.72
CA GLU A 329 -42.15 7.76 -1.48
C GLU A 329 -43.14 7.32 -0.41
N PHE A 330 -44.41 7.23 -0.78
CA PHE A 330 -45.44 6.83 0.17
C PHE A 330 -45.18 5.43 0.68
N LEU A 331 -44.73 4.55 -0.21
CA LEU A 331 -44.46 3.17 0.16
C LEU A 331 -43.19 2.98 0.97
N TRP A 332 -42.13 3.71 0.60
CA TRP A 332 -40.77 3.40 1.07
C TRP A 332 -40.10 4.43 1.99
N ARG A 333 -40.55 5.68 1.95
CA ARG A 333 -39.89 6.74 2.72
C ARG A 333 -39.88 6.48 4.23
N ASP A 334 -38.73 6.73 4.84
CA ASP A 334 -38.58 6.63 6.29
C ASP A 334 -38.74 8.02 6.90
N THR A 335 -39.90 8.29 7.50
CA THR A 335 -40.23 9.62 7.99
C THR A 335 -39.74 9.86 9.41
N GLN A 336 -39.13 8.85 10.01
CA GLN A 336 -38.66 8.97 11.39
C GLN A 336 -37.14 9.09 11.42
N LEU A 337 -36.52 8.83 10.27
CA LEU A 337 -35.08 8.93 10.12
C LEU A 337 -34.60 10.34 10.43
N GLY A 338 -33.48 10.43 11.12
CA GLY A 338 -32.88 11.71 11.47
C GLY A 338 -32.23 12.37 10.26
N SER A 339 -31.52 13.46 10.51
CA SER A 339 -30.99 14.29 9.43
C SER A 339 -29.73 15.03 9.88
N ARG A 340 -28.73 15.07 9.01
CA ARG A 340 -27.42 15.66 9.35
C ARG A 340 -26.86 16.61 8.31
N LYS A 341 -26.47 17.81 8.73
CA LYS A 341 -25.65 18.68 7.89
C LYS A 341 -24.30 18.01 7.66
N PRO A 342 -23.64 18.34 6.55
CA PRO A 342 -22.35 17.74 6.21
C PRO A 342 -21.16 18.35 6.96
N ASP A 343 -21.44 19.35 7.80
CA ASP A 343 -20.40 20.15 8.45
C ASP A 343 -19.36 19.36 9.24
N ASP A 344 -19.74 18.20 9.77
CA ASP A 344 -18.81 17.42 10.59
C ASP A 344 -18.01 16.41 9.79
N LEU A 345 -18.25 16.38 8.49
CA LEU A 345 -17.55 15.47 7.60
C LEU A 345 -16.14 15.94 7.30
N PRO A 346 -15.19 15.00 7.21
CA PRO A 346 -13.79 15.34 6.88
C PRO A 346 -13.72 16.16 5.60
N LEU A 347 -12.74 17.05 5.52
CA LEU A 347 -12.67 18.01 4.41
C LEU A 347 -12.24 17.43 3.06
N SER A 348 -11.65 16.23 3.05
CA SER A 348 -11.30 15.56 1.81
C SER A 348 -11.85 14.14 1.77
N ARG A 349 -12.20 13.68 0.58
CA ARG A 349 -12.66 12.31 0.39
C ARG A 349 -12.03 11.69 -0.87
N TYR A 350 -11.56 10.45 -0.73
CA TYR A 350 -10.91 9.76 -1.83
C TYR A 350 -11.79 8.69 -2.45
N SER A 351 -11.81 8.66 -3.78
CA SER A 351 -12.52 7.60 -4.48
C SER A 351 -11.52 6.78 -5.28
N GLY A 352 -11.33 5.52 -4.89
CA GLY A 352 -10.32 4.67 -5.52
C GLY A 352 -10.70 4.07 -6.85
N SER A 353 -10.11 2.91 -7.15
CA SER A 353 -10.37 2.19 -8.40
C SER A 353 -11.84 1.88 -8.59
N PRO A 354 -12.34 2.03 -9.83
CA PRO A 354 -11.59 2.41 -11.04
C PRO A 354 -11.56 3.90 -11.30
N PHE A 355 -11.77 4.71 -10.26
CA PHE A 355 -11.83 6.14 -10.41
C PHE A 355 -10.48 6.81 -10.16
N GLY A 356 -10.09 6.89 -8.89
CA GLY A 356 -8.88 7.60 -8.51
C GLY A 356 -9.16 9.08 -8.48
N TRP A 357 -10.14 9.47 -7.66
CA TRP A 357 -10.57 10.85 -7.58
C TRP A 357 -10.43 11.40 -6.17
N MET A 358 -9.99 12.65 -6.08
CA MET A 358 -9.92 13.34 -4.80
C MET A 358 -10.76 14.60 -4.86
N ILE A 359 -11.60 14.79 -3.85
CA ILE A 359 -12.29 16.06 -3.70
C ILE A 359 -11.80 16.66 -2.37
N ALA A 360 -11.34 17.91 -2.41
CA ALA A 360 -10.77 18.54 -1.24
C ALA A 360 -11.38 19.90 -0.97
N ARG A 361 -11.80 20.14 0.27
CA ARG A 361 -12.46 21.38 0.63
C ARG A 361 -11.71 22.06 1.78
N THR A 362 -12.03 23.34 2.03
CA THR A 362 -11.44 24.04 3.17
C THR A 362 -12.50 24.27 4.24
N GLY A 363 -13.73 23.89 3.94
CA GLY A 363 -14.85 24.08 4.86
C GLY A 363 -16.13 23.59 4.23
N TRP A 364 -17.27 23.99 4.80
CA TRP A 364 -18.56 23.55 4.31
C TRP A 364 -19.54 24.69 4.06
N GLY A 365 -19.06 25.93 4.16
CA GLY A 365 -19.92 27.10 3.99
C GLY A 365 -19.54 27.96 2.80
N PRO A 366 -19.97 29.23 2.82
CA PRO A 366 -19.73 30.16 1.71
C PRO A 366 -18.25 30.47 1.45
N GLU A 367 -17.39 30.27 2.45
CA GLU A 367 -15.96 30.55 2.30
C GLU A 367 -15.13 29.35 1.89
N SER A 368 -15.77 28.22 1.62
CA SER A 368 -15.02 27.01 1.32
C SER A 368 -14.46 27.00 -0.11
N VAL A 369 -13.19 26.61 -0.22
CA VAL A 369 -12.61 26.27 -1.51
C VAL A 369 -13.01 24.84 -1.81
N ILE A 370 -13.30 24.54 -3.07
CA ILE A 370 -13.63 23.18 -3.47
C ILE A 370 -12.78 22.77 -4.66
N ALA A 371 -11.89 21.81 -4.44
CA ALA A 371 -10.94 21.41 -5.46
C ALA A 371 -11.14 19.96 -5.83
N GLU A 372 -11.20 19.70 -7.13
CA GLU A 372 -11.31 18.33 -7.63
C GLU A 372 -10.08 17.93 -8.43
N MET A 373 -9.63 16.70 -8.23
CA MET A 373 -8.44 16.17 -8.90
C MET A 373 -8.76 14.75 -9.37
N LYS A 374 -8.55 14.48 -10.65
CA LYS A 374 -8.94 13.19 -11.19
C LYS A 374 -7.84 12.45 -11.96
N VAL A 375 -7.78 11.14 -11.77
CA VAL A 375 -6.96 10.28 -12.60
C VAL A 375 -7.82 9.67 -13.71
N ASN A 376 -8.74 8.79 -13.33
CA ASN A 376 -9.55 8.02 -14.28
C ASN A 376 -8.80 6.76 -14.72
N GLU A 377 -9.03 5.64 -14.05
CA GLU A 377 -8.38 4.39 -14.43
C GLU A 377 -9.10 3.72 -15.60
N TYR A 378 -10.41 3.95 -15.66
CA TYR A 378 -11.22 3.47 -16.78
C TYR A 378 -12.20 4.55 -17.23
N SER A 379 -12.64 4.45 -18.48
CA SER A 379 -13.66 5.32 -19.01
C SER A 379 -14.96 4.55 -19.20
N PHE A 380 -16.07 5.13 -18.78
CA PHE A 380 -17.37 4.49 -18.93
C PHE A 380 -18.13 5.07 -20.12
N LEU A 381 -17.56 6.09 -20.74
CA LEU A 381 -18.17 6.72 -21.90
C LEU A 381 -19.57 7.26 -21.60
N ASN A 382 -20.43 7.28 -22.61
CA ASN A 382 -21.76 7.93 -22.52
C ASN A 382 -21.65 9.37 -22.00
N HIS A 383 -22.11 9.62 -20.78
CA HIS A 383 -22.08 10.98 -20.23
C HIS A 383 -20.74 11.37 -19.62
N GLN A 384 -19.83 10.41 -19.46
CA GLN A 384 -18.51 10.72 -18.94
C GLN A 384 -17.66 11.39 -20.01
N HIS A 385 -16.70 12.19 -19.57
CA HIS A 385 -15.84 12.94 -20.48
C HIS A 385 -14.45 12.33 -20.52
N GLN A 386 -13.70 12.61 -21.58
CA GLN A 386 -12.32 12.15 -21.68
C GLN A 386 -11.43 13.14 -20.95
N ASP A 387 -11.51 13.13 -19.62
CA ASP A 387 -10.90 14.16 -18.80
C ASP A 387 -9.89 13.62 -17.78
N ALA A 388 -9.22 12.52 -18.12
CA ALA A 388 -8.22 11.97 -17.21
C ALA A 388 -7.20 13.06 -16.87
N GLY A 389 -6.85 13.16 -15.60
CA GLY A 389 -5.85 14.14 -15.16
C GLY A 389 -6.39 15.53 -14.88
N ALA A 390 -7.67 15.76 -15.17
CA ALA A 390 -8.26 17.08 -15.05
C ALA A 390 -8.37 17.57 -13.60
N PHE A 391 -8.18 18.86 -13.39
CA PHE A 391 -8.49 19.48 -12.10
C PHE A 391 -9.52 20.61 -12.25
N GLN A 392 -10.22 20.90 -11.17
CA GLN A 392 -11.26 21.91 -11.18
C GLN A 392 -11.29 22.61 -9.82
N ILE A 393 -11.32 23.93 -9.82
CA ILE A 393 -11.32 24.66 -8.56
C ILE A 393 -12.41 25.71 -8.48
N TYR A 394 -13.14 25.68 -7.38
CA TYR A 394 -14.19 26.63 -7.11
C TYR A 394 -13.89 27.35 -5.81
N TYR A 395 -13.99 28.68 -5.83
CA TYR A 395 -13.92 29.47 -4.61
C TYR A 395 -14.64 30.78 -4.84
N LYS A 396 -15.74 30.98 -4.12
CA LYS A 396 -16.58 32.16 -4.34
C LYS A 396 -16.74 32.36 -5.84
N GLY A 397 -17.10 31.28 -6.52
CA GLY A 397 -17.24 31.27 -7.98
C GLY A 397 -16.39 30.18 -8.60
N PRO A 398 -16.74 29.75 -9.82
CA PRO A 398 -15.92 28.76 -10.52
C PRO A 398 -14.64 29.41 -11.04
N LEU A 399 -13.49 28.88 -10.65
CA LEU A 399 -12.21 29.50 -11.01
C LEU A 399 -11.45 28.73 -12.09
N ALA A 400 -10.92 27.55 -11.74
CA ALA A 400 -10.40 26.64 -12.74
C ALA A 400 -11.58 25.78 -13.15
N ILE A 401 -12.06 25.97 -14.37
CA ILE A 401 -13.35 25.40 -14.73
C ILE A 401 -13.28 24.16 -15.61
N ASP A 402 -14.41 23.44 -15.63
CA ASP A 402 -14.62 22.30 -16.50
C ASP A 402 -15.53 22.83 -17.62
N ALA A 403 -14.93 23.16 -18.76
CA ALA A 403 -15.57 24.06 -19.72
C ALA A 403 -16.56 23.41 -20.69
N GLY A 404 -17.28 24.26 -21.41
CA GLY A 404 -18.30 23.81 -22.34
C GLY A 404 -19.63 23.63 -21.63
N SER A 405 -20.64 23.23 -22.41
CA SER A 405 -21.94 22.93 -21.86
C SER A 405 -22.60 21.82 -22.64
N TYR A 406 -23.44 21.05 -21.95
CA TYR A 406 -24.13 19.92 -22.54
C TYR A 406 -25.06 20.37 -23.67
N THR A 407 -25.89 21.37 -23.39
CA THR A 407 -26.83 21.87 -24.37
C THR A 407 -26.58 23.36 -24.65
N GLY A 408 -27.20 23.86 -25.71
CA GLY A 408 -27.01 25.24 -26.14
C GLY A 408 -27.34 25.37 -27.61
N SER A 409 -26.79 26.41 -28.25
CA SER A 409 -27.09 26.68 -29.65
C SER A 409 -26.59 25.57 -30.58
N SER A 410 -25.60 24.81 -30.13
CA SER A 410 -25.01 23.76 -30.95
C SER A 410 -25.97 22.57 -31.12
N GLY A 411 -26.73 22.29 -30.07
CA GLY A 411 -27.70 21.20 -30.09
C GLY A 411 -27.69 20.45 -28.77
N GLY A 412 -28.01 19.16 -28.82
CA GLY A 412 -27.99 18.32 -27.63
C GLY A 412 -26.81 17.36 -27.61
N TYR A 413 -27.07 16.13 -27.16
CA TYR A 413 -26.06 15.09 -27.04
C TYR A 413 -25.22 14.91 -28.31
N ASN A 414 -25.88 14.98 -29.46
CA ASN A 414 -25.23 14.72 -30.75
C ASN A 414 -24.53 15.93 -31.36
N SER A 415 -24.58 17.07 -30.69
CA SER A 415 -24.05 18.32 -31.26
C SER A 415 -22.56 18.22 -31.58
N PRO A 416 -22.10 19.00 -32.57
CA PRO A 416 -20.67 19.09 -32.84
C PRO A 416 -19.91 19.55 -31.61
N HIS A 417 -20.56 20.34 -30.76
CA HIS A 417 -19.92 20.86 -29.55
C HIS A 417 -19.57 19.74 -28.58
N ASN A 418 -20.52 18.85 -28.36
CA ASN A 418 -20.28 17.67 -27.52
C ASN A 418 -19.18 16.78 -28.07
N LYS A 419 -19.29 16.46 -29.36
CA LYS A 419 -18.36 15.54 -30.01
C LYS A 419 -16.95 16.12 -30.15
N ASN A 420 -16.85 17.43 -30.32
CA ASN A 420 -15.58 18.04 -30.69
C ASN A 420 -14.91 18.89 -29.60
N PHE A 421 -15.65 19.18 -28.53
CA PHE A 421 -15.09 19.99 -27.46
C PHE A 421 -15.51 19.54 -26.06
N PHE A 422 -16.81 19.63 -25.78
CA PHE A 422 -17.32 19.42 -24.42
C PHE A 422 -16.83 18.12 -23.78
N LYS A 423 -16.93 17.02 -24.50
CA LYS A 423 -16.57 15.70 -23.97
C LYS A 423 -15.10 15.36 -24.16
N ARG A 424 -14.33 16.32 -24.66
CA ARG A 424 -12.93 16.07 -25.03
C ARG A 424 -11.94 16.74 -24.08
N THR A 425 -10.70 16.26 -24.12
CA THR A 425 -9.68 16.72 -23.17
C THR A 425 -9.53 18.24 -23.17
N ILE A 426 -9.58 18.83 -24.37
CA ILE A 426 -9.30 20.25 -24.55
C ILE A 426 -10.26 21.15 -23.77
N ALA A 427 -11.39 20.57 -23.35
CA ALA A 427 -12.38 21.32 -22.60
C ALA A 427 -12.02 21.34 -21.11
N HIS A 428 -10.96 20.61 -20.76
CA HIS A 428 -10.62 20.41 -19.36
C HIS A 428 -9.22 20.91 -19.04
N ASN A 429 -8.96 21.09 -17.75
CA ASN A 429 -7.64 21.48 -17.29
C ASN A 429 -6.71 20.27 -17.24
N SER A 430 -6.32 19.79 -18.41
CA SER A 430 -5.46 18.62 -18.52
C SER A 430 -4.34 18.86 -19.53
N LEU A 431 -3.91 17.81 -20.23
CA LEU A 431 -2.72 17.90 -21.08
C LEU A 431 -3.03 17.49 -22.51
N LEU A 432 -2.45 18.22 -23.46
CA LEU A 432 -2.57 17.86 -24.87
C LEU A 432 -1.19 17.62 -25.48
N ILE A 433 -1.11 16.60 -26.33
CA ILE A 433 0.06 16.36 -27.15
C ILE A 433 -0.47 16.22 -28.57
N TYR A 434 -0.14 17.18 -29.43
CA TYR A 434 -0.77 17.26 -30.73
C TYR A 434 -0.06 16.46 -31.82
N ASP A 435 -0.66 15.33 -32.19
CA ASP A 435 -0.20 14.56 -33.33
C ASP A 435 -1.12 14.88 -34.49
N PRO A 436 -0.60 15.63 -35.48
CA PRO A 436 -1.42 16.16 -36.56
C PRO A 436 -2.07 15.08 -37.43
N LYS A 437 -1.57 13.86 -37.34
CA LYS A 437 -2.08 12.78 -38.17
C LYS A 437 -2.96 11.79 -37.40
N GLU A 438 -3.21 12.09 -36.13
CA GLU A 438 -4.06 11.25 -35.30
C GLU A 438 -5.52 11.33 -35.74
N THR A 439 -6.19 10.19 -35.78
CA THR A 439 -7.63 10.14 -36.04
C THR A 439 -8.39 9.82 -34.76
N PHE A 440 -9.62 10.31 -34.69
CA PHE A 440 -10.49 10.04 -33.55
C PHE A 440 -11.83 9.51 -34.03
N SER A 441 -11.96 8.19 -34.04
CA SER A 441 -13.13 7.52 -34.59
C SER A 441 -14.35 7.66 -33.70
N SER A 442 -15.44 8.18 -34.26
CA SER A 442 -16.64 8.46 -33.49
C SER A 442 -17.90 7.87 -34.13
N SER A 443 -17.73 6.83 -34.94
CA SER A 443 -18.84 6.29 -35.72
C SER A 443 -19.97 5.70 -34.86
N GLY A 444 -19.63 5.29 -33.64
CA GLY A 444 -20.62 4.67 -32.75
C GLY A 444 -21.29 5.63 -31.79
N TYR A 445 -20.75 6.84 -31.68
CA TYR A 445 -21.30 7.85 -30.78
C TYR A 445 -22.71 8.27 -31.17
N GLY A 446 -23.60 8.34 -30.18
CA GLY A 446 -24.94 8.86 -30.41
C GLY A 446 -25.90 7.87 -31.02
N GLY A 447 -27.18 8.23 -31.04
CA GLY A 447 -28.20 7.36 -31.61
C GLY A 447 -28.60 7.78 -33.00
N SER A 448 -28.27 9.02 -33.36
CA SER A 448 -28.55 9.53 -34.69
C SER A 448 -27.56 10.62 -35.09
N ASP A 449 -27.66 11.09 -36.33
CA ASP A 449 -26.75 12.09 -36.88
C ASP A 449 -25.30 11.73 -36.60
N HIS A 450 -24.94 10.50 -36.98
CA HIS A 450 -23.61 9.97 -36.73
C HIS A 450 -22.56 10.62 -37.63
N THR A 451 -21.33 10.66 -37.13
CA THR A 451 -20.19 11.16 -37.89
C THR A 451 -19.02 10.19 -37.69
N ASP A 452 -18.29 9.91 -38.77
CA ASP A 452 -17.19 8.95 -38.72
C ASP A 452 -16.06 9.38 -37.79
N PHE A 453 -15.67 10.64 -37.86
CA PHE A 453 -14.52 11.13 -37.10
C PHE A 453 -14.82 12.44 -36.39
N ALA A 454 -14.20 12.63 -35.23
CA ALA A 454 -14.34 13.86 -34.47
C ALA A 454 -13.05 14.68 -34.55
N ALA A 455 -13.14 15.96 -34.20
CA ALA A 455 -12.01 16.86 -34.31
C ALA A 455 -10.78 16.34 -33.55
N ASN A 456 -9.60 16.61 -34.10
CA ASN A 456 -8.35 16.34 -33.43
C ASN A 456 -8.05 17.46 -32.44
N ASP A 457 -8.09 17.16 -31.16
CA ASP A 457 -7.88 18.19 -30.14
C ASP A 457 -6.57 17.99 -29.39
N GLY A 458 -5.73 17.10 -29.89
CA GLY A 458 -4.43 16.81 -29.27
C GLY A 458 -4.63 16.12 -27.93
N GLY A 459 -5.85 15.67 -27.68
CA GLY A 459 -6.20 15.13 -26.38
C GLY A 459 -6.25 13.61 -26.31
N GLN A 460 -7.13 13.11 -25.47
CA GLN A 460 -7.20 11.68 -25.14
C GLN A 460 -8.02 10.88 -26.13
N ARG A 461 -7.73 9.58 -26.21
CA ARG A 461 -8.40 8.67 -27.15
C ARG A 461 -9.91 8.63 -26.97
N LEU A 462 -10.60 8.23 -28.03
CA LEU A 462 -12.00 7.83 -27.94
C LEU A 462 -12.04 6.30 -27.93
N PRO A 463 -12.29 5.71 -26.76
CA PRO A 463 -12.31 4.26 -26.59
C PRO A 463 -13.54 3.61 -27.20
N GLY A 464 -13.56 2.29 -27.21
CA GLY A 464 -14.70 1.54 -27.74
C GLY A 464 -14.73 1.50 -29.25
N LYS A 465 -15.75 0.86 -29.79
CA LYS A 465 -15.92 0.75 -31.23
C LYS A 465 -16.46 2.04 -31.81
N GLY A 466 -15.57 2.97 -32.11
CA GLY A 466 -15.96 4.29 -32.60
C GLY A 466 -16.63 5.12 -31.52
N TRP A 467 -16.05 5.12 -30.33
CA TRP A 467 -16.52 5.99 -29.26
C TRP A 467 -17.93 5.60 -28.80
N ILE A 468 -18.10 4.32 -28.47
CA ILE A 468 -19.37 3.80 -27.97
C ILE A 468 -19.07 2.86 -26.79
N ALA A 469 -19.87 2.95 -25.74
CA ALA A 469 -19.65 2.16 -24.54
C ALA A 469 -19.78 0.66 -24.83
N PRO A 470 -19.09 -0.17 -24.02
CA PRO A 470 -19.21 -1.61 -24.14
C PRO A 470 -20.54 -2.06 -23.54
N ARG A 471 -20.89 -3.34 -23.72
CA ARG A 471 -22.18 -3.82 -23.22
C ARG A 471 -22.14 -4.05 -21.73
N ASP A 472 -21.09 -4.71 -21.25
CA ASP A 472 -20.98 -5.03 -19.84
C ASP A 472 -19.54 -4.99 -19.38
N LEU A 473 -19.32 -5.27 -18.09
CA LEU A 473 -17.99 -5.27 -17.52
C LEU A 473 -17.05 -6.22 -18.26
N LYS A 474 -17.60 -7.38 -18.63
CA LYS A 474 -16.88 -8.40 -19.37
C LYS A 474 -16.21 -7.82 -20.60
N GLU A 475 -17.01 -7.17 -21.45
CA GLU A 475 -16.51 -6.54 -22.67
C GLU A 475 -15.61 -5.36 -22.33
N MET A 476 -15.97 -4.63 -21.27
CA MET A 476 -15.20 -3.46 -20.87
C MET A 476 -13.76 -3.81 -20.52
N LEU A 477 -13.58 -4.84 -19.70
CA LEU A 477 -12.25 -5.20 -19.21
C LEU A 477 -11.37 -5.76 -20.33
N ALA A 478 -12.04 -6.32 -21.34
CA ALA A 478 -11.34 -6.93 -22.47
C ALA A 478 -11.09 -5.95 -23.60
N GLY A 479 -11.51 -4.70 -23.41
CA GLY A 479 -11.37 -3.68 -24.46
C GLY A 479 -10.24 -2.69 -24.22
N ASP A 480 -10.43 -1.48 -24.72
CA ASP A 480 -9.44 -0.41 -24.59
C ASP A 480 -9.98 0.73 -23.75
N PHE A 481 -10.61 0.40 -22.63
CA PHE A 481 -11.24 1.41 -21.79
C PHE A 481 -10.39 1.80 -20.58
N ARG A 482 -9.29 1.09 -20.38
CA ARG A 482 -8.30 1.47 -19.38
C ARG A 482 -7.65 2.79 -19.82
N THR A 483 -7.70 3.79 -18.97
CA THR A 483 -7.15 5.10 -19.33
C THR A 483 -6.13 5.60 -18.32
N GLY A 484 -5.95 4.86 -17.24
CA GLY A 484 -5.04 5.31 -16.21
C GLY A 484 -4.70 4.32 -15.12
N LYS A 485 -3.75 4.70 -14.28
CA LYS A 485 -3.31 3.87 -13.18
C LYS A 485 -2.98 4.77 -12.00
N ILE A 486 -3.68 4.56 -10.90
CA ILE A 486 -3.41 5.31 -9.67
C ILE A 486 -2.07 4.86 -9.11
N LEU A 487 -1.15 5.81 -8.98
CA LEU A 487 0.20 5.51 -8.51
C LEU A 487 0.36 5.75 -7.01
N ALA A 488 -0.26 6.82 -6.52
CA ALA A 488 -0.20 7.18 -5.12
C ALA A 488 -1.35 8.12 -4.76
N GLN A 489 -1.70 8.18 -3.49
CA GLN A 489 -2.78 9.03 -3.04
C GLN A 489 -2.63 9.22 -1.54
N GLY A 490 -3.34 10.19 -0.98
CA GLY A 490 -3.37 10.33 0.46
C GLY A 490 -3.66 11.73 0.93
N PHE A 491 -4.17 11.85 2.15
CA PHE A 491 -4.29 13.14 2.79
C PHE A 491 -3.96 13.05 4.28
N GLY A 492 -3.47 14.16 4.83
CA GLY A 492 -3.12 14.22 6.25
C GLY A 492 -2.51 15.56 6.60
N PRO A 493 -1.76 15.61 7.71
CA PRO A 493 -1.58 14.50 8.64
C PRO A 493 -2.86 14.13 9.39
N ASP A 494 -3.78 15.08 9.53
CA ASP A 494 -5.02 14.82 10.24
C ASP A 494 -6.14 14.44 9.27
N ASN A 495 -6.87 13.37 9.60
CA ASN A 495 -8.01 12.94 8.81
C ASN A 495 -9.10 14.01 8.69
N GLN A 496 -9.38 14.71 9.79
CA GLN A 496 -10.51 15.62 9.78
C GLN A 496 -10.23 16.87 8.94
N THR A 497 -9.08 17.47 9.15
CA THR A 497 -8.72 18.71 8.48
C THR A 497 -7.29 18.63 7.93
N PRO A 498 -7.09 17.83 6.87
CA PRO A 498 -5.77 17.60 6.28
C PRO A 498 -5.12 18.87 5.74
N ASP A 499 -3.84 19.07 6.11
CA ASP A 499 -3.04 20.16 5.56
C ASP A 499 -2.86 20.00 4.07
N TYR A 500 -2.75 18.76 3.62
CA TYR A 500 -2.54 18.46 2.21
C TYR A 500 -3.45 17.34 1.74
N THR A 501 -3.74 17.32 0.44
CA THR A 501 -4.43 16.22 -0.20
C THR A 501 -3.66 15.87 -1.48
N TYR A 502 -3.25 14.62 -1.59
CA TYR A 502 -2.29 14.21 -2.63
C TYR A 502 -2.88 13.13 -3.53
N LEU A 503 -2.59 13.24 -4.82
CA LEU A 503 -3.03 12.24 -5.79
C LEU A 503 -2.07 12.19 -6.98
N LYS A 504 -1.67 10.98 -7.37
CA LYS A 504 -0.81 10.81 -8.53
C LYS A 504 -1.28 9.67 -9.42
N GLY A 505 -1.30 9.91 -10.72
CA GLY A 505 -1.70 8.90 -11.66
C GLY A 505 -0.83 8.88 -12.91
N ASP A 506 -0.69 7.69 -13.48
CA ASP A 506 -0.11 7.53 -14.80
C ASP A 506 -1.28 7.39 -15.76
N ILE A 507 -1.45 8.38 -16.64
CA ILE A 507 -2.58 8.39 -17.55
C ILE A 507 -2.15 8.20 -19.00
N THR A 508 -1.02 7.52 -19.19
CA THR A 508 -0.48 7.23 -20.51
C THR A 508 -1.52 6.52 -21.37
N ALA A 509 -2.26 5.60 -20.76
CA ALA A 509 -3.22 4.77 -21.51
C ALA A 509 -4.41 5.57 -22.04
N ALA A 510 -4.59 6.79 -21.54
CA ALA A 510 -5.68 7.64 -22.00
C ALA A 510 -5.40 8.21 -23.40
N TYR A 511 -4.13 8.25 -23.77
CA TYR A 511 -3.70 8.81 -25.03
C TYR A 511 -3.27 7.70 -25.98
N SER A 512 -3.02 8.06 -27.24
CA SER A 512 -2.57 7.09 -28.23
C SER A 512 -1.08 6.82 -28.05
N ALA A 513 -0.48 6.17 -29.05
CA ALA A 513 0.95 5.87 -29.00
C ALA A 513 1.80 7.11 -29.27
N LYS A 514 1.14 8.25 -29.44
CA LYS A 514 1.84 9.51 -29.66
C LYS A 514 2.66 9.91 -28.43
N VAL A 515 2.35 9.30 -27.29
CA VAL A 515 3.13 9.50 -26.07
C VAL A 515 3.69 8.18 -25.55
N LYS A 516 4.80 8.25 -24.82
CA LYS A 516 5.37 7.09 -24.16
C LYS A 516 5.00 7.08 -22.68
N GLU A 517 4.82 8.28 -22.13
CA GLU A 517 4.60 8.44 -20.70
C GLU A 517 3.90 9.77 -20.38
N VAL A 518 2.79 9.69 -19.66
CA VAL A 518 2.11 10.89 -19.18
C VAL A 518 1.72 10.72 -17.71
N LYS A 519 2.37 11.49 -16.84
CA LYS A 519 2.10 11.40 -15.40
C LYS A 519 1.70 12.75 -14.84
N ARG A 520 0.78 12.73 -13.88
CA ARG A 520 0.34 13.95 -13.22
C ARG A 520 0.24 13.75 -11.71
N SER A 521 0.91 14.64 -10.97
CA SER A 521 0.83 14.64 -9.52
C SER A 521 0.11 15.90 -9.04
N PHE A 522 -0.98 15.72 -8.30
CA PHE A 522 -1.71 16.83 -7.71
C PHE A 522 -1.34 16.95 -6.25
N LEU A 523 -1.07 18.15 -5.79
CA LEU A 523 -0.97 18.35 -4.34
C LEU A 523 -1.70 19.60 -3.90
N PHE A 524 -2.91 19.40 -3.37
CA PHE A 524 -3.73 20.49 -2.88
C PHE A 524 -3.33 20.82 -1.45
N LEU A 525 -3.22 22.10 -1.15
CA LEU A 525 -2.86 22.55 0.18
C LEU A 525 -3.98 23.36 0.82
N ASN A 526 -4.50 22.87 1.94
CA ASN A 526 -5.35 23.69 2.78
C ASN A 526 -4.43 24.53 3.65
N LEU A 527 -4.25 25.79 3.28
CA LEU A 527 -3.27 26.66 3.91
C LEU A 527 -3.69 27.18 5.28
N LYS A 528 -4.89 26.82 5.73
CA LYS A 528 -5.38 27.23 7.04
C LYS A 528 -5.04 28.71 7.23
N ASP A 529 -5.53 29.54 6.31
CA ASP A 529 -5.09 30.93 6.20
C ASP A 529 -6.25 31.77 5.68
N ALA A 530 -6.46 32.94 6.29
CA ALA A 530 -7.56 33.82 5.93
C ALA A 530 -7.28 34.56 4.63
N LYS A 531 -6.05 35.02 4.43
CA LYS A 531 -5.71 35.76 3.22
C LYS A 531 -5.68 34.84 1.99
N VAL A 532 -5.05 33.68 2.16
CA VAL A 532 -4.94 32.71 1.06
C VAL A 532 -5.32 31.33 1.57
N PRO A 533 -6.61 30.97 1.45
CA PRO A 533 -7.14 29.74 2.02
C PRO A 533 -6.54 28.46 1.45
N ALA A 534 -6.16 28.47 0.17
CA ALA A 534 -5.70 27.25 -0.46
C ALA A 534 -4.75 27.45 -1.64
N ALA A 535 -4.05 26.39 -1.99
CA ALA A 535 -3.19 26.37 -3.16
C ALA A 535 -3.17 24.95 -3.74
N MET A 536 -2.93 24.84 -5.04
CA MET A 536 -2.75 23.54 -5.66
C MET A 536 -1.47 23.52 -6.48
N ILE A 537 -0.65 22.51 -6.23
CA ILE A 537 0.55 22.30 -7.01
C ILE A 537 0.35 21.12 -7.97
N VAL A 538 0.70 21.33 -9.24
CA VAL A 538 0.53 20.29 -10.25
C VAL A 538 1.84 20.02 -10.96
N PHE A 539 2.31 18.77 -10.88
CA PHE A 539 3.59 18.39 -11.47
C PHE A 539 3.35 17.37 -12.57
N ASP A 540 3.78 17.71 -13.78
CA ASP A 540 3.50 16.84 -14.93
C ASP A 540 4.76 16.37 -15.62
N LYS A 541 4.79 15.09 -15.96
CA LYS A 541 5.81 14.54 -16.83
C LYS A 541 5.16 14.08 -18.12
N VAL A 542 5.64 14.57 -19.25
CA VAL A 542 5.09 14.19 -20.54
C VAL A 542 6.21 13.83 -21.51
N VAL A 543 6.18 12.59 -21.99
CA VAL A 543 7.16 12.11 -22.97
C VAL A 543 6.45 11.75 -24.28
N ALA A 544 6.73 12.52 -25.32
CA ALA A 544 6.11 12.27 -26.62
C ALA A 544 6.95 11.30 -27.44
N SER A 545 6.31 10.58 -28.35
CA SER A 545 7.01 9.66 -29.23
C SER A 545 7.73 10.42 -30.32
N ASN A 546 7.29 11.66 -30.54
CA ASN A 546 7.92 12.55 -31.50
C ASN A 546 8.10 13.92 -30.85
N PRO A 547 9.35 14.38 -30.75
CA PRO A 547 9.61 15.67 -30.10
C PRO A 547 8.78 16.80 -30.71
N ASP A 548 8.39 16.64 -31.97
CA ASP A 548 7.68 17.67 -32.71
C ASP A 548 6.19 17.75 -32.39
N PHE A 549 5.68 16.82 -31.59
CA PHE A 549 4.27 16.88 -31.17
C PHE A 549 4.10 17.96 -30.10
N LYS A 550 3.43 19.04 -30.46
CA LYS A 550 3.28 20.18 -29.56
C LYS A 550 2.56 19.81 -28.26
N LYS A 551 3.17 20.16 -27.13
CA LYS A 551 2.57 19.91 -25.82
C LYS A 551 1.84 21.13 -25.29
N PHE A 552 0.69 20.89 -24.66
CA PHE A 552 -0.12 21.96 -24.09
C PHE A 552 -0.49 21.63 -22.66
N TRP A 553 -0.42 22.63 -21.79
CA TRP A 553 -0.94 22.53 -20.43
C TRP A 553 -2.08 23.54 -20.33
N LEU A 554 -3.27 23.08 -19.98
CA LEU A 554 -4.46 23.91 -20.08
C LEU A 554 -5.02 24.44 -18.75
N LEU A 555 -5.47 25.69 -18.76
CA LEU A 555 -6.15 26.27 -17.61
C LEU A 555 -7.36 27.08 -18.08
N HIS A 556 -8.55 26.57 -17.81
CA HIS A 556 -9.80 27.16 -18.29
C HIS A 556 -10.42 28.13 -17.29
N SER A 557 -11.04 29.18 -17.80
CA SER A 557 -11.74 30.15 -16.94
C SER A 557 -12.94 30.78 -17.64
N ILE A 558 -13.80 31.43 -16.86
CA ILE A 558 -14.95 32.12 -17.41
C ILE A 558 -14.54 33.47 -18.01
N GLU A 559 -13.90 34.30 -17.19
CA GLU A 559 -13.48 35.62 -17.64
C GLU A 559 -12.03 35.61 -18.13
N GLN A 560 -11.62 36.68 -18.79
CA GLN A 560 -10.30 36.75 -19.41
C GLN A 560 -9.19 36.73 -18.38
N PRO A 561 -8.21 35.84 -18.56
CA PRO A 561 -7.06 35.80 -17.66
C PRO A 561 -6.07 36.92 -17.94
N GLU A 562 -5.36 37.35 -16.91
CA GLU A 562 -4.25 38.27 -17.06
C GLU A 562 -2.93 37.51 -17.02
N ILE A 563 -2.08 37.73 -18.02
CA ILE A 563 -0.77 37.10 -18.04
C ILE A 563 0.33 38.14 -17.87
N LYS A 564 1.12 37.98 -16.81
CA LYS A 564 2.26 38.84 -16.58
C LYS A 564 3.50 38.01 -16.32
N GLY A 565 4.25 37.72 -17.37
CA GLY A 565 5.41 36.85 -17.25
C GLY A 565 4.96 35.45 -16.95
N ASN A 566 5.38 34.92 -15.80
CA ASN A 566 5.01 33.57 -15.40
C ASN A 566 3.81 33.53 -14.45
N GLN A 567 3.15 34.66 -14.28
CA GLN A 567 1.99 34.69 -13.40
C GLN A 567 0.72 34.91 -14.18
N ILE A 568 -0.24 34.02 -13.98
CA ILE A 568 -1.55 34.11 -14.59
C ILE A 568 -2.61 34.40 -13.53
N THR A 569 -3.36 35.49 -13.72
CA THR A 569 -4.40 35.87 -12.78
C THR A 569 -5.79 35.69 -13.38
N ILE A 570 -6.63 34.93 -12.70
CA ILE A 570 -8.02 34.74 -13.10
C ILE A 570 -8.94 35.25 -12.00
N LYS A 571 -9.93 36.05 -12.39
CA LYS A 571 -10.87 36.61 -11.41
C LYS A 571 -12.33 36.34 -11.78
N ARG A 572 -13.16 36.23 -10.75
CA ARG A 572 -14.61 36.26 -10.93
C ARG A 572 -15.11 37.61 -10.42
N THR A 573 -15.88 38.31 -11.24
CA THR A 573 -16.35 39.65 -10.89
C THR A 573 -17.83 39.80 -11.17
N LYS A 574 -18.49 38.69 -11.49
CA LYS A 574 -19.89 38.73 -11.90
C LYS A 574 -20.75 37.75 -11.09
N ASN A 575 -22.05 38.00 -11.09
CA ASN A 575 -23.02 37.09 -10.48
C ASN A 575 -22.84 36.90 -8.98
N GLY A 576 -22.21 37.86 -8.32
CA GLY A 576 -21.94 37.76 -6.89
C GLY A 576 -20.67 37.01 -6.56
N ASP A 577 -20.05 36.41 -7.59
CA ASP A 577 -18.78 35.70 -7.43
C ASP A 577 -17.61 36.68 -7.27
N SER A 578 -16.70 36.39 -6.35
CA SER A 578 -15.58 37.29 -6.08
C SER A 578 -14.25 36.57 -5.86
N GLY A 579 -14.19 35.30 -6.24
CA GLY A 579 -12.98 34.51 -6.07
C GLY A 579 -11.89 34.88 -7.06
N MET A 580 -10.68 34.44 -6.78
CA MET A 580 -9.55 34.70 -7.66
C MET A 580 -8.57 33.54 -7.66
N LEU A 581 -7.91 33.35 -8.81
CA LEU A 581 -6.93 32.30 -8.96
C LEU A 581 -5.65 32.90 -9.56
N VAL A 582 -4.50 32.56 -8.98
CA VAL A 582 -3.23 33.02 -9.51
C VAL A 582 -2.28 31.85 -9.67
N ASN A 583 -1.88 31.58 -10.91
CA ASN A 583 -0.96 30.49 -11.16
C ASN A 583 0.45 30.89 -11.54
N THR A 584 1.42 30.44 -10.76
CA THR A 584 2.81 30.72 -11.02
C THR A 584 3.43 29.55 -11.79
N ALA A 585 3.86 29.81 -13.01
CA ALA A 585 4.47 28.79 -13.84
C ALA A 585 5.93 28.60 -13.45
N LEU A 586 6.27 27.43 -12.94
CA LEU A 586 7.63 27.16 -12.50
C LEU A 586 8.43 26.36 -13.53
N LEU A 587 7.82 25.31 -14.08
CA LEU A 587 8.42 24.54 -15.17
C LEU A 587 7.41 24.34 -16.29
N PRO A 588 7.86 24.45 -17.54
CA PRO A 588 9.26 24.75 -17.89
C PRO A 588 9.71 26.10 -17.34
N ASP A 589 11.00 26.40 -17.43
CA ASP A 589 11.49 27.69 -16.93
C ASP A 589 11.25 28.81 -17.92
N ALA A 590 11.58 30.04 -17.52
CA ALA A 590 11.28 31.21 -18.33
C ALA A 590 11.81 31.07 -19.75
N ALA A 591 13.01 30.51 -19.89
CA ALA A 591 13.67 30.43 -21.19
C ALA A 591 13.08 29.37 -22.10
N ASN A 592 12.15 28.57 -21.57
CA ASN A 592 11.52 27.52 -22.37
C ASN A 592 10.00 27.50 -22.23
N SER A 593 9.43 28.64 -21.84
CA SER A 593 7.99 28.71 -21.56
C SER A 593 7.25 29.73 -22.41
N ASN A 594 6.18 29.27 -23.07
CA ASN A 594 5.26 30.15 -23.77
C ASN A 594 3.89 30.08 -23.11
N ILE A 595 3.40 31.22 -22.63
CA ILE A 595 2.10 31.28 -21.98
C ILE A 595 1.17 32.22 -22.75
N THR A 596 0.13 31.65 -23.36
CA THR A 596 -0.85 32.45 -24.10
C THR A 596 -2.29 32.11 -23.73
N SER A 597 -3.19 33.04 -24.01
CA SER A 597 -4.61 32.81 -23.74
C SER A 597 -5.40 32.87 -25.03
N ILE A 598 -6.35 31.94 -25.19
CA ILE A 598 -7.28 31.99 -26.30
C ILE A 598 -8.68 32.15 -25.71
N GLY A 599 -9.49 33.01 -26.30
CA GLY A 599 -10.87 33.12 -25.86
C GLY A 599 -11.64 34.30 -26.40
N GLY A 600 -12.79 34.58 -25.77
CA GLY A 600 -13.70 35.59 -26.28
C GLY A 600 -14.56 34.99 -27.36
N LYS A 601 -15.43 35.81 -27.95
CA LYS A 601 -16.34 35.33 -28.99
C LYS A 601 -15.58 34.83 -30.21
N GLY A 602 -15.87 33.59 -30.60
CA GLY A 602 -15.21 32.96 -31.74
C GLY A 602 -14.06 32.06 -31.34
N LYS A 603 -13.67 32.13 -30.06
CA LYS A 603 -12.53 31.37 -29.58
C LYS A 603 -12.83 30.73 -28.23
N ASP A 604 -14.07 30.86 -27.77
CA ASP A 604 -14.45 30.28 -26.49
C ASP A 604 -14.38 28.75 -26.50
N PHE A 605 -14.61 28.17 -27.67
CA PHE A 605 -14.54 26.72 -27.81
C PHE A 605 -13.61 26.34 -28.96
N TRP A 606 -12.42 26.94 -28.97
CA TRP A 606 -11.49 26.82 -30.08
C TRP A 606 -10.74 25.50 -30.09
N VAL A 607 -10.69 24.87 -31.27
CA VAL A 607 -10.03 23.58 -31.40
C VAL A 607 -9.20 23.53 -32.68
N PHE A 608 -7.93 23.93 -32.56
CA PHE A 608 -6.98 23.86 -33.68
C PHE A 608 -7.63 24.14 -35.04
N GLY A 609 -8.18 25.35 -35.20
CA GLY A 609 -8.75 25.74 -36.48
C GLY A 609 -10.20 26.16 -36.41
N THR A 610 -11.00 25.45 -35.61
CA THR A 610 -12.45 25.67 -35.60
C THR A 610 -13.00 25.91 -34.20
N ASN A 611 -13.95 26.83 -34.09
CA ASN A 611 -14.64 27.11 -32.84
C ASN A 611 -15.99 26.42 -32.81
N TYR A 612 -16.21 25.55 -31.83
CA TYR A 612 -17.46 24.82 -31.75
C TYR A 612 -18.50 25.55 -30.90
N THR A 613 -19.07 26.58 -31.50
CA THR A 613 -19.99 27.48 -30.84
C THR A 613 -21.12 26.75 -30.12
N ASN A 614 -21.33 27.12 -28.86
CA ASN A 614 -22.45 26.61 -28.09
C ASN A 614 -22.93 27.69 -27.14
N ASP A 615 -23.73 28.61 -27.66
CA ASP A 615 -24.25 29.72 -26.86
C ASP A 615 -25.41 29.23 -26.01
N PRO A 616 -25.58 29.82 -24.81
CA PRO A 616 -26.57 29.36 -23.86
C PRO A 616 -27.99 29.48 -24.43
N LYS A 617 -28.86 28.57 -24.03
CA LYS A 617 -30.27 28.71 -24.36
C LYS A 617 -30.86 29.77 -23.44
N PRO A 618 -31.91 30.45 -23.89
CA PRO A 618 -32.55 31.58 -23.21
C PRO A 618 -32.75 31.34 -21.71
N GLY A 619 -32.23 32.25 -20.90
CA GLY A 619 -32.46 32.20 -19.46
C GLY A 619 -31.77 31.03 -18.79
N THR A 620 -30.71 30.54 -19.42
CA THR A 620 -29.90 29.48 -18.85
C THR A 620 -28.46 29.95 -18.70
N ASP A 621 -27.73 29.34 -17.77
CA ASP A 621 -26.32 29.66 -17.56
C ASP A 621 -26.08 31.17 -17.47
N GLU A 622 -26.70 31.82 -16.49
CA GLU A 622 -26.56 33.26 -16.27
C GLU A 622 -25.10 33.64 -16.00
N ALA A 623 -24.32 32.72 -15.46
CA ALA A 623 -22.95 33.02 -15.07
C ALA A 623 -21.96 32.63 -16.14
N LEU A 624 -22.48 32.14 -17.26
CA LEU A 624 -21.65 31.68 -18.37
C LEU A 624 -20.56 30.71 -17.89
N GLU A 625 -20.96 29.73 -17.10
CA GLU A 625 -20.02 28.76 -16.54
C GLU A 625 -19.51 27.80 -17.61
N ARG A 626 -20.09 27.88 -18.80
CA ARG A 626 -19.58 27.14 -19.94
C ARG A 626 -18.18 27.65 -20.28
N GLY A 627 -17.90 28.88 -19.86
CA GLY A 627 -16.56 29.45 -20.01
C GLY A 627 -16.35 30.23 -21.29
N GLU A 628 -15.27 30.98 -21.35
CA GLU A 628 -14.97 31.79 -22.53
C GLU A 628 -13.47 31.84 -22.82
N TRP A 629 -12.67 31.48 -21.84
CA TRP A 629 -11.22 31.61 -21.96
C TRP A 629 -10.45 30.39 -21.51
N ARG A 630 -9.23 30.25 -22.01
CA ARG A 630 -8.28 29.28 -21.49
C ARG A 630 -6.85 29.78 -21.72
N VAL A 631 -5.95 29.41 -20.82
CA VAL A 631 -4.55 29.69 -21.01
C VAL A 631 -3.84 28.44 -21.50
N GLU A 632 -2.90 28.61 -22.41
CA GLU A 632 -2.09 27.50 -22.90
C GLU A 632 -0.63 27.74 -22.59
N ILE A 633 -0.02 26.79 -21.90
CA ILE A 633 1.42 26.83 -21.65
C ILE A 633 2.11 25.77 -22.50
N THR A 634 3.08 26.19 -23.29
CA THR A 634 3.77 25.28 -24.21
C THR A 634 5.29 25.52 -24.20
N PRO A 635 6.08 24.45 -24.36
CA PRO A 635 7.52 24.64 -24.38
C PRO A 635 7.95 25.46 -25.60
N LYS A 636 9.03 26.22 -25.46
CA LYS A 636 9.59 26.95 -26.59
C LYS A 636 10.33 26.00 -27.53
N LYS A 637 10.93 24.97 -26.94
CA LYS A 637 11.76 24.03 -27.70
C LYS A 637 11.09 22.68 -27.90
N ALA A 638 11.21 22.13 -29.10
CA ALA A 638 10.70 20.80 -29.38
C ALA A 638 11.61 19.76 -28.73
N ALA A 639 11.03 18.96 -27.84
CA ALA A 639 11.76 17.90 -27.16
C ALA A 639 10.78 16.78 -26.86
N ALA A 640 11.29 15.56 -26.70
CA ALA A 640 10.45 14.42 -26.40
C ALA A 640 9.93 14.48 -24.97
N GLU A 641 10.86 14.67 -24.03
CA GLU A 641 10.53 14.71 -22.61
C GLU A 641 10.40 16.15 -22.11
N ASP A 642 9.28 16.45 -21.45
CA ASP A 642 9.04 17.77 -20.86
C ASP A 642 8.36 17.63 -19.50
N TYR A 643 8.49 18.66 -18.67
CA TYR A 643 7.85 18.68 -17.36
C TYR A 643 7.10 19.98 -17.14
N TYR A 644 5.91 19.90 -16.56
CA TYR A 644 5.18 21.08 -16.16
C TYR A 644 5.15 21.14 -14.65
N LEU A 645 5.39 22.34 -14.12
CA LEU A 645 5.24 22.58 -12.69
C LEU A 645 4.51 23.90 -12.48
N ASN A 646 3.31 23.80 -11.91
CA ASN A 646 2.46 24.95 -11.77
C ASN A 646 1.90 25.06 -10.37
N VAL A 647 1.92 26.28 -9.82
CA VAL A 647 1.47 26.52 -8.45
C VAL A 647 0.32 27.52 -8.41
N ILE A 648 -0.86 27.01 -8.11
CA ILE A 648 -2.07 27.82 -8.08
C ILE A 648 -2.39 28.26 -6.66
N GLN A 649 -2.63 29.56 -6.48
CA GLN A 649 -3.08 30.08 -5.20
C GLN A 649 -4.51 30.59 -5.36
N ILE A 650 -5.27 30.53 -4.27
CA ILE A 650 -6.68 30.88 -4.30
C ILE A 650 -7.03 31.84 -3.18
N ALA A 651 -7.74 32.91 -3.54
CA ALA A 651 -8.07 33.96 -2.58
C ALA A 651 -9.19 34.85 -3.10
N ASP A 652 -9.62 35.82 -2.29
CA ASP A 652 -10.61 36.80 -2.73
C ASP A 652 -9.97 37.64 -3.83
N ASN A 653 -10.78 38.12 -4.77
CA ASN A 653 -10.27 38.96 -5.84
C ASN A 653 -9.77 40.32 -5.35
N THR A 654 -9.94 40.59 -4.05
CA THR A 654 -9.47 41.84 -3.45
C THR A 654 -8.11 41.69 -2.80
N GLN A 655 -7.67 40.44 -2.62
CA GLN A 655 -6.38 40.17 -1.99
C GLN A 655 -5.24 40.59 -2.90
N GLN A 656 -4.50 41.61 -2.47
CA GLN A 656 -3.46 42.19 -3.32
C GLN A 656 -2.14 41.46 -3.24
N LYS A 657 -1.76 41.04 -2.04
CA LYS A 657 -0.50 40.33 -1.86
C LYS A 657 -0.72 38.86 -1.53
N LEU A 658 -0.15 38.00 -2.37
CA LEU A 658 -0.23 36.56 -2.19
C LEU A 658 1.10 36.01 -1.65
N HIS A 659 1.19 34.68 -1.55
CA HIS A 659 2.40 34.03 -1.05
C HIS A 659 3.47 33.95 -2.13
N GLU A 660 4.70 34.32 -1.76
CA GLU A 660 5.83 34.22 -2.68
C GLU A 660 6.11 32.75 -2.96
N VAL A 661 6.24 32.41 -4.24
CA VAL A 661 6.50 31.03 -4.64
C VAL A 661 7.97 30.84 -5.05
N LYS A 662 8.57 29.79 -4.51
CA LYS A 662 9.94 29.42 -4.84
C LYS A 662 9.97 28.03 -5.43
N ARG A 663 10.65 27.84 -6.55
CA ARG A 663 10.91 26.49 -7.03
C ARG A 663 12.13 25.93 -6.30
N ILE A 664 12.02 24.69 -5.88
CA ILE A 664 13.11 24.03 -5.18
C ILE A 664 13.84 23.07 -6.10
N ASP A 665 15.09 23.38 -6.40
CA ASP A 665 15.92 22.53 -7.22
C ASP A 665 16.96 21.84 -6.36
N GLY A 666 16.74 20.55 -6.10
CA GLY A 666 17.64 19.80 -5.23
C GLY A 666 18.30 18.62 -5.92
N ASP A 667 18.81 17.71 -5.10
CA ASP A 667 19.44 16.50 -5.59
C ASP A 667 18.38 15.43 -5.84
N LYS A 668 18.14 15.13 -7.11
CA LYS A 668 17.15 14.11 -7.50
C LYS A 668 15.70 14.56 -7.34
N VAL A 669 15.50 15.78 -6.84
CA VAL A 669 14.14 16.26 -6.62
C VAL A 669 13.90 17.70 -7.06
N VAL A 670 12.65 17.98 -7.43
CA VAL A 670 12.21 19.33 -7.73
C VAL A 670 10.98 19.60 -6.85
N GLY A 671 10.78 20.86 -6.48
CA GLY A 671 9.72 21.16 -5.54
C GLY A 671 9.27 22.61 -5.46
N VAL A 672 8.47 22.88 -4.45
CA VAL A 672 7.81 24.16 -4.29
C VAL A 672 7.87 24.58 -2.83
N GLN A 673 8.15 25.86 -2.60
CA GLN A 673 8.04 26.44 -1.27
C GLN A 673 7.14 27.67 -1.36
N LEU A 674 6.07 27.68 -0.56
CA LEU A 674 5.22 28.86 -0.44
C LEU A 674 4.61 28.88 0.95
N ALA A 675 4.29 30.06 1.45
CA ALA A 675 3.73 30.17 2.78
C ALA A 675 4.61 29.40 3.75
N ASP A 676 4.04 28.44 4.46
CA ASP A 676 4.84 27.62 5.36
C ASP A 676 4.87 26.17 4.90
N ARG A 677 4.80 25.97 3.59
CA ARG A 677 4.73 24.62 3.02
C ARG A 677 5.88 24.31 2.08
N ILE A 678 6.39 23.08 2.19
CA ILE A 678 7.44 22.59 1.30
C ILE A 678 6.93 21.32 0.65
N VAL A 679 7.07 21.24 -0.67
CA VAL A 679 6.60 20.08 -1.41
C VAL A 679 7.59 19.67 -2.50
N THR A 680 7.92 18.39 -2.54
CA THR A 680 8.88 17.90 -3.53
C THR A 680 8.37 16.70 -4.31
N PHE A 681 8.89 16.53 -5.52
CA PHE A 681 8.60 15.39 -6.37
C PHE A 681 9.91 14.84 -6.92
N SER A 682 9.93 13.56 -7.28
CA SER A 682 11.07 13.03 -8.02
C SER A 682 11.24 13.83 -9.30
N LYS A 683 12.48 14.21 -9.60
CA LYS A 683 12.82 15.03 -10.74
C LYS A 683 12.42 14.40 -12.08
N THR A 684 12.36 13.07 -12.10
CA THR A 684 11.90 12.35 -13.28
C THR A 684 10.51 11.77 -13.02
N SER A 685 9.92 12.16 -11.89
CA SER A 685 8.62 11.65 -11.48
C SER A 685 8.66 10.13 -11.33
N GLU A 686 9.77 9.64 -10.81
CA GLU A 686 9.98 8.21 -10.67
C GLU A 686 10.23 7.91 -9.20
N THR A 687 10.28 6.63 -8.84
CA THR A 687 10.52 6.29 -7.45
C THR A 687 11.94 6.65 -7.05
N VAL A 688 12.06 7.44 -5.99
CA VAL A 688 13.37 7.78 -5.46
C VAL A 688 13.78 6.70 -4.47
N ASP A 689 14.85 5.98 -4.79
CA ASP A 689 15.29 4.85 -3.99
C ASP A 689 16.73 5.03 -3.55
N ARG A 690 17.20 6.27 -3.62
CA ARG A 690 18.56 6.61 -3.22
C ARG A 690 18.54 7.89 -2.40
N PRO A 691 19.60 8.13 -1.62
CA PRO A 691 19.71 9.37 -0.87
C PRO A 691 19.43 10.56 -1.78
N PHE A 692 18.76 11.57 -1.25
CA PHE A 692 18.53 12.80 -1.98
C PHE A 692 18.50 13.97 -1.00
N GLY A 693 18.55 15.19 -1.52
CA GLY A 693 18.58 16.36 -0.65
C GLY A 693 18.21 17.66 -1.33
N PHE A 694 18.12 18.73 -0.54
CA PHE A 694 17.83 20.08 -1.03
C PHE A 694 17.94 21.09 0.12
N SER A 695 17.98 22.36 -0.22
CA SER A 695 18.09 23.41 0.80
C SER A 695 16.78 24.18 0.95
N VAL A 696 16.50 24.62 2.17
CA VAL A 696 15.34 25.45 2.44
C VAL A 696 15.77 26.73 3.15
N VAL A 697 15.43 27.87 2.55
CA VAL A 697 15.73 29.16 3.14
C VAL A 697 14.45 29.91 3.47
N GLY A 698 14.32 30.34 4.72
CA GLY A 698 13.12 31.04 5.17
C GLY A 698 12.95 30.95 6.67
N LYS A 699 12.21 31.90 7.25
CA LYS A 699 12.03 31.92 8.69
C LYS A 699 10.82 31.08 9.13
N GLY A 700 10.90 30.55 10.35
CA GLY A 700 9.79 29.82 10.94
C GLY A 700 9.77 28.33 10.66
N THR A 701 8.76 27.65 11.17
CA THR A 701 8.60 26.23 10.98
C THR A 701 7.87 25.98 9.66
N PHE A 702 8.30 24.95 8.94
CA PHE A 702 7.68 24.57 7.68
C PHE A 702 7.10 23.17 7.79
N LYS A 703 6.02 22.92 7.05
CA LYS A 703 5.46 21.59 6.95
C LYS A 703 5.90 20.96 5.63
N PHE A 704 6.57 19.82 5.71
CA PHE A 704 7.14 19.15 4.55
C PHE A 704 6.29 17.98 4.07
N VAL A 705 6.12 17.88 2.75
CA VAL A 705 5.56 16.68 2.15
C VAL A 705 6.43 16.26 0.98
N MET A 706 7.17 15.16 1.14
CA MET A 706 8.08 14.64 0.13
C MET A 706 7.45 13.41 -0.50
N THR A 707 7.24 13.43 -1.80
CA THR A 707 6.57 12.33 -2.48
C THR A 707 7.50 11.52 -3.39
N ASP A 708 6.95 10.50 -4.03
CA ASP A 708 7.71 9.66 -4.96
C ASP A 708 8.85 8.93 -4.28
N LEU A 709 8.67 8.62 -2.99
CA LEU A 709 9.71 7.97 -2.22
C LEU A 709 9.46 6.47 -2.13
N LEU A 710 10.54 5.70 -2.00
CA LEU A 710 10.45 4.25 -1.86
C LEU A 710 9.98 3.89 -0.44
N PRO A 711 8.82 3.22 -0.35
CA PRO A 711 8.33 2.82 0.96
C PRO A 711 9.42 2.14 1.78
N GLY A 712 9.54 2.54 3.04
CA GLY A 712 10.57 2.02 3.91
C GLY A 712 10.96 3.03 4.95
N THR A 713 12.05 2.75 5.67
CA THR A 713 12.54 3.67 6.70
C THR A 713 13.53 4.67 6.11
N TRP A 714 13.19 5.95 6.23
CA TRP A 714 14.07 7.01 5.79
C TRP A 714 14.70 7.72 6.98
N GLN A 715 15.87 8.31 6.76
CA GLN A 715 16.51 9.14 7.77
C GLN A 715 16.67 10.56 7.25
N VAL A 716 16.34 11.53 8.10
CA VAL A 716 16.42 12.93 7.72
C VAL A 716 17.49 13.66 8.51
N LEU A 717 18.41 14.28 7.80
CA LEU A 717 19.43 15.12 8.41
C LEU A 717 19.30 16.54 7.87
N LYS A 718 19.70 17.52 8.68
CA LYS A 718 19.88 18.87 8.15
C LYS A 718 21.12 19.52 8.74
N ASP A 719 21.84 20.24 7.89
CA ASP A 719 23.09 20.89 8.28
C ASP A 719 24.07 19.83 8.79
N GLY A 720 23.92 18.61 8.31
CA GLY A 720 24.85 17.53 8.62
C GLY A 720 24.55 16.77 9.90
N LYS A 721 23.47 17.16 10.57
CA LYS A 721 23.11 16.52 11.85
C LYS A 721 21.79 15.78 11.74
N ILE A 722 21.65 14.74 12.55
CA ILE A 722 20.40 13.98 12.58
C ILE A 722 19.24 14.86 13.02
N LEU A 723 18.22 14.95 12.18
CA LEU A 723 16.99 15.62 12.56
C LEU A 723 15.99 14.55 12.96
N TYR A 724 15.68 13.66 12.02
CA TYR A 724 14.80 12.53 12.28
C TYR A 724 15.52 11.22 12.01
N PRO A 725 15.84 10.46 13.07
CA PRO A 725 16.59 9.21 12.98
C PRO A 725 15.92 8.17 12.09
N ALA A 726 14.59 8.11 12.14
CA ALA A 726 13.85 7.16 11.33
C ALA A 726 12.39 7.56 11.14
N LEU A 727 11.99 7.76 9.88
CA LEU A 727 10.59 7.97 9.53
C LEU A 727 10.17 6.93 8.49
N SER A 728 8.87 6.68 8.40
CA SER A 728 8.36 5.63 7.52
C SER A 728 7.54 6.19 6.36
N ALA A 729 8.03 5.98 5.15
CA ALA A 729 7.22 6.26 3.96
C ALA A 729 6.38 5.03 3.64
N LYS A 730 5.07 5.20 3.56
CA LYS A 730 4.16 4.09 3.35
C LYS A 730 3.88 3.89 1.87
N GLY A 731 3.38 2.71 1.52
CA GLY A 731 3.16 2.35 0.12
C GLY A 731 2.08 3.13 -0.59
N ASP A 732 0.97 3.43 0.09
CA ASP A 732 -0.16 4.06 -0.59
C ASP A 732 0.13 5.48 -1.07
N ASP A 733 0.92 6.22 -0.29
CA ASP A 733 1.27 7.59 -0.68
C ASP A 733 2.72 7.78 -1.07
N GLY A 734 3.57 6.81 -0.72
CA GLY A 734 5.00 6.91 -0.98
C GLY A 734 5.54 8.26 -0.53
N ALA A 735 5.12 8.71 0.64
CA ALA A 735 5.44 10.05 1.09
C ALA A 735 6.03 10.11 2.50
N LEU A 736 6.77 11.17 2.78
CA LEU A 736 7.21 11.48 4.13
C LEU A 736 6.59 12.81 4.53
N TYR A 737 6.23 12.93 5.78
CA TYR A 737 5.75 14.21 6.28
C TYR A 737 6.31 14.53 7.66
N PHE A 738 6.74 15.77 7.84
CA PHE A 738 7.36 16.21 9.08
C PHE A 738 7.49 17.72 9.06
N GLU A 739 7.76 18.30 10.23
CA GLU A 739 8.00 19.72 10.36
C GLU A 739 9.49 19.99 10.55
N GLY A 740 9.92 21.20 10.19
CA GLY A 740 11.32 21.57 10.31
C GLY A 740 11.53 23.03 9.97
N THR A 741 12.67 23.56 10.36
CA THR A 741 13.04 24.93 10.03
C THR A 741 14.01 24.92 8.86
N GLU A 742 14.49 26.10 8.44
CA GLU A 742 15.39 26.18 7.30
C GLU A 742 16.71 25.44 7.55
N GLY A 743 17.43 25.15 6.48
CA GLY A 743 18.70 24.45 6.57
C GLY A 743 18.94 23.58 5.36
N THR A 744 20.03 22.81 5.39
CA THR A 744 20.35 21.92 4.28
C THR A 744 19.92 20.48 4.60
N TYR A 745 18.93 20.00 3.86
CA TYR A 745 18.32 18.71 4.15
C TYR A 745 18.89 17.58 3.30
N ARG A 746 19.09 16.43 3.94
CA ARG A 746 19.57 15.24 3.25
C ARG A 746 18.71 14.06 3.71
N PHE A 747 18.33 13.21 2.75
CA PHE A 747 17.45 12.09 3.06
C PHE A 747 18.12 10.76 2.69
N LEU A 748 18.09 9.82 3.63
CA LEU A 748 18.78 8.55 3.44
C LEU A 748 17.81 7.38 3.43
N ARG A 749 18.04 6.44 2.52
CA ARG A 749 17.19 5.26 2.39
C ARG A 749 18.02 4.00 2.20
N ASP B 7 37.22 9.23 -10.95
CA ASP B 7 37.05 7.78 -10.68
C ASP B 7 37.52 6.91 -11.84
N VAL B 8 37.28 5.61 -11.70
CA VAL B 8 37.79 4.61 -12.64
C VAL B 8 36.84 4.42 -13.83
N VAL B 9 37.32 3.71 -14.86
CA VAL B 9 36.49 3.37 -16.00
C VAL B 9 35.74 2.07 -15.75
N TRP B 10 34.46 2.04 -16.13
CA TRP B 10 33.65 0.84 -15.98
C TRP B 10 33.47 0.17 -17.34
N LYS B 11 33.73 -1.13 -17.37
CA LYS B 11 33.73 -1.89 -18.61
C LYS B 11 33.06 -3.25 -18.42
N ASP B 12 32.44 -3.73 -19.49
CA ASP B 12 31.72 -5.00 -19.52
C ASP B 12 32.69 -6.18 -19.62
N VAL B 13 32.87 -6.93 -18.54
CA VAL B 13 33.77 -8.09 -18.58
C VAL B 13 33.06 -9.41 -18.32
N ASP B 14 32.91 -10.22 -19.36
CA ASP B 14 32.19 -11.48 -19.25
C ASP B 14 30.69 -11.31 -19.07
N GLY B 15 30.14 -10.24 -19.62
CA GLY B 15 28.69 -10.02 -19.56
C GLY B 15 28.22 -9.18 -18.38
N VAL B 16 29.12 -8.44 -17.73
CA VAL B 16 28.74 -7.62 -16.57
C VAL B 16 29.55 -6.31 -16.53
N SER B 17 28.91 -5.27 -16.01
CA SER B 17 29.54 -3.96 -15.88
C SER B 17 30.37 -3.93 -14.60
N MET B 18 31.64 -3.60 -14.75
CA MET B 18 32.60 -3.72 -13.65
C MET B 18 33.60 -2.58 -13.74
N PRO B 19 34.07 -2.09 -12.59
CA PRO B 19 35.11 -1.08 -12.63
C PRO B 19 36.48 -1.70 -12.92
N ILE B 20 37.29 -0.97 -13.68
CA ILE B 20 38.64 -1.42 -14.00
C ILE B 20 39.62 -0.71 -13.07
N PRO B 21 40.54 -1.48 -12.46
CA PRO B 21 41.54 -0.86 -11.62
C PRO B 21 42.35 0.17 -12.39
N PRO B 22 42.55 1.36 -11.79
CA PRO B 22 43.26 2.46 -12.45
C PRO B 22 44.74 2.15 -12.65
N LYS B 23 45.32 2.66 -13.74
CA LYS B 23 46.74 2.47 -14.01
C LYS B 23 47.58 3.36 -13.10
N THR B 24 47.58 3.04 -11.81
CA THR B 24 48.28 3.85 -10.82
C THR B 24 48.46 3.03 -9.55
N HIS B 25 49.54 3.30 -8.82
CA HIS B 25 49.79 2.65 -7.55
C HIS B 25 50.17 3.75 -6.58
N PRO B 26 49.74 3.63 -5.32
CA PRO B 26 48.91 2.54 -4.82
C PRO B 26 47.45 2.67 -5.23
N ARG B 27 46.74 1.56 -5.22
CA ARG B 27 45.30 1.55 -5.46
C ARG B 27 44.62 0.56 -4.53
N LEU B 28 45.40 -0.05 -3.63
CA LEU B 28 44.88 -0.99 -2.65
C LEU B 28 44.69 -0.28 -1.31
N TYR B 29 43.44 -0.11 -0.90
CA TYR B 29 43.09 0.49 0.39
C TYR B 29 43.26 2.01 0.41
N LEU B 30 43.92 2.56 -0.60
CA LEU B 30 44.03 4.02 -0.75
C LEU B 30 44.72 4.38 -2.05
N ARG B 31 44.59 5.64 -2.44
CA ARG B 31 45.24 6.17 -3.63
C ARG B 31 46.24 7.24 -3.23
N GLU B 32 47.02 7.72 -4.19
CA GLU B 32 47.99 8.78 -3.96
C GLU B 32 47.49 9.87 -3.01
N GLN B 33 46.29 10.38 -3.28
CA GLN B 33 45.79 11.54 -2.56
C GLN B 33 45.63 11.37 -1.05
N GLN B 34 45.39 10.14 -0.60
CA GLN B 34 45.28 9.91 0.85
C GLN B 34 46.63 9.66 1.52
N VAL B 35 47.67 9.44 0.71
CA VAL B 35 49.00 9.17 1.26
C VAL B 35 49.56 10.27 2.16
N PRO B 36 49.39 11.55 1.76
CA PRO B 36 49.92 12.60 2.63
C PRO B 36 49.20 12.69 3.97
N ASP B 37 48.00 12.12 4.05
CA ASP B 37 47.21 12.18 5.27
C ASP B 37 47.71 11.18 6.32
N LEU B 38 48.46 10.18 5.87
CA LEU B 38 48.97 9.14 6.77
C LEU B 38 49.83 9.73 7.89
N LYS B 39 50.57 10.79 7.58
CA LYS B 39 51.37 11.50 8.58
C LYS B 39 50.47 12.06 9.68
N ASN B 40 49.34 12.62 9.28
CA ASN B 40 48.38 13.18 10.23
C ASN B 40 47.70 12.11 11.07
N ARG B 41 47.30 11.02 10.42
CA ARG B 41 46.68 9.90 11.12
C ARG B 41 47.67 9.30 12.13
N MET B 42 48.94 9.31 11.77
CA MET B 42 50.00 8.85 12.66
C MET B 42 50.05 9.71 13.92
N ASN B 43 49.87 11.00 13.76
CA ASN B 43 49.91 11.95 14.88
C ASN B 43 48.57 12.12 15.59
N ASP B 44 47.54 11.42 15.10
CA ASP B 44 46.23 11.47 15.71
C ASP B 44 46.22 10.69 17.02
N PRO B 45 45.96 11.37 18.14
CA PRO B 45 45.90 10.71 19.44
C PRO B 45 45.10 9.40 19.36
N LYS B 46 43.84 9.50 18.94
CA LYS B 46 42.98 8.33 18.85
C LYS B 46 43.62 7.17 18.08
N LEU B 47 44.49 7.48 17.13
CA LEU B 47 45.02 6.46 16.22
C LEU B 47 46.44 6.08 16.56
N LYS B 48 46.89 6.44 17.75
CA LYS B 48 48.27 6.12 18.06
C LYS B 48 48.42 4.96 19.02
N LYS B 49 47.39 4.73 19.83
CA LYS B 49 47.26 3.42 20.49
C LYS B 49 47.25 2.29 19.45
N VAL B 50 46.43 2.44 18.42
CA VAL B 50 46.33 1.43 17.36
C VAL B 50 47.66 1.24 16.60
N TRP B 51 48.44 2.30 16.49
CA TRP B 51 49.75 2.18 15.83
C TRP B 51 50.73 1.49 16.77
N ALA B 52 50.65 1.83 18.06
CA ALA B 52 51.48 1.18 19.06
C ALA B 52 51.17 -0.31 19.11
N ASP B 53 49.88 -0.65 19.04
CA ASP B 53 49.46 -2.04 18.99
C ASP B 53 50.19 -2.75 17.86
N MET B 54 50.19 -2.13 16.67
CA MET B 54 50.80 -2.74 15.49
C MET B 54 52.31 -2.92 15.66
N ILE B 55 52.95 -2.02 16.40
CA ILE B 55 54.37 -2.15 16.68
C ILE B 55 54.63 -3.38 17.54
N LYS B 56 53.69 -3.64 18.45
CA LYS B 56 53.81 -4.78 19.35
C LYS B 56 53.53 -6.10 18.65
N MET B 57 52.64 -6.06 17.67
CA MET B 57 52.32 -7.25 16.87
C MET B 57 53.52 -7.73 16.07
N GLN B 58 54.49 -6.85 15.89
CA GLN B 58 55.70 -7.18 15.13
C GLN B 58 56.47 -8.31 15.81
N GLU B 59 56.27 -8.46 17.11
CA GLU B 59 56.92 -9.53 17.87
C GLU B 59 56.36 -10.89 17.49
N ASP B 60 57.25 -11.86 17.32
CA ASP B 60 56.85 -13.22 16.97
C ASP B 60 56.14 -13.92 18.13
N TRP B 61 55.36 -14.94 17.81
CA TRP B 61 54.77 -15.80 18.82
C TRP B 61 55.86 -16.35 19.74
N LYS B 62 55.48 -16.66 20.98
CA LYS B 62 56.37 -17.34 21.89
C LYS B 62 56.05 -18.83 21.87
N PRO B 63 57.06 -19.66 21.56
CA PRO B 63 56.86 -21.10 21.38
C PRO B 63 55.92 -21.68 22.43
N ALA B 64 55.94 -21.11 23.63
CA ALA B 64 55.14 -21.64 24.74
C ALA B 64 53.68 -21.25 24.58
N ASP B 65 53.36 -20.54 23.50
CA ASP B 65 52.01 -20.07 23.28
C ASP B 65 51.48 -20.51 21.91
N ILE B 66 52.36 -21.05 21.08
CA ILE B 66 51.97 -21.49 19.76
C ILE B 66 51.20 -22.82 19.78
N PRO B 67 49.89 -22.77 19.49
CA PRO B 67 49.08 -23.99 19.53
C PRO B 67 49.65 -25.01 18.57
N GLU B 68 49.19 -26.26 18.66
CA GLU B 68 49.67 -27.33 17.74
C GLU B 68 48.79 -27.30 16.51
N VAL B 69 47.54 -26.95 16.74
CA VAL B 69 46.63 -26.76 15.63
C VAL B 69 46.53 -25.25 15.43
N LYS B 70 47.15 -24.77 14.37
CA LYS B 70 47.06 -23.37 14.03
C LYS B 70 45.86 -23.17 13.12
N ASP B 71 44.71 -22.84 13.71
CA ASP B 71 43.50 -22.57 12.95
C ASP B 71 43.42 -21.07 12.64
N PHE B 72 42.26 -20.61 12.19
CA PHE B 72 42.11 -19.21 11.80
C PHE B 72 42.44 -18.23 12.94
N ARG B 73 42.14 -18.63 14.16
CA ARG B 73 42.43 -17.79 15.34
C ARG B 73 43.92 -17.50 15.49
N PHE B 74 44.76 -18.43 15.07
CA PHE B 74 46.21 -18.27 15.16
C PHE B 74 46.71 -17.21 14.19
N TYR B 75 46.04 -17.08 13.05
CA TYR B 75 46.45 -16.14 12.02
C TYR B 75 45.78 -14.79 12.20
N PHE B 76 44.51 -14.81 12.60
CA PHE B 76 43.76 -13.58 12.84
C PHE B 76 44.36 -12.80 14.02
N ASN B 77 44.98 -13.54 14.94
CA ASN B 77 45.81 -12.94 15.98
C ASN B 77 47.22 -12.72 15.40
N GLN B 78 47.29 -11.88 14.37
CA GLN B 78 48.48 -11.75 13.53
C GLN B 78 49.71 -11.22 14.27
N LYS B 79 50.80 -11.97 14.16
CA LYS B 79 52.05 -11.58 14.79
C LYS B 79 53.26 -11.86 13.89
N GLY B 80 54.35 -11.16 14.13
CA GLY B 80 55.63 -11.48 13.51
C GLY B 80 55.89 -10.92 12.13
N LEU B 81 56.53 -11.73 11.29
CA LEU B 81 56.99 -11.30 9.97
C LEU B 81 55.97 -10.54 9.13
N THR B 82 54.78 -11.10 8.97
CA THR B 82 53.79 -10.48 8.10
C THR B 82 53.41 -9.08 8.56
N VAL B 83 53.34 -8.87 9.88
CA VAL B 83 53.08 -7.54 10.42
C VAL B 83 54.25 -6.61 10.12
N ARG B 84 55.47 -7.12 10.28
CA ARG B 84 56.66 -6.34 10.02
C ARG B 84 56.74 -5.82 8.58
N VAL B 85 56.48 -6.70 7.62
CA VAL B 85 56.53 -6.29 6.21
C VAL B 85 55.42 -5.30 5.86
N GLU B 86 54.25 -5.45 6.50
CA GLU B 86 53.15 -4.54 6.26
C GLU B 86 53.51 -3.12 6.73
N LEU B 87 54.24 -3.03 7.84
CA LEU B 87 54.65 -1.74 8.37
C LEU B 87 55.82 -1.14 7.58
N MET B 88 56.60 -1.99 6.92
CA MET B 88 57.63 -1.51 6.00
C MET B 88 56.96 -0.90 4.78
N ALA B 89 55.97 -1.61 4.25
CA ALA B 89 55.23 -1.11 3.10
C ALA B 89 54.61 0.23 3.45
N LEU B 90 53.97 0.29 4.61
CA LEU B 90 53.38 1.53 5.10
C LEU B 90 54.41 2.65 5.23
N ASN B 91 55.57 2.33 5.78
CA ASN B 91 56.64 3.30 5.91
C ASN B 91 57.14 3.78 4.55
N TYR B 92 57.24 2.87 3.59
CA TYR B 92 57.64 3.25 2.24
C TYR B 92 56.60 4.20 1.63
N LEU B 93 55.33 3.94 1.88
CA LEU B 93 54.27 4.84 1.44
C LEU B 93 54.54 6.25 1.94
N MET B 94 55.01 6.36 3.17
CA MET B 94 55.10 7.64 3.85
C MET B 94 56.44 8.36 3.69
N THR B 95 57.44 7.64 3.19
CA THR B 95 58.77 8.22 3.05
C THR B 95 59.34 8.01 1.65
N LYS B 96 58.86 6.97 0.97
CA LYS B 96 59.35 6.62 -0.36
C LYS B 96 60.87 6.41 -0.40
N ASP B 97 61.44 6.01 0.73
CA ASP B 97 62.85 5.63 0.79
C ASP B 97 63.00 4.29 0.05
N PRO B 98 63.68 4.31 -1.11
CA PRO B 98 63.79 3.13 -1.96
C PRO B 98 64.10 1.84 -1.20
N LYS B 99 65.07 1.88 -0.28
CA LYS B 99 65.51 0.66 0.39
C LYS B 99 64.47 0.07 1.36
N VAL B 100 63.56 0.91 1.86
CA VAL B 100 62.46 0.42 2.68
C VAL B 100 61.53 -0.44 1.84
N GLY B 101 61.23 0.01 0.63
CA GLY B 101 60.41 -0.77 -0.30
C GLY B 101 61.10 -2.06 -0.66
N ARG B 102 62.42 -2.02 -0.77
CA ARG B 102 63.20 -3.22 -1.07
C ARG B 102 63.13 -4.22 0.08
N GLU B 103 63.29 -3.73 1.31
CA GLU B 103 63.22 -4.62 2.46
C GLU B 103 61.87 -5.31 2.53
N ALA B 104 60.80 -4.54 2.33
CA ALA B 104 59.45 -5.10 2.31
C ALA B 104 59.36 -6.26 1.31
N ILE B 105 59.77 -5.98 0.08
CA ILE B 105 59.65 -6.97 -0.98
C ILE B 105 60.49 -8.23 -0.72
N THR B 106 61.76 -8.03 -0.38
CA THR B 106 62.68 -9.14 -0.19
C THR B 106 62.37 -9.97 1.06
N SER B 107 61.74 -9.34 2.05
CA SER B 107 61.40 -10.01 3.29
C SER B 107 60.21 -10.95 3.14
N ILE B 108 59.37 -10.72 2.13
CA ILE B 108 58.13 -11.47 1.99
C ILE B 108 58.12 -12.43 0.81
N ILE B 109 58.94 -12.16 -0.19
CA ILE B 109 58.86 -12.87 -1.46
C ILE B 109 59.05 -14.37 -1.29
N ASP B 110 60.07 -14.77 -0.52
CA ASP B 110 60.40 -16.19 -0.44
C ASP B 110 59.40 -16.97 0.36
N THR B 111 59.06 -16.42 1.52
CA THR B 111 57.97 -16.99 2.35
C THR B 111 56.65 -17.15 1.58
N LEU B 112 56.32 -16.14 0.78
CA LEU B 112 55.09 -16.15 -0.01
C LEU B 112 55.09 -17.32 -0.99
N GLU B 113 56.27 -17.60 -1.55
CA GLU B 113 56.42 -18.66 -2.55
C GLU B 113 56.29 -20.06 -1.98
N THR B 114 56.66 -20.22 -0.70
CA THR B 114 56.86 -21.55 -0.14
C THR B 114 55.93 -21.88 1.03
N ALA B 115 55.23 -20.87 1.53
CA ALA B 115 54.33 -21.06 2.66
C ALA B 115 53.40 -22.27 2.47
N THR B 116 53.31 -23.10 3.51
CA THR B 116 52.40 -24.25 3.50
C THR B 116 51.44 -24.15 4.69
N PHE B 117 50.25 -24.71 4.54
CA PHE B 117 49.21 -24.60 5.57
C PHE B 117 48.55 -25.94 5.89
N LYS B 118 48.88 -26.51 7.05
CA LYS B 118 48.25 -27.74 7.50
C LYS B 118 46.74 -27.55 7.64
N PRO B 119 45.95 -28.55 7.20
CA PRO B 119 44.50 -28.52 7.33
C PRO B 119 44.05 -28.22 8.76
N ALA B 120 43.11 -27.30 8.91
CA ALA B 120 42.59 -26.93 10.22
C ALA B 120 41.36 -26.04 10.07
N GLY B 121 40.68 -25.77 11.18
CA GLY B 121 39.46 -24.98 11.17
C GLY B 121 39.56 -23.67 10.41
N ASP B 122 38.89 -23.60 9.26
CA ASP B 122 38.82 -22.39 8.45
C ASP B 122 40.19 -21.87 8.00
N ILE B 123 41.10 -22.80 7.73
CA ILE B 123 42.46 -22.45 7.32
C ILE B 123 42.52 -21.42 6.18
N SER B 124 41.48 -21.40 5.34
CA SER B 124 41.43 -20.45 4.21
C SER B 124 41.54 -19.01 4.70
N ARG B 125 41.19 -18.79 5.96
CA ARG B 125 41.27 -17.47 6.57
C ARG B 125 42.71 -17.09 6.84
N GLY B 126 43.51 -18.06 7.24
CA GLY B 126 44.93 -17.83 7.45
C GLY B 126 45.64 -17.64 6.12
N ILE B 127 45.32 -18.50 5.17
CA ILE B 127 45.87 -18.42 3.84
C ILE B 127 45.58 -17.07 3.19
N GLY B 128 44.31 -16.66 3.23
CA GLY B 128 43.90 -15.41 2.62
C GLY B 128 44.57 -14.19 3.23
N LEU B 129 44.77 -14.22 4.54
CA LEU B 129 45.46 -13.14 5.25
C LEU B 129 46.91 -13.03 4.79
N PHE B 130 47.51 -14.18 4.49
CA PHE B 130 48.88 -14.23 4.01
C PHE B 130 48.97 -13.62 2.61
N MET B 131 47.91 -13.80 1.84
CA MET B 131 47.83 -13.22 0.49
C MET B 131 47.68 -11.70 0.58
N VAL B 132 46.94 -11.23 1.58
CA VAL B 132 46.73 -9.80 1.77
C VAL B 132 48.06 -9.09 2.05
N THR B 133 48.89 -9.69 2.90
CA THR B 133 50.21 -9.13 3.18
C THR B 133 51.01 -8.97 1.89
N GLY B 134 51.00 -10.01 1.07
CA GLY B 134 51.66 -9.96 -0.23
C GLY B 134 51.11 -8.87 -1.13
N ALA B 135 49.78 -8.72 -1.11
CA ALA B 135 49.10 -7.71 -1.92
C ALA B 135 49.50 -6.29 -1.50
N ILE B 136 49.54 -6.06 -0.19
CA ILE B 136 49.93 -4.78 0.37
C ILE B 136 51.33 -4.37 -0.11
N VAL B 137 52.28 -5.28 -0.03
CA VAL B 137 53.64 -5.00 -0.48
C VAL B 137 53.68 -4.74 -1.99
N TYR B 138 53.10 -5.67 -2.74
CA TYR B 138 53.08 -5.57 -4.20
C TYR B 138 52.59 -4.19 -4.67
N ASP B 139 51.46 -3.76 -4.13
CA ASP B 139 50.85 -2.50 -4.55
C ASP B 139 51.56 -1.28 -4.00
N TRP B 140 51.80 -1.28 -2.69
CA TRP B 140 52.40 -0.12 -2.01
C TRP B 140 53.87 0.12 -2.39
N CYS B 141 54.56 -0.95 -2.77
CA CYS B 141 55.97 -0.87 -3.13
C CYS B 141 56.17 -1.24 -4.60
N TYR B 142 55.13 -1.02 -5.39
CA TYR B 142 55.14 -1.45 -6.79
C TYR B 142 56.32 -0.93 -7.62
N ASP B 143 56.66 0.35 -7.46
CA ASP B 143 57.74 0.93 -8.26
C ASP B 143 59.13 0.45 -7.84
N GLN B 144 59.18 -0.35 -6.78
CA GLN B 144 60.42 -0.96 -6.35
C GLN B 144 60.55 -2.41 -6.84
N LEU B 145 59.46 -2.95 -7.39
CA LEU B 145 59.45 -4.33 -7.87
C LEU B 145 60.30 -4.51 -9.12
N LYS B 146 61.18 -5.52 -9.09
CA LYS B 146 61.92 -5.92 -10.28
C LYS B 146 61.01 -6.75 -11.18
N PRO B 147 61.27 -6.74 -12.49
CA PRO B 147 60.42 -7.49 -13.42
C PRO B 147 60.30 -8.98 -13.05
N GLU B 148 61.40 -9.63 -12.66
CA GLU B 148 61.34 -11.06 -12.29
C GLU B 148 60.57 -11.26 -11.00
N GLU B 149 60.67 -10.30 -10.09
CA GLU B 149 59.97 -10.36 -8.82
C GLU B 149 58.46 -10.27 -9.04
N LYS B 150 58.05 -9.50 -10.05
CA LYS B 150 56.65 -9.40 -10.39
C LYS B 150 56.09 -10.77 -10.77
N THR B 151 56.80 -11.47 -11.64
CA THR B 151 56.37 -12.80 -12.09
C THR B 151 56.31 -13.79 -10.92
N ARG B 152 57.31 -13.72 -10.05
CA ARG B 152 57.36 -14.59 -8.88
C ARG B 152 56.16 -14.35 -7.95
N PHE B 153 55.85 -13.10 -7.68
CA PHE B 153 54.69 -12.76 -6.88
C PHE B 153 53.43 -13.38 -7.49
N VAL B 154 53.17 -13.04 -8.75
CA VAL B 154 52.00 -13.56 -9.46
C VAL B 154 51.85 -15.07 -9.26
N LYS B 155 52.91 -15.80 -9.56
CA LYS B 155 52.88 -17.26 -9.42
C LYS B 155 52.53 -17.68 -8.00
N ALA B 156 53.17 -17.04 -7.02
CA ALA B 156 52.90 -17.33 -5.62
C ALA B 156 51.43 -17.03 -5.26
N PHE B 157 50.91 -15.93 -5.76
CA PHE B 157 49.52 -15.54 -5.49
C PHE B 157 48.54 -16.57 -6.01
N VAL B 158 48.84 -17.12 -7.20
CA VAL B 158 48.00 -18.15 -7.80
C VAL B 158 48.06 -19.45 -6.99
N ARG B 159 49.28 -19.82 -6.58
CA ARG B 159 49.48 -21.01 -5.76
C ARG B 159 48.64 -20.96 -4.50
N LEU B 160 48.66 -19.81 -3.82
CA LEU B 160 47.91 -19.61 -2.59
C LEU B 160 46.40 -19.61 -2.82
N ALA B 161 45.96 -18.97 -3.89
CA ALA B 161 44.54 -18.85 -4.19
C ALA B 161 43.90 -20.21 -4.47
N LYS B 162 44.70 -21.12 -5.03
CA LYS B 162 44.21 -22.46 -5.32
C LYS B 162 43.90 -23.25 -4.05
N MET B 163 44.41 -22.76 -2.92
CA MET B 163 44.22 -23.42 -1.64
C MET B 163 42.88 -23.06 -0.98
N LEU B 164 42.30 -21.93 -1.38
CA LEU B 164 41.06 -21.44 -0.78
C LEU B 164 39.86 -22.34 -1.05
N GLU B 165 38.89 -22.32 -0.13
CA GLU B 165 37.69 -23.14 -0.26
C GLU B 165 36.92 -22.84 -1.54
N CYS B 166 36.93 -21.58 -1.95
CA CYS B 166 36.20 -21.19 -3.15
C CYS B 166 36.96 -21.68 -4.37
N GLY B 167 38.20 -22.07 -4.16
CA GLY B 167 39.05 -22.56 -5.25
C GLY B 167 39.59 -21.44 -6.13
N TYR B 168 40.30 -21.80 -7.18
CA TYR B 168 40.75 -20.83 -8.16
C TYR B 168 40.90 -21.47 -9.52
N PRO B 169 40.02 -21.11 -10.46
CA PRO B 169 39.05 -20.03 -10.30
C PRO B 169 38.17 -20.18 -9.06
N PRO B 170 37.57 -19.07 -8.62
CA PRO B 170 36.68 -19.03 -7.46
C PRO B 170 35.29 -19.50 -7.84
N VAL B 171 35.17 -20.78 -8.18
CA VAL B 171 33.92 -21.33 -8.70
C VAL B 171 33.20 -22.23 -7.68
N LYS B 172 33.68 -22.20 -6.43
CA LYS B 172 33.13 -23.10 -5.42
C LYS B 172 32.38 -22.39 -4.30
N ASP B 173 31.55 -23.14 -3.59
CA ASP B 173 30.76 -22.63 -2.47
C ASP B 173 29.64 -21.69 -2.91
N LYS B 174 29.19 -20.82 -2.00
CA LYS B 174 28.00 -20.00 -2.24
C LYS B 174 28.31 -18.51 -2.20
N SER B 175 27.41 -17.72 -2.78
CA SER B 175 27.66 -16.28 -2.95
C SER B 175 26.78 -15.39 -2.07
N ILE B 176 25.78 -15.97 -1.43
CA ILE B 176 24.95 -15.21 -0.48
C ILE B 176 25.28 -15.60 0.96
N VAL B 177 25.66 -16.86 1.16
CA VAL B 177 26.06 -17.37 2.47
C VAL B 177 27.33 -18.21 2.35
N GLY B 178 27.68 -18.93 3.42
CA GLY B 178 28.81 -19.84 3.38
C GLY B 178 30.17 -19.17 3.41
N ALA B 179 31.22 -19.98 3.30
CA ALA B 179 32.60 -19.50 3.44
C ALA B 179 32.99 -18.48 2.36
N ALA B 180 32.38 -18.57 1.19
CA ALA B 180 32.71 -17.67 0.09
C ALA B 180 32.03 -16.31 0.24
N SER B 181 31.17 -16.20 1.25
CA SER B 181 30.57 -14.93 1.61
C SER B 181 31.31 -14.32 2.80
N GLU B 182 32.53 -14.77 3.01
CA GLU B 182 33.37 -14.25 4.09
C GLU B 182 34.61 -13.53 3.56
N TRP B 183 35.79 -13.87 4.07
CA TRP B 183 37.02 -13.12 3.75
C TRP B 183 37.62 -13.44 2.38
N MET B 184 37.42 -14.66 1.89
CA MET B 184 38.20 -15.17 0.77
C MET B 184 38.05 -14.43 -0.57
N ILE B 185 36.82 -14.07 -0.92
CA ILE B 185 36.61 -13.32 -2.15
C ILE B 185 36.54 -11.82 -1.89
N MET B 186 35.65 -11.42 -1.00
CA MET B 186 35.35 -10.01 -0.79
C MET B 186 36.50 -9.19 -0.18
N ARG B 187 37.42 -9.87 0.50
CA ARG B 187 38.63 -9.20 0.97
C ARG B 187 39.89 -9.69 0.26
N ASP B 188 40.16 -10.99 0.40
CA ASP B 188 41.46 -11.55 0.04
C ASP B 188 41.74 -11.62 -1.47
N LEU B 189 40.92 -12.38 -2.20
CA LEU B 189 41.11 -12.50 -3.65
C LEU B 189 40.99 -11.14 -4.33
N LEU B 190 39.99 -10.36 -3.92
CA LEU B 190 39.78 -9.03 -4.45
C LEU B 190 41.04 -8.17 -4.27
N SER B 191 41.56 -8.17 -3.04
CA SER B 191 42.75 -7.39 -2.71
C SER B 191 43.92 -7.71 -3.63
N VAL B 192 44.18 -9.01 -3.82
CA VAL B 192 45.31 -9.44 -4.63
C VAL B 192 45.05 -9.12 -6.10
N GLY B 193 43.82 -9.37 -6.56
CA GLY B 193 43.43 -9.05 -7.92
C GLY B 193 43.77 -7.63 -8.29
N ILE B 194 43.34 -6.69 -7.46
CA ILE B 194 43.59 -5.27 -7.66
C ILE B 194 45.09 -4.97 -7.73
N ALA B 195 45.85 -5.56 -6.81
CA ALA B 195 47.30 -5.31 -6.73
C ALA B 195 48.05 -5.74 -7.98
N ILE B 196 47.71 -6.91 -8.51
CA ILE B 196 48.47 -7.49 -9.61
C ILE B 196 47.77 -7.36 -10.97
N TYR B 197 46.77 -6.50 -11.04
CA TYR B 197 45.96 -6.36 -12.25
C TYR B 197 46.75 -6.09 -13.51
N ASP B 198 47.75 -5.22 -13.43
CA ASP B 198 48.52 -4.82 -14.61
C ASP B 198 49.35 -5.95 -15.20
N GLU B 199 49.76 -6.89 -14.36
CA GLU B 199 50.58 -8.01 -14.82
C GLU B 199 49.75 -9.27 -15.03
N PHE B 200 48.69 -9.42 -14.24
CA PHE B 200 47.86 -10.62 -14.28
C PHE B 200 46.42 -10.28 -13.94
N PRO B 201 45.69 -9.71 -14.92
CA PRO B 201 44.32 -9.23 -14.72
C PRO B 201 43.30 -10.36 -14.50
N GLU B 202 43.68 -11.58 -14.82
CA GLU B 202 42.76 -12.71 -14.68
C GLU B 202 42.16 -12.81 -13.28
N MET B 203 43.00 -12.71 -12.26
CA MET B 203 42.53 -12.88 -10.88
C MET B 203 41.45 -11.87 -10.51
N TYR B 204 41.68 -10.60 -10.81
CA TYR B 204 40.66 -9.58 -10.57
C TYR B 204 39.41 -9.87 -11.40
N ASN B 205 39.62 -10.06 -12.69
CA ASN B 205 38.52 -10.38 -13.61
C ASN B 205 37.64 -11.51 -13.09
N LEU B 206 38.27 -12.51 -12.46
CA LEU B 206 37.55 -13.67 -11.96
C LEU B 206 36.89 -13.43 -10.61
N ALA B 207 37.63 -12.82 -9.68
CA ALA B 207 37.14 -12.59 -8.33
C ALA B 207 36.11 -11.47 -8.26
N ALA B 208 36.44 -10.31 -8.83
CA ALA B 208 35.51 -9.21 -8.87
C ALA B 208 34.34 -9.58 -9.80
N GLY B 209 34.63 -10.37 -10.82
CA GLY B 209 33.58 -10.84 -11.72
C GLY B 209 32.49 -11.58 -10.95
N ARG B 210 32.88 -12.48 -10.06
CA ARG B 210 31.90 -13.23 -9.27
C ARG B 210 31.18 -12.31 -8.28
N PHE B 211 31.95 -11.42 -7.68
CA PHE B 211 31.38 -10.46 -6.72
C PHE B 211 30.28 -9.64 -7.38
N PHE B 212 30.60 -9.03 -8.52
CA PHE B 212 29.66 -8.17 -9.22
C PHE B 212 28.50 -8.93 -9.84
N LYS B 213 28.76 -10.13 -10.33
CA LYS B 213 27.73 -10.94 -10.96
C LYS B 213 26.79 -11.61 -9.95
N GLU B 214 27.33 -11.97 -8.79
CA GLU B 214 26.57 -12.76 -7.82
C GLU B 214 26.42 -12.06 -6.46
N HIS B 215 27.53 -11.92 -5.74
CA HIS B 215 27.51 -11.35 -4.39
C HIS B 215 26.77 -10.01 -4.31
N LEU B 216 27.14 -9.07 -5.17
CA LEU B 216 26.60 -7.72 -5.16
C LEU B 216 25.10 -7.74 -5.46
N VAL B 217 24.73 -8.50 -6.48
CA VAL B 217 23.33 -8.61 -6.89
C VAL B 217 22.45 -9.09 -5.75
N ALA B 218 22.86 -10.16 -5.08
CA ALA B 218 22.09 -10.73 -3.99
C ALA B 218 21.98 -9.77 -2.80
N ARG B 219 23.05 -9.08 -2.48
CA ARG B 219 23.05 -8.17 -1.34
C ARG B 219 22.24 -6.91 -1.62
N ASN B 220 22.38 -6.37 -2.82
CA ASN B 220 21.60 -5.20 -3.20
C ASN B 220 20.11 -5.50 -3.25
N TRP B 221 19.78 -6.78 -3.35
CA TRP B 221 18.39 -7.23 -3.43
C TRP B 221 17.68 -7.12 -2.07
N PHE B 222 18.38 -7.43 -0.98
CA PHE B 222 17.75 -7.38 0.34
C PHE B 222 18.18 -6.21 1.21
N TYR B 223 19.20 -5.48 0.76
CA TYR B 223 19.72 -4.33 1.51
C TYR B 223 18.65 -3.28 1.85
N PRO B 224 17.78 -2.97 0.88
CA PRO B 224 16.74 -1.95 1.07
C PRO B 224 15.89 -2.13 2.33
N SER B 225 15.80 -3.36 2.83
CA SER B 225 15.02 -3.61 4.05
C SER B 225 15.87 -3.64 5.32
N HIS B 226 17.12 -3.19 5.18
CA HIS B 226 18.01 -2.91 6.31
C HIS B 226 18.13 -4.03 7.32
N ASN B 227 18.41 -5.24 6.86
CA ASN B 227 18.64 -6.35 7.77
C ASN B 227 19.50 -7.43 7.14
N TYR B 228 19.88 -8.43 7.94
CA TYR B 228 20.67 -9.54 7.45
C TYR B 228 20.02 -10.85 7.88
N HIS B 229 20.43 -11.95 7.27
CA HIS B 229 19.67 -13.20 7.34
C HIS B 229 20.38 -14.36 8.02
N GLN B 230 21.57 -14.13 8.58
CA GLN B 230 22.38 -15.23 9.10
C GLN B 230 22.41 -15.35 10.63
N GLY B 231 21.55 -14.59 11.31
CA GLY B 231 21.50 -14.64 12.77
C GLY B 231 22.36 -13.58 13.41
N MET B 232 22.28 -13.46 14.73
CA MET B 232 22.90 -12.34 15.42
C MET B 232 24.41 -12.47 15.68
N SER B 233 24.98 -13.61 15.32
CA SER B 233 26.43 -13.81 15.45
C SER B 233 27.12 -13.72 14.10
N ALA B 234 26.69 -14.55 13.15
CA ALA B 234 27.28 -14.56 11.81
C ALA B 234 27.24 -13.17 11.17
N LEU B 235 26.36 -12.32 11.69
CA LEU B 235 26.29 -10.92 11.27
C LEU B 235 27.68 -10.28 11.28
N ASN B 236 28.47 -10.58 12.31
CA ASN B 236 29.83 -10.04 12.40
C ASN B 236 30.68 -10.37 11.18
N VAL B 237 31.04 -11.63 11.03
CA VAL B 237 31.93 -12.04 9.94
C VAL B 237 31.32 -11.76 8.58
N ARG B 238 30.08 -12.16 8.40
CA ARG B 238 29.42 -12.02 7.10
C ARG B 238 29.31 -10.56 6.67
N PHE B 239 28.74 -9.71 7.53
CA PHE B 239 28.56 -8.31 7.18
C PHE B 239 29.88 -7.55 7.13
N THR B 240 30.80 -7.88 8.03
CA THR B 240 32.11 -7.26 8.02
C THR B 240 32.71 -7.35 6.62
N ASN B 241 32.54 -8.48 5.97
CA ASN B 241 33.13 -8.69 4.65
C ASN B 241 32.44 -7.96 3.51
N ASP B 242 31.12 -7.82 3.58
CA ASP B 242 30.41 -6.92 2.68
C ASP B 242 31.06 -5.54 2.78
N LEU B 243 31.39 -5.15 4.00
CA LEU B 243 31.95 -3.83 4.26
C LEU B 243 33.41 -3.70 3.82
N PHE B 244 34.11 -4.83 3.73
CA PHE B 244 35.46 -4.80 3.17
C PHE B 244 35.42 -4.52 1.67
N ALA B 245 34.58 -5.25 0.96
CA ALA B 245 34.41 -5.01 -0.48
C ALA B 245 34.03 -3.55 -0.74
N LEU B 246 33.15 -3.05 0.10
CA LEU B 246 32.73 -1.67 0.08
C LEU B 246 33.90 -0.70 0.15
N TRP B 247 34.73 -0.88 1.17
CA TRP B 247 35.89 -0.01 1.36
C TRP B 247 36.95 -0.20 0.29
N ILE B 248 37.23 -1.44 -0.09
CA ILE B 248 38.27 -1.76 -1.06
C ILE B 248 37.98 -1.16 -2.44
N LEU B 249 36.76 -1.33 -2.93
CA LEU B 249 36.41 -0.83 -4.25
C LEU B 249 36.23 0.68 -4.25
N ASP B 250 35.75 1.22 -3.13
CA ASP B 250 35.65 2.67 -2.99
C ASP B 250 37.03 3.30 -3.05
N ARG B 251 37.92 2.82 -2.20
CA ARG B 251 39.29 3.34 -2.15
C ARG B 251 40.05 3.09 -3.45
N MET B 252 39.63 2.07 -4.21
CA MET B 252 40.23 1.84 -5.52
C MET B 252 39.85 2.94 -6.48
N GLY B 253 38.67 3.53 -6.28
CA GLY B 253 38.20 4.65 -7.09
C GLY B 253 36.88 4.40 -7.80
N ALA B 254 36.15 3.38 -7.34
CA ALA B 254 34.90 2.97 -7.98
C ALA B 254 33.67 3.49 -7.24
N GLY B 255 33.89 4.32 -6.24
CA GLY B 255 32.79 4.85 -5.42
C GLY B 255 32.12 3.75 -4.62
N ASN B 256 30.86 3.97 -4.27
CA ASN B 256 30.07 2.97 -3.53
C ASN B 256 29.31 2.07 -4.49
N VAL B 257 29.63 0.77 -4.44
CA VAL B 257 29.00 -0.19 -5.34
C VAL B 257 27.75 -0.85 -4.75
N PHE B 258 27.58 -0.71 -3.43
CA PHE B 258 26.42 -1.28 -2.74
C PHE B 258 25.23 -0.34 -2.72
N ASN B 259 24.04 -0.90 -2.60
CA ASN B 259 22.86 -0.12 -2.29
C ASN B 259 23.14 0.59 -0.97
N PRO B 260 23.00 1.93 -0.95
CA PRO B 260 23.29 2.76 0.21
C PRO B 260 22.50 2.35 1.44
N GLY B 261 21.42 1.59 1.23
CA GLY B 261 20.65 1.05 2.35
C GLY B 261 21.52 0.25 3.30
N GLN B 262 22.70 -0.10 2.81
CA GLN B 262 23.68 -0.85 3.58
C GLN B 262 24.01 -0.19 4.93
N GLN B 263 23.83 1.12 4.99
CA GLN B 263 24.14 1.89 6.19
C GLN B 263 23.31 1.49 7.40
N PHE B 264 22.08 1.05 7.16
CA PHE B 264 21.12 0.88 8.25
C PHE B 264 20.93 -0.56 8.70
N ILE B 265 21.65 -1.48 8.06
CA ILE B 265 21.57 -2.89 8.40
C ILE B 265 21.91 -3.14 9.87
N LEU B 266 22.97 -2.50 10.35
CA LEU B 266 23.44 -2.71 11.72
C LEU B 266 22.50 -2.10 12.76
N TYR B 267 21.59 -1.23 12.33
CA TYR B 267 20.60 -0.67 13.24
C TYR B 267 19.83 -1.80 13.92
N ASP B 268 19.69 -2.91 13.21
CA ASP B 268 18.98 -4.06 13.73
C ASP B 268 19.66 -4.57 15.01
N ALA B 269 20.97 -4.68 14.98
CA ALA B 269 21.73 -5.13 16.14
C ALA B 269 21.50 -4.17 17.31
N ILE B 270 21.41 -2.87 17.01
CA ILE B 270 21.14 -1.86 18.02
C ILE B 270 19.76 -2.07 18.66
N TYR B 271 18.76 -2.34 17.83
CA TYR B 271 17.41 -2.58 18.34
C TYR B 271 17.33 -3.84 19.20
N LYS B 272 18.21 -4.79 18.94
CA LYS B 272 18.18 -6.08 19.64
C LYS B 272 19.05 -6.17 20.90
N ARG B 273 19.75 -5.09 21.23
CA ARG B 273 20.62 -5.05 22.41
C ARG B 273 19.81 -5.08 23.70
N ARG B 274 20.11 -6.03 24.58
CA ARG B 274 19.47 -6.09 25.90
C ARG B 274 20.19 -5.19 26.89
N PRO B 275 19.59 -4.99 28.06
CA PRO B 275 20.19 -4.17 29.10
C PRO B 275 21.29 -4.91 29.85
N ASP B 276 21.51 -6.18 29.48
CA ASP B 276 22.50 -7.00 30.15
C ASP B 276 23.75 -7.20 29.29
N GLY B 277 23.83 -6.45 28.20
CA GLY B 277 25.01 -6.48 27.33
C GLY B 277 24.92 -7.48 26.19
N GLN B 278 23.92 -8.37 26.26
CA GLN B 278 23.76 -9.39 25.22
C GLN B 278 22.76 -8.96 24.14
N ILE B 279 22.65 -9.77 23.09
CA ILE B 279 21.76 -9.48 21.97
C ILE B 279 20.63 -10.48 21.93
N LEU B 280 19.48 -10.05 21.43
CA LEU B 280 18.34 -10.95 21.25
C LEU B 280 18.79 -12.08 20.33
N ALA B 281 18.28 -13.29 20.57
CA ALA B 281 18.68 -14.45 19.78
C ALA B 281 18.14 -14.39 18.35
N GLY B 282 18.63 -15.29 17.51
CA GLY B 282 18.21 -15.35 16.11
C GLY B 282 19.25 -16.06 15.27
N GLY B 283 18.84 -17.16 14.63
CA GLY B 283 19.76 -17.97 13.85
C GLY B 283 20.80 -18.64 14.74
N ASP B 284 21.89 -19.11 14.13
CA ASP B 284 22.94 -19.79 14.88
C ASP B 284 23.60 -18.86 15.90
N VAL B 285 23.35 -19.12 17.17
CA VAL B 285 23.93 -18.32 18.25
C VAL B 285 24.19 -19.15 19.51
N ASP B 286 25.19 -18.75 20.27
CA ASP B 286 25.44 -19.30 21.59
C ASP B 286 25.18 -18.21 22.62
N TYR B 287 25.31 -18.56 23.90
CA TYR B 287 24.98 -17.61 24.95
C TYR B 287 26.06 -17.48 26.01
N SER B 288 26.18 -16.28 26.56
CA SER B 288 27.11 -16.00 27.64
C SER B 288 26.56 -14.86 28.48
N ARG B 289 27.01 -14.76 29.72
CA ARG B 289 26.65 -13.64 30.57
C ARG B 289 27.89 -13.01 31.17
N LYS B 290 29.06 -13.35 30.62
CA LYS B 290 30.33 -12.91 31.18
C LYS B 290 30.85 -11.61 30.57
N LYS B 291 30.66 -11.43 29.26
CA LYS B 291 31.10 -10.21 28.59
C LYS B 291 30.05 -9.77 27.57
N PRO B 292 29.82 -8.45 27.47
CA PRO B 292 28.89 -7.91 26.50
C PRO B 292 29.22 -8.36 25.08
N LYS B 293 28.21 -8.37 24.21
CA LYS B 293 28.40 -8.73 22.81
C LYS B 293 28.64 -7.48 21.98
N TYR B 294 29.61 -7.53 21.07
CA TYR B 294 29.97 -6.36 20.27
C TYR B 294 30.03 -6.63 18.77
N TYR B 295 29.69 -5.62 17.98
CA TYR B 295 29.82 -5.67 16.53
C TYR B 295 30.84 -4.64 16.10
N THR B 296 32.04 -4.76 16.67
CA THR B 296 33.07 -3.76 16.56
C THR B 296 33.47 -3.43 15.12
N MET B 297 33.85 -4.44 14.36
CA MET B 297 34.35 -4.20 13.00
C MET B 297 33.26 -3.67 12.05
N PRO B 298 32.09 -4.31 12.05
CA PRO B 298 31.03 -3.75 11.20
C PRO B 298 30.70 -2.32 11.59
N ALA B 299 30.72 -2.04 12.90
CA ALA B 299 30.43 -0.70 13.38
C ALA B 299 31.50 0.29 12.94
N LEU B 300 32.75 -0.16 12.96
CA LEU B 300 33.86 0.66 12.49
C LEU B 300 33.71 1.01 11.01
N LEU B 301 33.62 -0.02 10.17
CA LEU B 301 33.60 0.19 8.72
C LEU B 301 32.34 0.90 8.23
N ALA B 302 31.17 0.48 8.72
CA ALA B 302 29.92 1.09 8.31
C ALA B 302 29.78 2.49 8.88
N GLY B 303 30.13 2.66 10.14
CA GLY B 303 30.02 3.95 10.80
C GLY B 303 30.95 4.99 10.19
N SER B 304 32.19 4.58 9.91
CA SER B 304 33.19 5.50 9.38
C SER B 304 33.01 5.80 7.89
N TYR B 305 32.45 4.86 7.14
CA TYR B 305 32.19 5.13 5.74
C TYR B 305 30.95 6.01 5.56
N TYR B 306 29.87 5.64 6.24
CA TYR B 306 28.60 6.34 6.06
C TYR B 306 28.44 7.53 7.00
N LYS B 307 29.46 7.76 7.82
CA LYS B 307 29.45 8.85 8.80
C LYS B 307 28.21 8.76 9.68
N ASP B 308 27.96 7.57 10.23
CA ASP B 308 26.81 7.34 11.07
C ASP B 308 27.20 7.35 12.54
N GLU B 309 26.62 8.27 13.30
CA GLU B 309 26.96 8.43 14.72
C GLU B 309 26.41 7.31 15.59
N TYR B 310 25.28 6.74 15.19
CA TYR B 310 24.69 5.63 15.94
C TYR B 310 25.59 4.41 15.87
N LEU B 311 26.15 4.14 14.70
CA LEU B 311 27.03 3.00 14.51
C LEU B 311 28.40 3.25 15.13
N ASN B 312 28.85 4.50 15.08
CA ASN B 312 30.13 4.83 15.69
C ASN B 312 30.05 4.66 17.21
N TYR B 313 28.90 5.00 17.77
CA TYR B 313 28.64 4.76 19.19
C TYR B 313 28.78 3.28 19.49
N GLU B 314 28.25 2.45 18.60
CA GLU B 314 28.36 1.01 18.73
C GLU B 314 29.83 0.58 18.76
N PHE B 315 30.63 1.10 17.82
CA PHE B 315 32.05 0.77 17.78
C PHE B 315 32.78 1.20 19.04
N LEU B 316 32.46 2.40 19.52
CA LEU B 316 33.19 2.98 20.64
C LEU B 316 32.96 2.26 21.97
N LYS B 317 31.94 1.42 22.04
CA LYS B 317 31.68 0.63 23.25
C LYS B 317 32.87 -0.28 23.54
N ASP B 318 33.47 -0.80 22.48
CA ASP B 318 34.68 -1.62 22.58
C ASP B 318 35.53 -1.42 21.33
N PRO B 319 36.29 -0.31 21.28
CA PRO B 319 37.08 0.07 20.10
C PRO B 319 38.34 -0.77 19.97
N ASN B 320 38.20 -2.09 19.95
CA ASN B 320 39.34 -2.98 19.95
C ASN B 320 39.21 -4.02 18.85
N VAL B 321 39.90 -3.79 17.74
CA VAL B 321 39.73 -4.70 16.61
C VAL B 321 40.68 -5.89 16.72
N GLU B 322 40.30 -6.99 16.09
CA GLU B 322 41.16 -8.14 15.99
C GLU B 322 42.48 -7.69 15.36
N PRO B 323 43.61 -8.23 15.85
CA PRO B 323 44.93 -7.82 15.39
C PRO B 323 45.05 -7.66 13.86
N HIS B 324 44.54 -8.64 13.11
CA HIS B 324 44.66 -8.62 11.66
C HIS B 324 43.88 -7.49 11.01
N CYS B 325 43.01 -6.84 11.78
CA CYS B 325 42.21 -5.73 11.25
C CYS B 325 42.70 -4.36 11.74
N LYS B 326 43.74 -4.34 12.56
CA LYS B 326 44.28 -3.10 13.12
C LYS B 326 44.72 -2.13 12.03
N LEU B 327 45.35 -2.65 10.98
CA LEU B 327 45.83 -1.80 9.89
C LEU B 327 44.69 -1.05 9.23
N PHE B 328 43.56 -1.73 9.05
CA PHE B 328 42.40 -1.15 8.39
C PHE B 328 41.70 -0.09 9.25
N GLU B 329 41.74 -0.25 10.57
CA GLU B 329 41.26 0.80 11.45
C GLU B 329 42.16 2.02 11.29
N PHE B 330 43.47 1.78 11.25
CA PHE B 330 44.42 2.87 11.10
C PHE B 330 44.23 3.59 9.78
N LEU B 331 43.94 2.83 8.74
CA LEU B 331 43.75 3.39 7.40
C LEU B 331 42.41 4.10 7.23
N TRP B 332 41.36 3.53 7.81
CA TRP B 332 39.99 3.90 7.44
C TRP B 332 39.15 4.57 8.52
N ARG B 333 39.48 4.37 9.79
CA ARG B 333 38.66 4.90 10.89
C ARG B 333 38.52 6.42 10.87
N ASP B 334 37.29 6.88 11.10
CA ASP B 334 37.00 8.31 11.23
C ASP B 334 36.99 8.68 12.71
N THR B 335 38.06 9.32 13.16
CA THR B 335 38.21 9.63 14.59
C THR B 335 37.56 10.93 15.00
N GLN B 336 36.97 11.63 14.04
CA GLN B 336 36.36 12.91 14.32
C GLN B 336 34.84 12.80 14.31
N LEU B 337 34.36 11.65 13.83
CA LEU B 337 32.95 11.36 13.78
C LEU B 337 32.34 11.36 15.18
N GLY B 338 31.15 11.92 15.32
CA GLY B 338 30.46 11.95 16.60
C GLY B 338 29.90 10.60 16.98
N SER B 339 29.06 10.58 18.03
CA SER B 339 28.59 9.34 18.61
C SER B 339 27.22 9.54 19.29
N ARG B 340 26.31 8.59 19.08
CA ARG B 340 24.94 8.71 19.58
C ARG B 340 24.40 7.47 20.29
N LYS B 341 23.88 7.65 21.51
CA LYS B 341 23.07 6.63 22.14
C LYS B 341 21.81 6.41 21.30
N PRO B 342 21.24 5.19 21.38
CA PRO B 342 20.05 4.86 20.60
C PRO B 342 18.75 5.38 21.22
N ASP B 343 18.85 6.05 22.35
CA ASP B 343 17.70 6.47 23.14
C ASP B 343 16.65 7.30 22.40
N ASP B 344 17.06 8.05 21.38
CA ASP B 344 16.12 8.92 20.67
C ASP B 344 15.50 8.24 19.46
N LEU B 345 15.87 6.97 19.25
CA LEU B 345 15.35 6.19 18.13
C LEU B 345 13.93 5.71 18.41
N PRO B 346 13.07 5.69 17.38
CA PRO B 346 11.71 5.20 17.52
C PRO B 346 11.69 3.80 18.11
N LEU B 347 10.65 3.47 18.87
CA LEU B 347 10.62 2.22 19.62
C LEU B 347 10.40 0.96 18.79
N SER B 348 9.90 1.11 17.56
CA SER B 348 9.72 -0.03 16.65
C SER B 348 10.38 0.22 15.31
N ARG B 349 10.88 -0.84 14.68
CA ARG B 349 11.48 -0.74 13.36
C ARG B 349 11.03 -1.92 12.50
N TYR B 350 10.68 -1.62 11.25
CA TYR B 350 10.19 -2.64 10.33
C TYR B 350 11.22 -2.98 9.25
N SER B 351 11.40 -4.26 9.00
CA SER B 351 12.26 -4.71 7.90
C SER B 351 11.42 -5.45 6.88
N GLY B 352 11.27 -4.87 5.70
CA GLY B 352 10.40 -5.43 4.67
C GLY B 352 10.97 -6.61 3.91
N SER B 353 10.51 -6.76 2.67
CA SER B 353 10.93 -7.83 1.77
C SER B 353 12.44 -7.84 1.59
N PRO B 354 13.04 -9.04 1.57
CA PRO B 354 12.38 -10.33 1.68
C PRO B 354 12.26 -10.85 3.12
N PHE B 355 12.31 -9.94 4.09
CA PHE B 355 12.26 -10.34 5.48
C PHE B 355 10.84 -10.34 6.06
N GLY B 356 10.30 -9.16 6.29
CA GLY B 356 9.00 -9.06 6.95
C GLY B 356 9.18 -9.23 8.45
N TRP B 357 10.04 -8.41 9.03
CA TRP B 357 10.35 -8.51 10.45
C TRP B 357 10.02 -7.23 11.19
N MET B 358 9.46 -7.38 12.38
CA MET B 358 9.21 -6.25 13.25
C MET B 358 9.94 -6.46 14.57
N ILE B 359 10.65 -5.44 15.00
CA ILE B 359 11.22 -5.42 16.34
C ILE B 359 10.56 -4.28 17.11
N ALA B 360 9.99 -4.57 18.27
CA ALA B 360 9.24 -3.58 19.03
C ALA B 360 9.72 -3.50 20.48
N ARG B 361 9.99 -2.28 20.95
CA ARG B 361 10.49 -2.07 22.29
C ARG B 361 9.59 -1.12 23.07
N THR B 362 9.74 -1.11 24.40
CA THR B 362 9.00 -0.16 25.23
C THR B 362 9.93 0.95 25.75
N GLY B 363 11.22 0.84 25.42
CA GLY B 363 12.21 1.81 25.85
C GLY B 363 13.60 1.40 25.40
N TRP B 364 14.62 1.99 26.02
CA TRP B 364 16.00 1.69 25.64
C TRP B 364 16.89 1.34 26.83
N GLY B 365 16.28 1.20 28.01
CA GLY B 365 17.04 0.90 29.22
C GLY B 365 16.75 -0.47 29.81
N PRO B 366 17.04 -0.64 31.11
CA PRO B 366 16.85 -1.91 31.80
C PRO B 366 15.40 -2.35 31.94
N GLU B 367 14.47 -1.42 31.78
CA GLU B 367 13.04 -1.71 31.91
C GLU B 367 12.36 -2.01 30.58
N SER B 368 13.11 -2.02 29.49
CA SER B 368 12.50 -2.17 28.17
C SER B 368 12.08 -3.60 27.85
N VAL B 369 10.87 -3.75 27.34
CA VAL B 369 10.46 -5.00 26.75
C VAL B 369 11.00 -5.02 25.34
N ILE B 370 11.44 -6.18 24.87
CA ILE B 370 11.93 -6.31 23.51
C ILE B 370 11.24 -7.48 22.83
N ALA B 371 10.40 -7.19 21.84
CA ALA B 371 9.61 -8.20 21.18
C ALA B 371 9.94 -8.30 19.70
N GLU B 372 10.18 -9.51 19.23
CA GLU B 372 10.45 -9.76 17.82
C GLU B 372 9.31 -10.58 17.19
N MET B 373 8.96 -10.21 15.97
CA MET B 373 7.90 -10.88 15.22
C MET B 373 8.37 -11.07 13.77
N LYS B 374 8.31 -12.30 13.27
CA LYS B 374 8.88 -12.59 11.95
C LYS B 374 7.93 -13.32 11.00
N VAL B 375 7.97 -12.92 9.74
CA VAL B 375 7.28 -13.66 8.68
C VAL B 375 8.30 -14.57 7.98
N ASN B 376 9.23 -13.96 7.27
CA ASN B 376 10.20 -14.70 6.45
C ASN B 376 9.64 -14.98 5.06
N GLU B 377 9.88 -14.08 4.11
CA GLU B 377 9.38 -14.31 2.75
C GLU B 377 10.28 -15.28 2.00
N TYR B 378 11.57 -15.26 2.32
CA TYR B 378 12.52 -16.19 1.76
C TYR B 378 13.45 -16.74 2.84
N SER B 379 14.02 -17.91 2.57
CA SER B 379 15.00 -18.51 3.44
C SER B 379 16.38 -18.43 2.78
N PHE B 380 17.39 -18.03 3.55
CA PHE B 380 18.75 -17.95 3.03
C PHE B 380 19.58 -19.16 3.47
N LEU B 381 18.98 -20.00 4.31
CA LEU B 381 19.64 -21.20 4.81
C LEU B 381 20.96 -20.87 5.52
N ASN B 382 21.92 -21.80 5.46
CA ASN B 382 23.15 -21.70 6.23
C ASN B 382 22.88 -21.47 7.72
N HIS B 383 23.19 -20.28 8.22
CA HIS B 383 23.00 -19.97 9.64
C HIS B 383 21.58 -19.55 10.00
N GLN B 384 20.75 -19.32 8.99
CA GLN B 384 19.35 -18.97 9.24
C GLN B 384 18.55 -20.21 9.65
N HIS B 385 17.50 -19.99 10.42
CA HIS B 385 16.66 -21.08 10.92
C HIS B 385 15.34 -21.12 10.16
N GLN B 386 14.69 -22.28 10.18
CA GLN B 386 13.38 -22.41 9.57
C GLN B 386 12.32 -21.95 10.56
N ASP B 387 12.28 -20.64 10.78
CA ASP B 387 11.50 -20.06 11.88
C ASP B 387 10.46 -19.05 11.42
N ALA B 388 9.93 -19.23 10.23
CA ALA B 388 8.88 -18.34 9.75
C ALA B 388 7.74 -18.29 10.74
N GLY B 389 7.23 -17.09 11.01
CA GLY B 389 6.13 -16.90 11.95
C GLY B 389 6.53 -16.83 13.42
N ALA B 390 7.81 -17.02 13.71
CA ALA B 390 8.28 -17.08 15.09
C ALA B 390 8.22 -15.75 15.82
N PHE B 391 7.86 -15.78 17.10
CA PHE B 391 7.99 -14.59 17.93
C PHE B 391 8.93 -14.85 19.11
N GLN B 392 9.51 -13.78 19.64
CA GLN B 392 10.45 -13.88 20.75
C GLN B 392 10.28 -12.66 21.64
N ILE B 393 10.20 -12.88 22.94
CA ILE B 393 10.02 -11.76 23.87
C ILE B 393 11.00 -11.78 25.01
N TYR B 394 11.61 -10.62 25.25
CA TYR B 394 12.55 -10.43 26.34
C TYR B 394 12.07 -9.31 27.23
N TYR B 395 12.05 -9.56 28.54
CA TYR B 395 11.79 -8.51 29.52
C TYR B 395 12.42 -8.91 30.84
N LYS B 396 13.41 -8.13 31.28
CA LYS B 396 14.18 -8.48 32.47
C LYS B 396 14.48 -9.97 32.44
N GLY B 397 14.99 -10.42 31.30
CA GLY B 397 15.28 -11.83 31.07
C GLY B 397 14.58 -12.33 29.82
N PRO B 398 15.07 -13.42 29.23
CA PRO B 398 14.42 -14.00 28.06
C PRO B 398 13.15 -14.73 28.47
N LEU B 399 12.01 -14.36 27.91
CA LEU B 399 10.73 -14.92 28.33
C LEU B 399 10.16 -15.91 27.32
N ALA B 400 9.70 -15.42 26.17
CA ALA B 400 9.37 -16.28 25.06
C ALA B 400 10.65 -16.43 24.27
N ILE B 401 11.22 -17.63 24.29
CA ILE B 401 12.59 -17.78 23.81
C ILE B 401 12.72 -18.46 22.45
N ASP B 402 13.87 -18.24 21.84
CA ASP B 402 14.28 -18.89 20.60
C ASP B 402 15.23 -20.00 21.05
N ALA B 403 14.72 -21.21 21.13
CA ALA B 403 15.36 -22.27 21.91
C ALA B 403 16.51 -23.00 21.22
N GLY B 404 17.22 -23.81 21.99
CA GLY B 404 18.38 -24.55 21.50
C GLY B 404 19.65 -23.73 21.57
N SER B 405 20.75 -24.34 21.18
CA SER B 405 22.03 -23.64 21.11
C SER B 405 22.85 -24.15 19.94
N TYR B 406 23.67 -23.27 19.38
CA TYR B 406 24.51 -23.60 18.24
C TYR B 406 25.51 -24.69 18.58
N THR B 407 26.22 -24.52 19.69
CA THR B 407 27.21 -25.51 20.12
C THR B 407 26.87 -26.03 21.52
N GLY B 408 27.55 -27.12 21.89
CA GLY B 408 27.29 -27.78 23.17
C GLY B 408 27.77 -29.22 23.10
N SER B 409 27.19 -30.07 23.95
CA SER B 409 27.59 -31.48 24.02
C SER B 409 27.29 -32.24 22.73
N SER B 410 26.32 -31.76 21.95
CA SER B 410 25.92 -32.44 20.74
C SER B 410 26.98 -32.32 19.65
N GLY B 411 27.66 -31.18 19.62
CA GLY B 411 28.69 -30.92 18.63
C GLY B 411 28.61 -29.50 18.11
N GLY B 412 29.04 -29.31 16.86
CA GLY B 412 28.98 -28.00 16.22
C GLY B 412 27.89 -27.90 15.16
N TYR B 413 28.22 -27.25 14.05
CA TYR B 413 27.28 -27.03 12.96
C TYR B 413 26.60 -28.32 12.50
N ASN B 414 27.37 -29.41 12.42
CA ASN B 414 26.88 -30.68 11.91
C ASN B 414 26.15 -31.56 12.93
N SER B 415 26.04 -31.09 14.17
CA SER B 415 25.45 -31.89 15.25
C SER B 415 24.01 -32.31 14.95
N PRO B 416 23.59 -33.45 15.50
CA PRO B 416 22.19 -33.86 15.39
C PRO B 416 21.25 -32.80 15.98
N HIS B 417 21.75 -32.03 16.96
CA HIS B 417 20.96 -30.99 17.60
C HIS B 417 20.60 -29.87 16.61
N ASN B 418 21.60 -29.41 15.87
CA ASN B 418 21.38 -28.40 14.84
C ASN B 418 20.42 -28.89 13.76
N LYS B 419 20.70 -30.08 13.24
CA LYS B 419 19.92 -30.66 12.14
C LYS B 419 18.49 -31.01 12.54
N ASN B 420 18.30 -31.42 13.79
CA ASN B 420 17.02 -32.00 14.21
C ASN B 420 16.18 -31.13 15.15
N PHE B 421 16.77 -30.07 15.69
CA PHE B 421 16.04 -29.20 16.60
C PHE B 421 16.35 -27.71 16.44
N PHE B 422 17.60 -27.34 16.70
CA PHE B 422 18.00 -25.93 16.75
C PHE B 422 17.56 -25.12 15.54
N LYS B 423 17.82 -25.65 14.35
CA LYS B 423 17.54 -24.93 13.11
C LYS B 423 16.10 -25.18 12.61
N ARG B 424 15.32 -25.89 13.41
CA ARG B 424 14.00 -26.34 12.96
C ARG B 424 12.85 -25.59 13.66
N THR B 425 11.67 -25.65 13.06
CA THR B 425 10.52 -24.90 13.57
C THR B 425 10.23 -25.18 15.04
N ILE B 426 10.36 -26.45 15.42
CA ILE B 426 9.99 -26.90 16.75
C ILE B 426 10.79 -26.21 17.85
N ALA B 427 11.91 -25.59 17.47
CA ALA B 427 12.75 -24.89 18.43
C ALA B 427 12.25 -23.47 18.66
N HIS B 428 11.25 -23.08 17.88
CA HIS B 428 10.77 -21.70 17.89
C HIS B 428 9.31 -21.58 18.29
N ASN B 429 8.90 -20.38 18.66
CA ASN B 429 7.51 -20.12 18.99
C ASN B 429 6.70 -19.93 17.71
N SER B 430 6.45 -21.04 17.02
CA SER B 430 5.72 -21.02 15.76
C SER B 430 4.68 -22.14 15.71
N LEU B 431 4.41 -22.66 14.53
CA LEU B 431 3.32 -23.62 14.34
C LEU B 431 3.78 -24.93 13.74
N LEU B 432 3.24 -26.03 14.24
CA LEU B 432 3.53 -27.35 13.68
C LEU B 432 2.26 -28.03 13.21
N ILE B 433 2.35 -28.66 12.05
CA ILE B 433 1.30 -29.54 11.56
C ILE B 433 1.96 -30.88 11.25
N TYR B 434 1.63 -31.91 12.02
CA TYR B 434 2.38 -33.16 11.95
C TYR B 434 1.86 -34.16 10.93
N ASP B 435 2.58 -34.26 9.81
CA ASP B 435 2.33 -35.29 8.83
C ASP B 435 3.33 -36.41 9.06
N PRO B 436 2.85 -37.56 9.56
CA PRO B 436 3.72 -38.65 10.01
C PRO B 436 4.54 -39.25 8.88
N LYS B 437 4.14 -38.98 7.64
CA LYS B 437 4.81 -39.57 6.48
C LYS B 437 5.66 -38.57 5.71
N GLU B 438 5.79 -37.37 6.25
CA GLU B 438 6.62 -36.34 5.63
C GLU B 438 8.10 -36.64 5.79
N THR B 439 8.86 -36.42 4.73
CA THR B 439 10.31 -36.56 4.79
C THR B 439 10.97 -35.19 4.77
N PHE B 440 12.15 -35.10 5.38
CA PHE B 440 12.92 -33.87 5.40
C PHE B 440 14.34 -34.16 4.92
N SER B 441 14.58 -33.94 3.64
CA SER B 441 15.87 -34.24 3.01
C SER B 441 16.97 -33.26 3.42
N SER B 442 18.06 -33.81 3.94
CA SER B 442 19.16 -33.00 4.46
C SER B 442 20.52 -33.45 3.92
N SER B 443 20.51 -34.06 2.75
CA SER B 443 21.74 -34.64 2.19
C SER B 443 22.82 -33.59 1.88
N GLY B 444 22.41 -32.36 1.63
CA GLY B 444 23.34 -31.30 1.26
C GLY B 444 23.83 -30.45 2.42
N TYR B 445 23.19 -30.62 3.58
CA TYR B 445 23.55 -29.86 4.77
C TYR B 445 24.95 -30.18 5.27
N GLY B 446 25.73 -29.15 5.57
CA GLY B 446 27.03 -29.33 6.18
C GLY B 446 28.13 -29.68 5.19
N GLY B 447 29.37 -29.66 5.66
CA GLY B 447 30.52 -29.99 4.83
C GLY B 447 31.03 -31.40 5.07
N SER B 448 30.61 -32.00 6.19
CA SER B 448 31.00 -33.36 6.52
C SER B 448 29.97 -34.01 7.44
N ASP B 449 30.16 -35.31 7.69
CA ASP B 449 29.22 -36.10 8.49
C ASP B 449 27.79 -35.87 8.02
N HIS B 450 27.56 -36.09 6.73
CA HIS B 450 26.26 -35.87 6.12
C HIS B 450 25.25 -36.94 6.49
N THR B 451 23.98 -36.56 6.49
CA THR B 451 22.88 -37.48 6.74
C THR B 451 21.79 -37.22 5.71
N ASP B 452 21.19 -38.29 5.19
CA ASP B 452 20.17 -38.17 4.15
C ASP B 452 18.91 -37.44 4.60
N PHE B 453 18.44 -37.76 5.79
CA PHE B 453 17.19 -37.20 6.28
C PHE B 453 17.30 -36.70 7.72
N ALA B 454 16.57 -35.64 8.03
CA ALA B 454 16.52 -35.10 9.38
C ALA B 454 15.18 -35.44 10.04
N ALA B 455 15.13 -35.31 11.36
CA ALA B 455 13.93 -35.65 12.12
C ALA B 455 12.68 -34.91 11.61
N ASN B 456 11.55 -35.61 11.66
CA ASN B 456 10.27 -35.00 11.38
C ASN B 456 9.79 -34.27 12.62
N ASP B 457 9.71 -32.94 12.53
CA ASP B 457 9.31 -32.14 13.68
C ASP B 457 7.93 -31.50 13.49
N GLY B 458 7.24 -31.91 12.43
CA GLY B 458 5.92 -31.35 12.10
C GLY B 458 6.03 -29.89 11.70
N GLY B 459 7.25 -29.45 11.40
CA GLY B 459 7.52 -28.05 11.11
C GLY B 459 7.70 -27.73 9.64
N GLN B 460 8.55 -26.75 9.38
CA GLN B 460 8.68 -26.17 8.04
C GLN B 460 9.69 -26.91 7.16
N ARG B 461 9.49 -26.82 5.85
CA ARG B 461 10.32 -27.52 4.88
C ARG B 461 11.81 -27.22 5.03
N LEU B 462 12.64 -28.13 4.52
CA LEU B 462 14.05 -27.85 4.30
C LEU B 462 14.23 -27.57 2.81
N PRO B 463 14.41 -26.29 2.44
CA PRO B 463 14.52 -25.87 1.04
C PRO B 463 15.86 -26.24 0.42
N GLY B 464 15.97 -26.06 -0.88
CA GLY B 464 17.22 -26.34 -1.59
C GLY B 464 17.40 -27.81 -1.87
N LYS B 465 18.54 -28.14 -2.49
CA LYS B 465 18.85 -29.52 -2.82
C LYS B 465 19.33 -30.25 -1.59
N GLY B 466 18.40 -30.78 -0.80
CA GLY B 466 18.73 -31.47 0.44
C GLY B 466 19.23 -30.51 1.51
N TRP B 467 18.53 -29.39 1.66
CA TRP B 467 18.82 -28.44 2.72
C TRP B 467 20.20 -27.78 2.56
N ILE B 468 20.43 -27.24 1.38
CA ILE B 468 21.70 -26.56 1.08
C ILE B 468 21.37 -25.28 0.30
N ALA B 469 22.06 -24.20 0.64
CA ALA B 469 21.77 -22.90 0.03
C ALA B 469 22.07 -22.89 -1.47
N PRO B 470 21.38 -22.02 -2.22
CA PRO B 470 21.62 -21.87 -3.65
C PRO B 470 22.91 -21.09 -3.86
N ARG B 471 23.39 -21.02 -5.10
CA ARG B 471 24.64 -20.35 -5.37
C ARG B 471 24.47 -18.83 -5.36
N ASP B 472 23.44 -18.35 -6.02
CA ASP B 472 23.21 -16.92 -6.13
C ASP B 472 21.73 -16.59 -6.15
N LEU B 473 21.41 -15.30 -6.25
CA LEU B 473 20.02 -14.85 -6.28
C LEU B 473 19.27 -15.49 -7.43
N LYS B 474 19.95 -15.62 -8.57
CA LYS B 474 19.39 -16.23 -9.76
C LYS B 474 18.79 -17.60 -9.43
N GLU B 475 19.63 -18.47 -8.88
CA GLU B 475 19.20 -19.81 -8.51
C GLU B 475 18.16 -19.75 -7.38
N MET B 476 18.35 -18.81 -6.46
CA MET B 476 17.47 -18.69 -5.32
C MET B 476 16.02 -18.40 -5.73
N LEU B 477 15.85 -17.43 -6.62
CA LEU B 477 14.51 -17.03 -7.03
C LEU B 477 13.82 -18.10 -7.85
N ALA B 478 14.61 -18.94 -8.50
CA ALA B 478 14.09 -19.99 -9.36
C ALA B 478 13.87 -21.29 -8.58
N GLY B 479 14.17 -21.27 -7.28
CA GLY B 479 14.06 -22.49 -6.48
C GLY B 479 12.83 -22.53 -5.60
N ASP B 480 12.95 -23.23 -4.47
CA ASP B 480 11.86 -23.35 -3.52
C ASP B 480 12.21 -22.67 -2.20
N PHE B 481 12.75 -21.46 -2.29
CA PHE B 481 13.22 -20.75 -1.10
C PHE B 481 12.21 -19.72 -0.60
N ARG B 482 11.16 -19.50 -1.37
CA ARG B 482 10.05 -18.67 -0.93
C ARG B 482 9.35 -19.39 0.23
N THR B 483 9.23 -18.72 1.37
CA THR B 483 8.61 -19.34 2.54
C THR B 483 7.45 -18.53 3.09
N GLY B 484 7.23 -17.34 2.53
CA GLY B 484 6.17 -16.49 3.05
C GLY B 484 5.81 -15.28 2.20
N LYS B 485 4.75 -14.60 2.61
CA LYS B 485 4.29 -13.41 1.94
C LYS B 485 3.77 -12.43 2.98
N ILE B 486 4.36 -11.25 3.02
CA ILE B 486 3.92 -10.19 3.92
C ILE B 486 2.56 -9.69 3.45
N LEU B 487 1.57 -9.78 4.33
CA LEU B 487 0.21 -9.40 3.97
C LEU B 487 -0.13 -8.00 4.43
N ALA B 488 0.32 -7.67 5.63
CA ALA B 488 0.09 -6.35 6.20
C ALA B 488 1.14 -6.06 7.29
N GLN B 489 1.31 -4.78 7.60
CA GLN B 489 2.27 -4.37 8.61
C GLN B 489 2.01 -2.93 8.98
N GLY B 490 2.53 -2.49 10.11
CA GLY B 490 2.40 -1.10 10.51
C GLY B 490 2.55 -0.88 12.00
N PHE B 491 2.91 0.34 12.36
CA PHE B 491 2.86 0.76 13.77
C PHE B 491 2.38 2.20 13.88
N GLY B 492 1.77 2.51 15.01
CA GLY B 492 1.28 3.86 15.26
C GLY B 492 0.52 3.92 16.56
N PRO B 493 -0.34 4.95 16.72
CA PRO B 493 -0.50 6.04 15.76
C PRO B 493 0.72 6.96 15.65
N ASP B 494 1.52 7.03 16.70
CA ASP B 494 2.75 7.84 16.69
C ASP B 494 3.93 7.00 16.21
N ASN B 495 4.74 7.60 15.34
CA ASN B 495 5.98 6.98 14.88
C ASN B 495 6.98 6.78 16.01
N GLN B 496 7.07 7.78 16.87
CA GLN B 496 8.07 7.76 17.92
C GLN B 496 7.80 6.71 18.98
N THR B 497 6.58 6.71 19.49
CA THR B 497 6.21 5.79 20.56
C THR B 497 4.87 5.12 20.27
N PRO B 498 4.85 4.21 19.28
CA PRO B 498 3.62 3.55 18.84
C PRO B 498 2.92 2.75 19.94
N ASP B 499 1.61 2.97 20.07
CA ASP B 499 0.79 2.17 20.98
C ASP B 499 0.75 0.71 20.56
N TYR B 500 0.81 0.48 19.25
CA TYR B 500 0.76 -0.88 18.71
C TYR B 500 1.81 -1.07 17.61
N THR B 501 2.19 -2.32 17.41
CA THR B 501 3.04 -2.70 16.28
C THR B 501 2.44 -3.96 15.66
N TYR B 502 2.13 -3.88 14.37
CA TYR B 502 1.34 -4.90 13.70
C TYR B 502 2.09 -5.57 12.56
N LEU B 503 1.95 -6.88 12.45
CA LEU B 503 2.56 -7.64 11.36
C LEU B 503 1.73 -8.87 11.02
N LYS B 504 1.48 -9.07 9.73
CA LYS B 504 0.75 -10.26 9.28
C LYS B 504 1.41 -10.88 8.07
N GLY B 505 1.56 -12.21 8.10
CA GLY B 505 2.13 -12.93 6.97
C GLY B 505 1.38 -14.21 6.67
N ASP B 506 1.41 -14.58 5.38
CA ASP B 506 0.97 -15.91 4.96
C ASP B 506 2.25 -16.72 4.79
N ILE B 507 2.41 -17.74 5.63
CA ILE B 507 3.63 -18.55 5.59
C ILE B 507 3.35 -19.98 5.11
N THR B 508 2.30 -20.12 4.30
CA THR B 508 1.93 -21.42 3.75
C THR B 508 3.11 -22.05 3.02
N ALA B 509 3.86 -21.24 2.29
CA ALA B 509 4.95 -21.74 1.44
C ALA B 509 6.12 -22.29 2.25
N ALA B 510 6.13 -22.04 3.56
CA ALA B 510 7.20 -22.52 4.42
C ALA B 510 7.01 -24.00 4.73
N TYR B 511 5.77 -24.47 4.59
CA TYR B 511 5.43 -25.86 4.89
C TYR B 511 5.20 -26.64 3.60
N SER B 512 5.06 -27.95 3.73
CA SER B 512 4.79 -28.80 2.58
C SER B 512 3.31 -28.71 2.20
N ALA B 513 2.87 -29.61 1.34
CA ALA B 513 1.47 -29.63 0.90
C ALA B 513 0.56 -30.18 1.98
N LYS B 514 1.14 -30.48 3.14
CA LYS B 514 0.36 -30.99 4.27
C LYS B 514 -0.62 -29.93 4.78
N VAL B 515 -0.39 -28.68 4.41
CA VAL B 515 -1.30 -27.58 4.73
C VAL B 515 -1.79 -26.88 3.45
N LYS B 516 -2.96 -26.25 3.55
CA LYS B 516 -3.50 -25.47 2.45
C LYS B 516 -3.28 -23.99 2.72
N GLU B 517 -3.26 -23.62 3.99
CA GLU B 517 -3.19 -22.23 4.39
C GLU B 517 -2.66 -22.08 5.81
N VAL B 518 -1.63 -21.27 5.99
CA VAL B 518 -1.08 -20.96 7.30
C VAL B 518 -0.83 -19.47 7.43
N LYS B 519 -1.64 -18.80 8.25
CA LYS B 519 -1.50 -17.36 8.43
C LYS B 519 -1.26 -17.01 9.90
N ARG B 520 -0.47 -15.97 10.12
CA ARG B 520 -0.20 -15.48 11.45
C ARG B 520 -0.24 -13.97 11.52
N SER B 521 -1.01 -13.44 12.47
CA SER B 521 -1.08 -12.01 12.70
C SER B 521 -0.54 -11.69 14.08
N PHE B 522 0.50 -10.86 14.13
CA PHE B 522 1.05 -10.42 15.41
C PHE B 522 0.54 -9.04 15.72
N LEU B 523 0.11 -8.81 16.95
CA LEU B 523 -0.14 -7.45 17.38
C LEU B 523 0.43 -7.16 18.75
N PHE B 524 1.59 -6.50 18.75
CA PHE B 524 2.28 -6.12 19.97
C PHE B 524 1.70 -4.82 20.49
N LEU B 525 1.48 -4.76 21.81
CA LEU B 525 0.94 -3.55 22.42
C LEU B 525 1.92 -2.95 23.43
N ASN B 526 2.35 -1.73 23.18
CA ASN B 526 3.04 -0.96 24.21
C ASN B 526 1.97 -0.32 25.10
N LEU B 527 1.75 -0.94 26.25
CA LEU B 527 0.61 -0.57 27.09
C LEU B 527 0.81 0.71 27.86
N LYS B 528 2.01 1.31 27.70
CA LYS B 528 2.37 2.56 28.40
C LYS B 528 1.94 2.50 29.86
N ASP B 529 2.47 1.54 30.60
CA ASP B 529 1.90 1.19 31.88
C ASP B 529 3.03 0.60 32.69
N ALA B 530 3.11 0.99 33.95
CA ALA B 530 4.13 0.44 34.81
C ALA B 530 3.80 -1.02 35.20
N LYS B 531 2.62 -1.24 35.74
CA LYS B 531 2.39 -2.58 36.20
C LYS B 531 2.64 -3.55 35.05
N VAL B 532 2.01 -3.31 33.91
CA VAL B 532 2.08 -4.22 32.77
C VAL B 532 2.52 -3.47 31.51
N PRO B 533 3.83 -3.38 31.29
CA PRO B 533 4.41 -2.61 30.20
C PRO B 533 3.96 -3.01 28.78
N ALA B 534 3.75 -4.30 28.55
CA ALA B 534 3.42 -4.75 27.20
C ALA B 534 2.57 -6.01 27.12
N ALA B 535 1.99 -6.23 25.94
CA ALA B 535 1.26 -7.45 25.64
C ALA B 535 1.44 -7.78 24.16
N MET B 536 1.34 -9.07 23.83
CA MET B 536 1.33 -9.47 22.43
C MET B 536 0.14 -10.37 22.12
N ILE B 537 -0.60 -10.03 21.09
CA ILE B 537 -1.70 -10.86 20.63
C ILE B 537 -1.30 -11.59 19.36
N VAL B 538 -1.53 -12.89 19.32
CA VAL B 538 -1.19 -13.69 18.15
C VAL B 538 -2.39 -14.47 17.65
N PHE B 539 -2.78 -14.20 16.40
CA PHE B 539 -3.95 -14.83 15.80
C PHE B 539 -3.53 -15.70 14.64
N ASP B 540 -3.83 -16.99 14.73
CA ASP B 540 -3.37 -17.94 13.71
C ASP B 540 -4.51 -18.66 13.01
N LYS B 541 -4.40 -18.77 11.69
CA LYS B 541 -5.29 -19.60 10.91
C LYS B 541 -4.48 -20.73 10.28
N VAL B 542 -4.88 -21.96 10.57
CA VAL B 542 -4.18 -23.12 10.02
C VAL B 542 -5.18 -24.09 9.39
N VAL B 543 -4.99 -24.36 8.11
CA VAL B 543 -5.82 -25.31 7.38
C VAL B 543 -4.96 -26.47 6.88
N ALA B 544 -5.16 -27.65 7.45
CA ALA B 544 -4.41 -28.83 7.04
C ALA B 544 -5.10 -29.53 5.87
N SER B 545 -4.31 -30.23 5.07
CA SER B 545 -4.85 -31.02 3.96
C SER B 545 -5.52 -32.29 4.47
N ASN B 546 -5.16 -32.68 5.69
CA ASN B 546 -5.76 -33.83 6.35
C ASN B 546 -6.10 -33.43 7.77
N PRO B 547 -7.40 -33.52 8.13
CA PRO B 547 -7.83 -33.15 9.47
C PRO B 547 -7.04 -33.88 10.56
N ASP B 548 -6.51 -35.05 10.22
CA ASP B 548 -5.81 -35.89 11.20
C ASP B 548 -4.37 -35.45 11.48
N PHE B 549 -3.86 -34.47 10.74
CA PHE B 549 -2.52 -33.94 11.01
C PHE B 549 -2.55 -33.07 12.26
N LYS B 550 -1.93 -33.55 13.33
CA LYS B 550 -1.99 -32.84 14.60
C LYS B 550 -1.37 -31.45 14.52
N LYS B 551 -2.11 -30.45 15.01
CA LYS B 551 -1.64 -29.06 15.03
C LYS B 551 -1.05 -28.70 16.40
N PHE B 552 0.04 -27.94 16.37
CA PHE B 552 0.70 -27.51 17.60
C PHE B 552 0.96 -26.01 17.54
N TRP B 553 0.72 -25.34 18.67
CA TRP B 553 1.09 -23.94 18.84
C TRP B 553 2.12 -23.92 19.95
N LEU B 554 3.31 -23.40 19.68
CA LEU B 554 4.43 -23.55 20.61
C LEU B 554 4.79 -22.28 21.39
N LEU B 555 5.14 -22.45 22.66
CA LEU B 555 5.66 -21.37 23.48
C LEU B 555 6.84 -21.87 24.33
N HIS B 556 8.04 -21.42 23.98
CA HIS B 556 9.27 -21.88 24.62
C HIS B 556 9.70 -21.01 25.79
N SER B 557 10.29 -21.63 26.81
CA SER B 557 10.81 -20.90 27.96
C SER B 557 12.01 -21.61 28.60
N ILE B 558 12.75 -20.88 29.43
CA ILE B 558 13.88 -21.44 30.14
C ILE B 558 13.40 -22.29 31.31
N GLU B 559 12.63 -21.68 32.20
CA GLU B 559 12.14 -22.38 33.39
C GLU B 559 10.76 -22.98 33.15
N GLN B 560 10.34 -23.87 34.06
CA GLN B 560 9.08 -24.60 33.89
C GLN B 560 7.87 -23.67 33.93
N PRO B 561 6.99 -23.77 32.92
CA PRO B 561 5.77 -22.97 32.91
C PRO B 561 4.72 -23.53 33.87
N GLU B 562 3.88 -22.64 34.39
CA GLU B 562 2.72 -23.04 35.17
C GLU B 562 1.47 -22.98 34.30
N ILE B 563 0.71 -24.07 34.27
CA ILE B 563 -0.53 -24.09 33.51
C ILE B 563 -1.73 -24.21 34.44
N LYS B 564 -2.60 -23.21 34.40
CA LYS B 564 -3.84 -23.22 35.17
C LYS B 564 -5.02 -22.93 34.27
N GLY B 565 -5.64 -23.97 33.73
CA GLY B 565 -6.72 -23.80 32.78
C GLY B 565 -6.20 -23.24 31.48
N ASN B 566 -6.69 -22.06 31.09
CA ASN B 566 -6.27 -21.43 29.83
C ASN B 566 -5.16 -20.41 30.02
N GLN B 567 -4.51 -20.49 31.17
CA GLN B 567 -3.63 -19.43 31.59
C GLN B 567 -2.24 -20.02 31.89
N ILE B 568 -1.25 -19.59 31.12
CA ILE B 568 0.11 -20.11 31.24
C ILE B 568 1.04 -19.05 31.79
N THR B 569 1.73 -19.37 32.89
CA THR B 569 2.64 -18.42 33.51
C THR B 569 4.09 -18.87 33.39
N ILE B 570 4.92 -17.99 32.85
CA ILE B 570 6.36 -18.23 32.72
C ILE B 570 7.12 -17.17 33.49
N LYS B 571 8.08 -17.59 34.30
CA LYS B 571 8.84 -16.66 35.11
C LYS B 571 10.35 -16.84 34.93
N ARG B 572 11.08 -15.75 35.08
CA ARG B 572 12.53 -15.80 35.21
C ARG B 572 12.87 -15.49 36.67
N THR B 573 13.64 -16.36 37.30
CA THR B 573 13.97 -16.20 38.72
C THR B 573 15.46 -16.38 38.97
N LYS B 574 16.24 -16.45 37.90
CA LYS B 574 17.66 -16.73 38.00
C LYS B 574 18.50 -15.71 37.26
N ASN B 575 19.78 -15.63 37.63
CA ASN B 575 20.76 -14.79 36.94
C ASN B 575 20.45 -13.30 36.99
N GLY B 576 19.65 -12.88 37.96
CA GLY B 576 19.27 -11.48 38.07
C GLY B 576 18.04 -11.13 37.26
N ASP B 577 17.57 -12.10 36.47
CA ASP B 577 16.37 -11.94 35.66
C ASP B 577 15.11 -12.05 36.53
N SER B 578 14.15 -11.16 36.32
CA SER B 578 12.94 -11.15 37.14
C SER B 578 11.67 -10.91 36.34
N GLY B 579 11.75 -11.10 35.01
CA GLY B 579 10.60 -10.88 34.15
C GLY B 579 9.58 -12.00 34.24
N MET B 580 8.39 -11.74 33.72
CA MET B 580 7.31 -12.73 33.72
C MET B 580 6.45 -12.63 32.48
N LEU B 581 5.91 -13.77 32.05
CA LEU B 581 5.06 -13.85 30.89
C LEU B 581 3.80 -14.64 31.24
N VAL B 582 2.64 -14.12 30.89
CA VAL B 582 1.38 -14.83 31.13
C VAL B 582 0.57 -14.86 29.86
N ASN B 583 0.32 -16.06 29.35
CA ASN B 583 -0.52 -16.19 28.18
C ASN B 583 -1.91 -16.72 28.45
N THR B 584 -2.90 -15.96 27.99
CA THR B 584 -4.27 -16.38 28.02
C THR B 584 -4.65 -17.00 26.68
N ALA B 585 -4.97 -18.29 26.70
CA ALA B 585 -5.43 -18.98 25.52
C ALA B 585 -6.91 -18.68 25.27
N LEU B 586 -7.22 -18.01 24.16
CA LEU B 586 -8.59 -17.67 23.82
C LEU B 586 -9.20 -18.63 22.78
N LEU B 587 -8.47 -18.90 21.71
CA LEU B 587 -8.89 -19.91 20.74
C LEU B 587 -7.77 -20.91 20.51
N PRO B 588 -8.13 -22.20 20.33
CA PRO B 588 -9.49 -22.71 20.40
C PRO B 588 -10.08 -22.45 21.78
N ASP B 589 -11.38 -22.68 21.94
CA ASP B 589 -12.03 -22.42 23.22
C ASP B 589 -11.75 -23.56 24.20
N ALA B 590 -12.21 -23.40 25.44
CA ALA B 590 -11.94 -24.38 26.48
C ALA B 590 -12.34 -25.80 26.06
N ALA B 591 -13.46 -25.94 25.37
CA ALA B 591 -13.98 -27.25 25.02
C ALA B 591 -13.21 -27.94 23.89
N ASN B 592 -12.27 -27.21 23.29
CA ASN B 592 -11.49 -27.75 22.18
C ASN B 592 -9.99 -27.48 22.34
N SER B 593 -9.56 -27.25 23.58
CA SER B 593 -8.18 -26.87 23.84
C SER B 593 -7.43 -27.82 24.76
N ASN B 594 -6.27 -28.29 24.31
CA ASN B 594 -5.36 -29.05 25.15
C ASN B 594 -4.05 -28.30 25.33
N ILE B 595 -3.71 -27.98 26.57
CA ILE B 595 -2.49 -27.23 26.86
C ILE B 595 -1.57 -28.05 27.75
N THR B 596 -0.43 -28.48 27.20
CA THR B 596 0.54 -29.25 27.97
C THR B 596 1.95 -28.70 27.85
N SER B 597 2.80 -29.07 28.80
CA SER B 597 4.20 -28.65 28.78
C SER B 597 5.12 -29.86 28.69
N ILE B 598 6.12 -29.79 27.83
CA ILE B 598 7.15 -30.80 27.76
C ILE B 598 8.46 -30.14 28.16
N GLY B 599 9.27 -30.80 28.99
CA GLY B 599 10.59 -30.26 29.31
C GLY B 599 11.31 -30.91 30.47
N GLY B 600 12.37 -30.25 30.94
CA GLY B 600 13.24 -30.82 31.96
C GLY B 600 14.25 -31.73 31.29
N LYS B 601 15.09 -32.37 32.09
CA LYS B 601 16.13 -33.24 31.55
C LYS B 601 15.55 -34.42 30.77
N GLY B 602 15.98 -34.56 29.52
CA GLY B 602 15.50 -35.63 28.66
C GLY B 602 14.39 -35.17 27.73
N LYS B 603 13.88 -33.97 27.98
CA LYS B 603 12.76 -33.45 27.18
C LYS B 603 12.97 -32.00 26.80
N ASP B 604 14.14 -31.45 27.13
CA ASP B 604 14.43 -30.05 26.81
C ASP B 604 14.51 -29.82 25.29
N PHE B 605 14.92 -30.85 24.56
CA PHE B 605 14.96 -30.75 23.10
C PHE B 605 14.19 -31.90 22.45
N TRP B 606 12.96 -32.12 22.93
CA TRP B 606 12.16 -33.26 22.53
C TRP B 606 11.52 -33.11 21.15
N VAL B 607 11.66 -34.15 20.33
CA VAL B 607 11.13 -34.13 18.98
C VAL B 607 10.42 -35.44 18.63
N PHE B 608 9.11 -35.48 18.90
CA PHE B 608 8.30 -36.64 18.58
C PHE B 608 9.05 -37.97 18.70
N GLY B 609 9.49 -38.28 19.92
CA GLY B 609 10.17 -39.55 20.18
C GLY B 609 11.55 -39.41 20.78
N THR B 610 12.35 -38.50 20.22
CA THR B 610 13.76 -38.40 20.59
C THR B 610 14.14 -37.02 21.11
N ASN B 611 15.00 -36.99 22.13
CA ASN B 611 15.53 -35.75 22.67
C ASN B 611 16.94 -35.49 22.15
N TYR B 612 17.12 -34.36 21.46
CA TYR B 612 18.42 -34.04 20.88
C TYR B 612 19.29 -33.24 21.84
N THR B 613 19.84 -33.97 22.81
CA THR B 613 20.61 -33.39 23.90
C THR B 613 21.72 -32.45 23.42
N ASN B 614 21.77 -31.28 24.01
CA ASN B 614 22.83 -30.32 23.75
C ASN B 614 23.13 -29.53 25.00
N ASP B 615 23.89 -30.15 25.90
CA ASP B 615 24.25 -29.50 27.17
C ASP B 615 25.35 -28.47 26.93
N PRO B 616 25.33 -27.39 27.72
CA PRO B 616 26.28 -26.29 27.54
C PRO B 616 27.71 -26.74 27.72
N LYS B 617 28.62 -26.12 26.98
CA LYS B 617 30.04 -26.36 27.20
C LYS B 617 30.45 -25.59 28.45
N PRO B 618 31.49 -26.08 29.15
CA PRO B 618 31.95 -25.53 30.42
C PRO B 618 32.03 -24.00 30.45
N GLY B 619 31.37 -23.41 31.44
CA GLY B 619 31.44 -21.97 31.66
C GLY B 619 30.77 -21.16 30.55
N THR B 620 29.83 -21.80 29.85
CA THR B 620 29.07 -21.12 28.82
C THR B 620 27.58 -21.17 29.14
N ASP B 621 26.83 -20.20 28.63
CA ASP B 621 25.38 -20.16 28.81
C ASP B 621 25.01 -20.37 30.28
N GLU B 622 25.48 -19.49 31.16
CA GLU B 622 25.17 -19.62 32.57
C GLU B 622 23.69 -19.41 32.91
N ALA B 623 22.94 -18.82 31.99
CA ALA B 623 21.52 -18.58 32.19
C ALA B 623 20.66 -19.66 31.51
N LEU B 624 21.32 -20.64 30.92
CA LEU B 624 20.64 -21.72 30.20
C LEU B 624 19.59 -21.18 29.22
N GLU B 625 19.99 -20.19 28.43
CA GLU B 625 19.07 -19.56 27.49
C GLU B 625 18.76 -20.49 26.32
N ARG B 626 19.45 -21.62 26.27
CA ARG B 626 19.13 -22.66 25.30
C ARG B 626 17.73 -23.20 25.60
N GLY B 627 17.31 -23.04 26.85
CA GLY B 627 15.95 -23.39 27.25
C GLY B 627 15.81 -24.80 27.79
N GLU B 628 14.68 -25.08 28.41
CA GLU B 628 14.43 -26.40 28.99
C GLU B 628 12.98 -26.83 28.82
N TRP B 629 12.10 -25.86 28.57
CA TRP B 629 10.67 -26.13 28.52
C TRP B 629 9.97 -25.52 27.32
N ARG B 630 8.83 -26.11 26.98
CA ARG B 630 7.90 -25.51 26.02
C ARG B 630 6.48 -25.96 26.33
N VAL B 631 5.53 -25.10 26.01
CA VAL B 631 4.12 -25.44 26.14
C VAL B 631 3.57 -25.76 24.75
N GLU B 632 2.72 -26.77 24.68
CA GLU B 632 2.07 -27.13 23.43
C GLU B 632 0.55 -26.97 23.56
N ILE B 633 -0.04 -26.19 22.67
CA ILE B 633 -1.50 -26.07 22.61
C ILE B 633 -2.02 -26.77 21.36
N THR B 634 -2.92 -27.72 21.55
CA THR B 634 -3.43 -28.52 20.44
C THR B 634 -4.96 -28.67 20.54
N PRO B 635 -5.64 -28.71 19.38
CA PRO B 635 -7.09 -28.89 19.41
C PRO B 635 -7.45 -30.27 19.97
N LYS B 636 -8.61 -30.35 20.64
CA LYS B 636 -9.10 -31.63 21.12
C LYS B 636 -9.67 -32.45 19.97
N LYS B 637 -10.23 -31.75 18.98
CA LYS B 637 -10.90 -32.40 17.86
C LYS B 637 -10.10 -32.31 16.57
N ALA B 638 -10.07 -33.40 15.82
CA ALA B 638 -9.41 -33.40 14.53
C ALA B 638 -10.28 -32.65 13.51
N ALA B 639 -9.73 -31.59 12.94
CA ALA B 639 -10.43 -30.82 11.93
C ALA B 639 -9.39 -30.24 10.98
N ALA B 640 -9.81 -29.92 9.76
CA ALA B 640 -8.90 -29.36 8.77
C ALA B 640 -8.55 -27.92 9.12
N GLU B 641 -9.57 -27.11 9.37
CA GLU B 641 -9.39 -25.69 9.66
C GLU B 641 -9.45 -25.44 11.16
N ASP B 642 -8.43 -24.75 11.68
CA ASP B 642 -8.37 -24.39 13.09
C ASP B 642 -7.84 -22.97 13.25
N TYR B 643 -8.12 -22.35 14.39
CA TYR B 643 -7.62 -21.01 14.67
C TYR B 643 -6.99 -20.95 16.06
N TYR B 644 -5.85 -20.27 16.17
CA TYR B 644 -5.27 -20.01 17.47
C TYR B 644 -5.41 -18.53 17.80
N LEU B 645 -5.80 -18.24 19.03
CA LEU B 645 -5.82 -16.87 19.52
C LEU B 645 -5.22 -16.83 20.92
N ASN B 646 -4.09 -16.16 21.05
CA ASN B 646 -3.35 -16.14 22.31
C ASN B 646 -2.94 -14.73 22.70
N VAL B 647 -3.13 -14.41 23.98
CA VAL B 647 -2.84 -13.08 24.48
C VAL B 647 -1.79 -13.11 25.58
N ILE B 648 -0.61 -12.62 25.24
CA ILE B 648 0.52 -12.64 26.15
C ILE B 648 0.69 -11.30 26.85
N GLN B 649 0.76 -11.32 28.18
CA GLN B 649 1.04 -10.11 28.95
C GLN B 649 2.44 -10.23 29.55
N ILE B 650 3.08 -9.07 29.77
CA ILE B 650 4.46 -9.04 30.24
C ILE B 650 4.60 -8.09 31.41
N ALA B 651 5.24 -8.56 32.47
CA ALA B 651 5.41 -7.77 33.70
C ALA B 651 6.49 -8.36 34.59
N ASP B 652 6.76 -7.69 35.71
CA ASP B 652 7.69 -8.21 36.71
C ASP B 652 7.11 -9.47 37.30
N ASN B 653 7.96 -10.38 37.76
CA ASN B 653 7.49 -11.67 38.29
C ASN B 653 6.79 -11.55 39.65
N THR B 654 6.87 -10.36 40.25
CA THR B 654 6.20 -10.10 41.51
C THR B 654 4.79 -9.58 41.30
N GLN B 655 4.39 -9.46 40.04
CA GLN B 655 3.08 -8.92 39.72
C GLN B 655 1.97 -9.95 39.94
N GLN B 656 0.98 -9.57 40.75
CA GLN B 656 -0.11 -10.47 41.09
C GLN B 656 -1.32 -10.22 40.19
N LYS B 657 -1.62 -8.95 39.94
CA LYS B 657 -2.79 -8.63 39.13
C LYS B 657 -2.46 -8.10 37.74
N LEU B 658 -2.67 -8.97 36.74
CA LEU B 658 -2.54 -8.56 35.35
C LEU B 658 -3.92 -8.13 34.87
N HIS B 659 -3.98 -7.71 33.62
CA HIS B 659 -5.24 -7.33 33.02
C HIS B 659 -6.07 -8.57 32.72
N GLU B 660 -7.37 -8.50 32.97
CA GLU B 660 -8.23 -9.60 32.58
C GLU B 660 -8.48 -9.51 31.07
N VAL B 661 -8.50 -10.66 30.40
CA VAL B 661 -8.65 -10.70 28.96
C VAL B 661 -10.04 -11.19 28.60
N LYS B 662 -10.64 -10.58 27.58
CA LYS B 662 -11.93 -11.03 27.07
C LYS B 662 -11.79 -11.29 25.57
N ARG B 663 -12.30 -12.43 25.10
CA ARG B 663 -12.39 -12.62 23.66
C ARG B 663 -13.61 -11.87 23.15
N ILE B 664 -13.43 -11.12 22.07
CA ILE B 664 -14.53 -10.37 21.49
C ILE B 664 -15.13 -11.12 20.30
N ASP B 665 -16.39 -11.51 20.43
CA ASP B 665 -17.10 -12.19 19.35
C ASP B 665 -18.11 -11.27 18.70
N GLY B 666 -17.81 -10.86 17.47
CA GLY B 666 -18.68 -9.94 16.77
C GLY B 666 -19.18 -10.46 15.43
N ASP B 667 -19.48 -9.52 14.55
CA ASP B 667 -19.99 -9.84 13.22
C ASP B 667 -18.82 -9.87 12.24
N LYS B 668 -18.45 -11.07 11.82
CA LYS B 668 -17.36 -11.26 10.86
C LYS B 668 -15.99 -11.04 11.50
N VAL B 669 -15.97 -10.70 12.78
CA VAL B 669 -14.70 -10.47 13.47
C VAL B 669 -14.57 -11.23 14.78
N VAL B 670 -13.33 -11.52 15.13
CA VAL B 670 -12.97 -12.00 16.46
C VAL B 670 -11.93 -11.03 16.99
N GLY B 671 -11.93 -10.79 18.30
CA GLY B 671 -11.03 -9.81 18.86
C GLY B 671 -10.61 -10.00 20.30
N VAL B 672 -9.85 -9.04 20.81
CA VAL B 672 -9.33 -9.09 22.17
C VAL B 672 -9.57 -7.75 22.85
N GLN B 673 -9.93 -7.80 24.13
CA GLN B 673 -10.01 -6.59 24.93
C GLN B 673 -9.26 -6.76 26.25
N LEU B 674 -8.23 -5.95 26.46
CA LEU B 674 -7.53 -5.92 27.73
C LEU B 674 -7.01 -4.50 27.98
N ALA B 675 -6.87 -4.12 29.24
CA ALA B 675 -6.49 -2.76 29.56
C ALA B 675 -7.40 -1.80 28.82
N ASP B 676 -6.81 -0.80 28.17
CA ASP B 676 -7.59 0.17 27.42
C ASP B 676 -7.46 -0.07 25.91
N ARG B 677 -7.26 -1.32 25.51
CA ARG B 677 -7.03 -1.64 24.10
C ARG B 677 -8.02 -2.65 23.53
N ILE B 678 -8.42 -2.43 22.29
CA ILE B 678 -9.30 -3.34 21.56
C ILE B 678 -8.66 -3.73 20.25
N VAL B 679 -8.57 -5.02 19.97
CA VAL B 679 -7.99 -5.47 18.70
C VAL B 679 -8.86 -6.53 18.03
N THR B 680 -9.17 -6.33 16.75
CA THR B 680 -10.00 -7.28 16.02
C THR B 680 -9.33 -7.82 14.77
N PHE B 681 -9.64 -9.07 14.44
CA PHE B 681 -9.20 -9.71 13.22
C PHE B 681 -10.42 -10.28 12.52
N SER B 682 -10.34 -10.48 11.21
CA SER B 682 -11.39 -11.18 10.49
C SER B 682 -11.50 -12.60 11.03
N LYS B 683 -12.73 -13.05 11.27
CA LYS B 683 -12.98 -14.39 11.81
C LYS B 683 -12.30 -15.47 10.98
N THR B 684 -12.24 -15.28 9.67
CA THR B 684 -11.60 -16.24 8.78
C THR B 684 -10.22 -15.74 8.34
N SER B 685 -9.83 -14.59 8.86
CA SER B 685 -8.53 -14.00 8.54
C SER B 685 -8.42 -13.62 7.07
N GLU B 686 -9.56 -13.26 6.48
CA GLU B 686 -9.62 -12.76 5.11
C GLU B 686 -9.96 -11.29 5.16
N THR B 687 -9.92 -10.63 4.00
CA THR B 687 -10.28 -9.22 3.92
C THR B 687 -11.76 -9.01 4.19
N VAL B 688 -12.07 -8.17 5.17
CA VAL B 688 -13.45 -7.79 5.45
C VAL B 688 -13.87 -6.68 4.49
N ASP B 689 -14.78 -7.02 3.58
CA ASP B 689 -15.20 -6.09 2.55
C ASP B 689 -16.69 -5.80 2.67
N ARG B 690 -17.23 -6.05 3.86
CA ARG B 690 -18.64 -5.84 4.13
C ARG B 690 -18.78 -5.22 5.51
N PRO B 691 -19.96 -4.65 5.82
CA PRO B 691 -20.24 -4.15 7.15
C PRO B 691 -20.07 -5.23 8.22
N PHE B 692 -19.58 -4.81 9.38
CA PHE B 692 -19.43 -5.70 10.53
C PHE B 692 -19.55 -4.88 11.81
N GLY B 693 -19.52 -5.56 12.95
CA GLY B 693 -19.60 -4.87 14.24
C GLY B 693 -19.44 -5.78 15.43
N PHE B 694 -19.32 -5.19 16.61
CA PHE B 694 -19.16 -5.93 17.85
C PHE B 694 -19.49 -5.01 19.02
N SER B 695 -19.46 -5.56 20.23
CA SER B 695 -19.79 -4.78 21.42
C SER B 695 -18.59 -4.63 22.34
N VAL B 696 -18.50 -3.47 23.00
CA VAL B 696 -17.47 -3.23 23.99
C VAL B 696 -18.12 -2.91 25.33
N VAL B 697 -17.66 -3.57 26.38
CA VAL B 697 -18.15 -3.30 27.73
C VAL B 697 -16.98 -2.98 28.64
N GLY B 698 -17.07 -1.84 29.32
CA GLY B 698 -15.99 -1.40 30.21
C GLY B 698 -15.88 0.12 30.22
N LYS B 699 -15.45 0.66 31.36
CA LYS B 699 -15.42 2.11 31.56
C LYS B 699 -14.19 2.77 30.96
N GLY B 700 -14.27 4.09 30.79
CA GLY B 700 -13.15 4.86 30.29
C GLY B 700 -13.03 4.84 28.78
N THR B 701 -11.88 5.29 28.28
CA THR B 701 -11.63 5.34 26.85
C THR B 701 -10.74 4.18 26.41
N PHE B 702 -11.11 3.56 25.29
CA PHE B 702 -10.32 2.48 24.74
C PHE B 702 -9.68 2.90 23.43
N LYS B 703 -8.58 2.24 23.08
CA LYS B 703 -7.90 2.50 21.83
C LYS B 703 -8.11 1.32 20.90
N PHE B 704 -8.74 1.58 19.75
CA PHE B 704 -9.14 0.54 18.82
C PHE B 704 -8.14 0.33 17.67
N VAL B 705 -7.82 -0.92 17.39
CA VAL B 705 -7.11 -1.29 16.17
C VAL B 705 -7.88 -2.40 15.47
N MET B 706 -8.48 -2.08 14.31
CA MET B 706 -9.23 -3.07 13.55
C MET B 706 -8.42 -3.48 12.33
N THR B 707 -8.20 -4.77 12.15
CA THR B 707 -7.37 -5.26 11.06
C THR B 707 -8.15 -6.11 10.06
N ASP B 708 -7.50 -6.47 8.97
CA ASP B 708 -8.09 -7.30 7.91
C ASP B 708 -9.20 -6.55 7.17
N LEU B 709 -9.06 -5.24 7.04
CA LEU B 709 -10.11 -4.43 6.42
C LEU B 709 -9.77 -4.05 4.99
N LEU B 710 -10.79 -4.07 4.13
CA LEU B 710 -10.64 -3.62 2.76
C LEU B 710 -10.27 -2.13 2.75
N PRO B 711 -9.10 -1.79 2.19
CA PRO B 711 -8.67 -0.40 2.18
C PRO B 711 -9.72 0.51 1.52
N GLY B 712 -9.91 1.70 2.08
CA GLY B 712 -10.90 2.63 1.56
C GLY B 712 -11.57 3.39 2.69
N THR B 713 -12.75 3.95 2.43
CA THR B 713 -13.43 4.74 3.44
C THR B 713 -14.44 3.94 4.26
N TRP B 714 -14.23 3.92 5.58
CA TRP B 714 -15.13 3.23 6.50
C TRP B 714 -15.92 4.24 7.33
N GLN B 715 -17.11 3.84 7.76
CA GLN B 715 -17.89 4.68 8.65
C GLN B 715 -18.15 3.93 9.96
N VAL B 716 -18.00 4.63 11.07
CA VAL B 716 -18.12 4.00 12.36
C VAL B 716 -19.34 4.53 13.10
N LEU B 717 -20.24 3.61 13.46
CA LEU B 717 -21.39 3.96 14.27
C LEU B 717 -21.30 3.31 15.64
N LYS B 718 -21.80 4.01 16.66
CA LYS B 718 -21.86 3.45 18.00
C LYS B 718 -23.25 3.62 18.58
N ASP B 719 -23.82 2.53 19.08
CA ASP B 719 -25.16 2.57 19.66
C ASP B 719 -26.19 3.09 18.67
N GLY B 720 -25.94 2.85 17.38
CA GLY B 720 -26.90 3.21 16.33
C GLY B 720 -26.70 4.60 15.77
N LYS B 721 -25.69 5.31 16.28
CA LYS B 721 -25.43 6.67 15.84
C LYS B 721 -24.03 6.84 15.28
N ILE B 722 -23.87 7.82 14.40
CA ILE B 722 -22.58 8.03 13.77
C ILE B 722 -21.56 8.58 14.77
N LEU B 723 -20.43 7.91 14.85
CA LEU B 723 -19.35 8.33 15.73
C LEU B 723 -18.28 8.94 14.84
N TYR B 724 -17.88 8.19 13.83
CA TYR B 724 -16.92 8.67 12.85
C TYR B 724 -17.52 8.52 11.47
N PRO B 725 -17.94 9.65 10.88
CA PRO B 725 -18.60 9.67 9.57
C PRO B 725 -17.74 9.10 8.45
N ALA B 726 -16.42 9.24 8.58
CA ALA B 726 -15.50 8.72 7.58
C ALA B 726 -14.07 8.55 8.11
N LEU B 727 -13.61 7.31 8.16
CA LEU B 727 -12.21 7.00 8.45
C LEU B 727 -11.62 6.21 7.29
N SER B 728 -10.30 6.27 7.12
CA SER B 728 -9.65 5.59 6.01
C SER B 728 -8.77 4.42 6.46
N ALA B 729 -9.08 3.22 5.96
CA ALA B 729 -8.17 2.10 6.12
C ALA B 729 -7.20 2.10 4.95
N LYS B 730 -5.91 2.04 5.26
CA LYS B 730 -4.88 2.12 4.22
C LYS B 730 -4.37 0.75 3.80
N GLY B 731 -3.70 0.70 2.66
CA GLY B 731 -3.30 -0.56 2.05
C GLY B 731 -2.22 -1.33 2.77
N ASP B 732 -1.21 -0.62 3.29
CA ASP B 732 -0.10 -1.30 3.95
C ASP B 732 -0.52 -2.04 5.21
N ASP B 733 -1.48 -1.51 5.95
CA ASP B 733 -1.96 -2.18 7.16
C ASP B 733 -3.40 -2.66 7.06
N GLY B 734 -4.13 -2.16 6.08
CA GLY B 734 -5.56 -2.43 5.99
C GLY B 734 -6.20 -2.34 7.36
N ALA B 735 -5.99 -1.23 8.04
CA ALA B 735 -6.43 -1.11 9.43
C ALA B 735 -7.10 0.23 9.74
N LEU B 736 -7.90 0.24 10.79
CA LEU B 736 -8.49 1.47 11.32
C LEU B 736 -8.02 1.65 12.76
N TYR B 737 -7.67 2.89 13.11
CA TYR B 737 -7.37 3.21 14.50
C TYR B 737 -8.17 4.42 14.94
N PHE B 738 -8.77 4.34 16.13
CA PHE B 738 -9.52 5.44 16.68
C PHE B 738 -9.74 5.22 18.17
N GLU B 739 -10.22 6.25 18.84
CA GLU B 739 -10.56 6.14 20.25
C GLU B 739 -12.06 6.06 20.43
N GLY B 740 -12.50 5.45 21.52
CA GLY B 740 -13.93 5.29 21.77
C GLY B 740 -14.22 4.66 23.13
N THR B 741 -15.46 4.78 23.57
CA THR B 741 -15.88 4.20 24.84
C THR B 741 -16.81 3.02 24.62
N GLU B 742 -17.32 2.46 25.71
CA GLU B 742 -18.16 1.26 25.63
C GLU B 742 -19.43 1.49 24.80
N GLY B 743 -19.94 0.41 24.22
CA GLY B 743 -21.15 0.47 23.42
C GLY B 743 -21.15 -0.56 22.32
N THR B 744 -22.19 -0.54 21.49
CA THR B 744 -22.28 -1.43 20.35
C THR B 744 -21.79 -0.75 19.08
N TYR B 745 -20.74 -1.31 18.49
CA TYR B 745 -20.09 -0.70 17.32
C TYR B 745 -20.48 -1.34 16.00
N ARG B 746 -20.69 -0.50 15.00
CA ARG B 746 -20.97 -0.98 13.66
C ARG B 746 -20.03 -0.28 12.67
N PHE B 747 -19.57 -1.02 11.68
CA PHE B 747 -18.63 -0.50 10.71
C PHE B 747 -19.14 -0.67 9.28
N LEU B 748 -19.18 0.42 8.54
CA LEU B 748 -19.74 0.40 7.19
C LEU B 748 -18.68 0.67 6.12
N ARG B 749 -18.74 -0.09 5.03
CA ARG B 749 -17.74 0.00 3.96
C ARG B 749 -18.40 -0.05 2.59
C1 NAG C . -26.73 7.29 -27.39
C2 NAG C . -26.50 7.41 -25.90
C3 NAG C . -27.73 7.99 -25.23
C4 NAG C . -28.29 9.20 -25.97
C5 NAG C . -28.29 9.02 -27.49
C6 NAG C . -28.64 10.33 -28.20
C7 NAG C . -24.97 5.66 -25.14
C8 NAG C . -24.85 4.25 -24.61
N2 NAG C . -26.21 6.08 -25.38
O1 NAG C . -25.56 6.77 -28.00
O3 NAG C . -27.41 8.38 -23.91
O4 NAG C . -29.62 9.36 -25.54
O5 NAG C . -27.02 8.57 -27.91
O6 NAG C . -28.60 10.18 -29.60
O7 NAG C . -23.96 6.33 -25.34
C1 GCU C . -29.91 10.71 -25.13
C2 GCU C . -31.40 10.90 -25.41
C3 GCU C . -31.91 12.20 -24.79
C4 GCU C . -31.54 12.24 -23.32
C5 GCU C . -30.03 12.09 -23.22
C6 GCU C . -29.55 12.24 -21.79
O2 GCU C . -31.63 10.92 -26.79
O3 GCU C . -33.31 12.31 -24.97
O4 GCU C . -31.91 13.46 -22.75
O5 GCU C . -29.64 10.84 -23.74
O6A GCU C . -29.51 11.21 -21.07
O6B GCU C . -29.19 13.37 -21.40
C1 NAG C . -33.21 13.45 -22.15
C2 NAG C . -33.74 14.87 -22.10
C3 NAG C . -32.81 15.69 -21.21
C4 NAG C . -32.79 15.04 -19.82
C5 NAG C . -32.42 13.57 -19.91
C6 NAG C . -32.53 12.88 -18.54
C7 NAG C . -34.69 16.47 -23.70
C8 NAG C . -34.74 16.96 -25.11
N2 NAG C . -33.87 15.44 -23.43
O3 NAG C . -33.27 17.01 -21.10
O4 NAG C . -31.88 15.74 -19.01
O5 NAG C . -33.23 12.88 -20.85
O6 NAG C . -33.88 12.67 -18.18
O7 NAG C . -35.38 17.03 -22.84
C1 GCD C . -32.26 16.55 -17.87
C2 GCD C . -31.05 16.85 -17.00
C3 GCD C . -31.47 17.12 -15.57
C4 GCD C . -32.50 18.21 -15.63
C5 GCD C . -33.35 18.27 -16.65
C6 GCD C . -34.63 18.93 -16.44
O2 GCD C . -30.15 15.73 -17.02
O3 GCD C . -30.33 17.55 -14.79
O5 GCD C . -33.11 17.70 -17.94
O6A GCD C . -34.78 19.62 -15.40
O6B GCD C . -35.54 18.76 -17.28
C1 NAG D . 28.63 -25.82 5.37
C2 NAG D . 28.18 -24.42 5.78
C3 NAG D . 29.25 -23.76 6.63
C4 NAG D . 29.84 -24.70 7.69
C5 NAG D . 30.00 -26.14 7.20
C6 NAG D . 30.29 -27.09 8.36
C7 NAG D . 26.69 -23.55 4.07
C8 NAG D . 26.58 -22.75 2.81
N2 NAG D . 27.92 -23.67 4.58
O1 NAG D . 27.66 -26.43 4.54
O3 NAG D . 28.73 -22.62 7.26
O4 NAG D . 31.12 -24.21 8.01
O5 NAG D . 28.83 -26.57 6.54
O6 NAG D . 30.39 -28.42 7.87
O7 NAG D . 25.69 -24.04 4.59
C1 GCU D . 31.27 -23.96 9.42
C2 GCU D . 32.76 -24.18 9.71
C3 GCU D . 33.11 -23.80 11.14
C4 GCU D . 32.60 -22.38 11.40
C5 GCU D . 31.11 -22.32 11.09
C6 GCU D . 30.56 -20.95 11.41
O2 GCU D . 33.12 -25.53 9.46
O3 GCU D . 34.50 -23.86 11.33
O4 GCU D . 32.80 -22.04 12.74
O5 GCU D . 30.90 -22.64 9.73
O6A GCU D . 30.63 -20.07 10.52
O6B GCU D . 30.08 -20.75 12.55
C1 NAG D . 34.03 -21.33 12.90
C2 NAG D . 34.56 -21.58 14.31
C3 NAG D . 33.63 -20.91 15.31
C4 NAG D . 33.43 -19.45 14.96
C5 NAG D . 33.02 -19.29 13.50
C6 NAG D . 32.88 -17.82 13.10
C7 NAG D . 35.66 -23.81 14.42
C8 NAG D . 36.92 -23.25 13.81
N2 NAG D . 34.61 -23.00 14.62
O3 NAG D . 34.17 -21.03 16.62
O4 NAG D . 32.42 -18.90 15.79
O5 NAG D . 33.94 -19.94 12.67
O6 NAG D . 34.16 -17.22 13.00
O7 NAG D . 35.63 -25.01 14.70
C1 GCD D . 32.38 -17.89 16.79
C2 GCD D . 31.17 -17.01 17.06
C3 GCD D . 31.54 -15.53 16.95
C4 GCD D . 32.80 -15.33 17.75
C5 GCD D . 33.43 -16.38 18.29
C6 GCD D . 34.27 -16.13 19.45
O2 GCD D . 30.12 -17.33 16.14
O3 GCD D . 30.49 -14.71 17.48
O5 GCD D . 33.34 -17.73 17.85
O6A GCD D . 34.27 -14.98 19.95
O6B GCD D . 34.96 -17.07 19.89
ZN ZN E . -16.16 18.02 -18.58
C ACT F . -49.91 10.40 -18.15
O ACT F . -50.79 10.23 -19.04
OXT ACT F . -49.70 11.59 -17.80
CH3 ACT F . -49.17 9.26 -17.53
C ACT G . 7.67 24.51 -30.72
O ACT G . 6.43 24.58 -30.65
OXT ACT G . 8.25 23.99 -29.74
CH3 ACT G . 8.44 25.03 -31.90
C ACT H . 1.81 1.55 -15.28
O ACT H . 0.57 1.52 -15.53
OXT ACT H . 2.16 2.26 -14.33
CH3 ACT H . 2.79 0.75 -16.10
C ACT I . -30.75 16.08 -25.66
O ACT I . -31.87 16.44 -26.10
OXT ACT I . -30.33 16.68 -24.64
CH3 ACT I . -29.98 14.98 -26.32
ZN ZN J . 16.43 -20.23 16.22
C ACT K . 35.36 7.56 1.63
O ACT K . 36.48 6.99 1.71
OXT ACT K . 34.71 7.62 2.70
CH3 ACT K . 34.84 8.15 0.36
#